data_8QYD
#
_entry.id   8QYD
#
_cell.length_a   1.00
_cell.length_b   1.00
_cell.length_c   1.00
_cell.angle_alpha   90.00
_cell.angle_beta   90.00
_cell.angle_gamma   90.00
#
_symmetry.space_group_name_H-M   'P 1'
#
loop_
_entity.id
_entity.type
_entity.pdbx_description
1 polymer 'Anti-phage defense ZorAB system ZorA'
2 polymer 'Membrane protein'
3 non-polymer CARDIOLIPIN
4 non-polymer 'CALCIUM ION'
5 non-polymer 1,2-dioleoyl-sn-glycero-3-phosphoethanolamine
6 non-polymer 'PALMITIC ACID'
7 water water
#
loop_
_entity_poly.entity_id
_entity_poly.type
_entity_poly.pdbx_seq_one_letter_code
_entity_poly.pdbx_strand_id
1 'polypeptide(L)'
;MSWLNSILVTLTSVEPYKVPVTVIVTVTFAFVCFIFFYLLRSIRIIYGLKKYTRSINSIEKSAPEVQLEHLKSLFQRSEL
KHAWNEFEESLHSQYELENGEEKIVRIRATAPSASFFSEQQLVDIPLNTEFFKHLPGILTGMGIIGTFYGLMIGLNHFDP
STPEQVSSSVNNLLRDVLYAFLGSAFAIFASILVTWLEKLSIAKSYKYLEKFTAALDSLYDSGVGEEYLASLVKSSNESA
TQARHLKESLVTDLRDMLLHLAESQKIENERLANTLSATYRESGSQFADQVSGAIENSLKSPLDKIAGAVQTASGDQSGM
VQNMLQNVLTAFMAKLDTTFGQQFTNLNEMMGQTVGAIQTMQTGFSALLQDMRQVSDDSRQGSAQLIEQLLSEMKSGQQA
LQAGMNDMLTSLQVSVAKIGAEGEGAGERIARQLEKMFADSEAREKAQAEHMAAFVEAIQNSVQQGQSATMEKMAASVGA
LGEQLGSLFGQIDKGQQQISATQQANQQSLHEQTQRVMSEVDDQIKQLVETVASQHQGTTETLRLLAEQTNRQIQDMQAG
ADKMRLAAERFEHAGERVSEANHLTADVLNKAQSAGSSLSLATSELTSVVADYRNNREAVSKSIAMLELLAANTQSEQTT
RNQFIADLKQHGERLQSYNREAQVFMENVSDVLGKGFEDFSEGVSRSLDKTLGKLDVEMAKASNLLAGSVEQLGESVSEL
DDVLSRVRT
;
A,B,C,D,E
2 'polypeptide(L)'
;MFGNAFGVKKRRSDEAEKPFWISYADLMTAMMVLFLVVMVASLSSVTQRIQRAEQGEKARGQDISRLCERLELHARNVNK
NIVVDCHDNRISFGEAGRFAHNQFFLNAEGQKALQDVVPLVLEASNSEEGKKWFKQIVIEGFTDTDGSYLYNLHLSLQRS
EWVMCSLLDSRSPLQKNISAEQQLQIRKLFLAGGVSFNNAKESKEASRRVELRMQFFGLKDKRDKADEVDFPPVVNKEVC
QLVMPL
;
F,G
#
# COMPACT_ATOMS: atom_id res chain seq x y z
N MET A 1 -29.38 -6.08 -26.88
CA MET A 1 -29.27 -7.53 -26.75
C MET A 1 -30.31 -8.07 -25.78
N SER A 2 -31.00 -9.13 -26.20
CA SER A 2 -31.98 -9.76 -25.32
C SER A 2 -31.31 -10.41 -24.12
N TRP A 3 -30.14 -11.00 -24.32
CA TRP A 3 -29.45 -11.70 -23.23
C TRP A 3 -29.09 -10.75 -22.10
N LEU A 4 -28.51 -9.60 -22.44
CA LEU A 4 -28.05 -8.68 -21.40
C LEU A 4 -29.22 -8.02 -20.69
N ASN A 5 -30.28 -7.68 -21.43
CA ASN A 5 -31.46 -7.11 -20.81
C ASN A 5 -32.14 -8.12 -19.90
N SER A 6 -32.17 -9.39 -20.31
CA SER A 6 -32.69 -10.45 -19.44
C SER A 6 -31.84 -10.58 -18.18
N ILE A 7 -30.52 -10.47 -18.33
CA ILE A 7 -29.63 -10.53 -17.17
C ILE A 7 -29.94 -9.38 -16.21
N LEU A 8 -30.12 -8.18 -16.75
CA LEU A 8 -30.43 -7.03 -15.88
C LEU A 8 -31.77 -7.19 -15.19
N VAL A 9 -32.80 -7.63 -15.91
CA VAL A 9 -34.10 -7.78 -15.27
C VAL A 9 -34.08 -8.92 -14.25
N THR A 10 -33.21 -9.91 -14.45
CA THR A 10 -33.07 -10.98 -13.46
C THR A 10 -32.36 -10.48 -12.22
N LEU A 11 -31.27 -9.72 -12.38
CA LEU A 11 -30.53 -9.21 -11.23
C LEU A 11 -31.36 -8.21 -10.43
N THR A 12 -31.95 -7.23 -11.12
CA THR A 12 -32.67 -6.17 -10.45
C THR A 12 -34.03 -6.60 -9.92
N SER A 13 -34.49 -7.81 -10.29
CA SER A 13 -35.78 -8.30 -9.80
C SER A 13 -35.74 -8.70 -8.34
N VAL A 14 -34.55 -8.99 -7.79
CA VAL A 14 -34.48 -9.40 -6.40
C VAL A 14 -34.90 -8.24 -5.51
N GLU A 15 -35.52 -8.57 -4.38
CA GLU A 15 -35.90 -7.56 -3.43
C GLU A 15 -34.63 -6.92 -2.86
N PRO A 16 -34.59 -5.59 -2.72
CA PRO A 16 -33.35 -4.94 -2.29
C PRO A 16 -32.84 -5.40 -0.95
N TYR A 17 -33.73 -5.79 -0.03
CA TYR A 17 -33.30 -6.22 1.30
C TYR A 17 -32.47 -7.49 1.27
N LYS A 18 -32.65 -8.33 0.24
CA LYS A 18 -31.88 -9.57 0.17
C LYS A 18 -30.40 -9.32 -0.09
N VAL A 19 -30.03 -8.12 -0.50
CA VAL A 19 -28.64 -7.82 -0.80
C VAL A 19 -27.85 -7.63 0.50
N PRO A 20 -28.22 -6.71 1.39
CA PRO A 20 -27.51 -6.64 2.67
C PRO A 20 -27.64 -7.91 3.49
N VAL A 21 -28.78 -8.60 3.38
CA VAL A 21 -28.94 -9.86 4.09
C VAL A 21 -27.96 -10.89 3.56
N THR A 22 -27.82 -11.01 2.25
CA THR A 22 -26.87 -11.96 1.68
C THR A 22 -25.44 -11.61 2.08
N VAL A 23 -25.09 -10.32 2.01
CA VAL A 23 -23.74 -9.92 2.37
C VAL A 23 -23.46 -10.23 3.84
N ILE A 24 -24.40 -9.88 4.72
CA ILE A 24 -24.22 -10.10 6.15
C ILE A 24 -24.14 -11.58 6.46
N VAL A 25 -25.01 -12.40 5.85
CA VAL A 25 -25.00 -13.83 6.12
C VAL A 25 -23.70 -14.46 5.66
N THR A 26 -23.25 -14.16 4.43
CA THR A 26 -22.04 -14.79 3.93
C THR A 26 -20.80 -14.31 4.68
N VAL A 27 -20.76 -13.02 5.03
CA VAL A 27 -19.64 -12.48 5.79
C VAL A 27 -19.61 -13.08 7.20
N THR A 28 -20.79 -13.29 7.79
CA THR A 28 -20.84 -13.94 9.09
C THR A 28 -20.40 -15.41 9.00
N PHE A 29 -20.75 -16.08 7.90
CA PHE A 29 -20.26 -17.43 7.69
C PHE A 29 -18.74 -17.45 7.56
N ALA A 30 -18.18 -16.48 6.85
CA ALA A 30 -16.73 -16.37 6.74
C ALA A 30 -16.10 -16.12 8.11
N PHE A 31 -16.73 -15.27 8.92
CA PHE A 31 -16.23 -15.01 10.26
C PHE A 31 -16.29 -16.26 11.14
N VAL A 32 -17.37 -17.03 11.03
CA VAL A 32 -17.48 -18.27 11.81
C VAL A 32 -16.42 -19.27 11.38
N CYS A 33 -16.19 -19.39 10.06
CA CYS A 33 -15.14 -20.26 9.58
C CYS A 33 -13.77 -19.80 10.07
N PHE A 34 -13.54 -18.48 10.10
CA PHE A 34 -12.30 -17.95 10.64
C PHE A 34 -12.14 -18.32 12.10
N ILE A 35 -13.21 -18.18 12.88
CA ILE A 35 -13.15 -18.51 14.31
C ILE A 35 -12.82 -19.99 14.50
N PHE A 36 -13.47 -20.85 13.73
CA PHE A 36 -13.31 -22.29 13.93
C PHE A 36 -11.95 -22.78 13.44
N PHE A 37 -11.53 -22.35 12.25
CA PHE A 37 -10.34 -22.90 11.61
C PHE A 37 -9.06 -22.14 11.94
N TYR A 38 -9.15 -20.91 12.43
CA TYR A 38 -7.97 -20.12 12.71
C TYR A 38 -7.86 -19.73 14.17
N LEU A 39 -8.91 -19.14 14.75
CA LEU A 39 -8.79 -18.55 16.08
C LEU A 39 -8.71 -19.62 17.16
N LEU A 40 -9.69 -20.52 17.20
CA LEU A 40 -9.68 -21.57 18.21
C LEU A 40 -8.48 -22.49 18.01
N ARG A 41 -8.13 -22.76 16.76
CA ARG A 41 -6.96 -23.57 16.47
C ARG A 41 -5.68 -22.92 16.98
N SER A 42 -5.56 -21.60 16.79
CA SER A 42 -4.38 -20.91 17.29
C SER A 42 -4.36 -20.86 18.81
N ILE A 43 -5.53 -20.76 19.45
CA ILE A 43 -5.59 -20.81 20.91
C ILE A 43 -5.10 -22.17 21.39
N ARG A 44 -5.53 -23.25 20.74
CA ARG A 44 -5.06 -24.58 21.11
C ARG A 44 -3.56 -24.71 20.89
N ILE A 45 -3.05 -24.15 19.79
CA ILE A 45 -1.61 -24.21 19.53
C ILE A 45 -0.84 -23.47 20.61
N ILE A 46 -1.32 -22.29 21.01
CA ILE A 46 -0.64 -21.51 22.04
C ILE A 46 -0.64 -22.24 23.37
N TYR A 47 -1.78 -22.82 23.75
CA TYR A 47 -1.84 -23.58 25.00
C TYR A 47 -0.90 -24.78 24.95
N GLY A 48 -0.87 -25.48 23.82
CA GLY A 48 0.05 -26.61 23.69
C GLY A 48 1.50 -26.19 23.79
N LEU A 49 1.86 -25.06 23.17
CA LEU A 49 3.22 -24.57 23.24
C LEU A 49 3.59 -24.22 24.68
N LYS A 50 2.67 -23.56 25.40
CA LYS A 50 2.94 -23.24 26.79
C LYS A 50 3.11 -24.49 27.64
N LYS A 51 2.27 -25.50 27.43
CA LYS A 51 2.38 -26.74 28.20
C LYS A 51 3.68 -27.47 27.88
N TYR A 52 4.06 -27.52 26.61
CA TYR A 52 5.32 -28.15 26.23
C TYR A 52 6.52 -27.41 26.81
N THR A 53 6.47 -26.07 26.81
CA THR A 53 7.54 -25.30 27.42
C THR A 53 7.65 -25.58 28.91
N ARG A 54 6.50 -25.70 29.59
CA ARG A 54 6.54 -26.06 31.00
C ARG A 54 7.15 -27.44 31.20
N SER A 55 6.80 -28.40 30.33
CA SER A 55 7.36 -29.74 30.45
C SER A 55 8.88 -29.75 30.22
N ILE A 56 9.36 -28.95 29.27
CA ILE A 56 10.79 -28.94 28.98
C ILE A 56 11.57 -28.31 30.12
N ASN A 57 11.02 -27.27 30.74
CA ASN A 57 11.71 -26.61 31.84
C ASN A 57 11.87 -27.52 33.05
N SER A 58 11.05 -28.57 33.15
CA SER A 58 11.13 -29.48 34.29
C SER A 58 12.29 -30.46 34.18
N ILE A 59 12.91 -30.58 33.02
CA ILE A 59 14.00 -31.53 32.83
C ILE A 59 15.30 -30.78 32.53
N GLU A 60 15.40 -29.56 33.03
CA GLU A 60 16.62 -28.79 32.82
C GLU A 60 17.82 -29.48 33.44
N LYS A 61 17.65 -30.03 34.64
CA LYS A 61 18.75 -30.58 35.43
C LYS A 61 18.69 -32.10 35.53
N SER A 62 18.29 -32.77 34.46
CA SER A 62 18.24 -34.23 34.42
C SER A 62 19.38 -34.79 33.57
N ALA A 63 19.54 -36.10 33.61
CA ALA A 63 20.54 -36.77 32.80
C ALA A 63 20.18 -36.66 31.33
N PRO A 64 21.18 -36.64 30.44
CA PRO A 64 20.86 -36.50 29.01
C PRO A 64 19.98 -37.62 28.47
N GLU A 65 20.18 -38.85 28.94
CA GLU A 65 19.34 -39.96 28.49
C GLU A 65 17.92 -39.81 29.03
N VAL A 66 17.78 -39.42 30.30
CA VAL A 66 16.47 -39.19 30.88
C VAL A 66 15.76 -38.04 30.17
N GLN A 67 16.50 -36.95 29.90
CA GLN A 67 15.93 -35.84 29.14
C GLN A 67 15.46 -36.31 27.77
N LEU A 68 16.27 -37.12 27.09
CA LEU A 68 15.91 -37.59 25.75
C LEU A 68 14.66 -38.44 25.79
N GLU A 69 14.57 -39.36 26.76
CA GLU A 69 13.39 -40.21 26.87
C GLU A 69 12.15 -39.38 27.20
N HIS A 70 12.28 -38.42 28.11
CA HIS A 70 11.14 -37.58 28.46
C HIS A 70 10.66 -36.77 27.26
N LEU A 71 11.59 -36.25 26.46
CA LEU A 71 11.19 -35.48 25.29
C LEU A 71 10.58 -36.36 24.22
N LYS A 72 11.10 -37.58 24.04
CA LYS A 72 10.51 -38.49 23.07
C LYS A 72 9.08 -38.85 23.47
N SER A 73 8.85 -39.12 24.76
CA SER A 73 7.50 -39.41 25.21
C SER A 73 6.60 -38.17 25.20
N LEU A 74 7.17 -36.97 25.29
CA LEU A 74 6.38 -35.76 25.35
C LEU A 74 5.79 -35.39 23.99
N PHE A 75 6.57 -35.52 22.92
CA PHE A 75 6.16 -35.07 21.60
C PHE A 75 5.49 -36.23 20.87
N GLN A 76 4.16 -36.14 20.70
CA GLN A 76 3.40 -37.19 20.05
C GLN A 76 2.42 -36.71 18.99
N ARG A 77 2.10 -35.39 18.99
CA ARG A 77 1.26 -34.79 17.92
C ARG A 77 2.04 -34.85 16.62
N SER A 78 1.42 -35.12 15.47
CA SER A 78 2.12 -35.52 14.25
C SER A 78 3.23 -34.55 13.87
N GLU A 79 2.92 -33.25 13.76
CA GLU A 79 3.91 -32.32 13.25
C GLU A 79 5.04 -32.11 14.26
N LEU A 80 4.72 -32.04 15.56
CA LEU A 80 5.80 -31.99 16.56
C LEU A 80 6.49 -33.32 16.75
N LYS A 81 5.82 -34.45 16.48
CA LYS A 81 6.53 -35.72 16.48
C LYS A 81 7.60 -35.75 15.40
N HIS A 82 7.26 -35.31 14.18
CA HIS A 82 8.24 -35.24 13.11
C HIS A 82 9.32 -34.21 13.43
N ALA A 83 8.93 -33.06 13.97
CA ALA A 83 9.90 -32.03 14.31
C ALA A 83 10.88 -32.53 15.36
N TRP A 84 10.39 -33.25 16.37
CA TRP A 84 11.26 -33.79 17.39
C TRP A 84 12.17 -34.86 16.83
N ASN A 85 11.66 -35.72 15.94
CA ASN A 85 12.53 -36.73 15.34
C ASN A 85 13.67 -36.08 14.58
N GLU A 86 13.37 -35.06 13.78
CA GLU A 86 14.41 -34.37 13.03
C GLU A 86 15.39 -33.66 13.98
N PHE A 87 14.87 -33.01 15.02
CA PHE A 87 15.73 -32.31 15.96
C PHE A 87 16.64 -33.28 16.68
N GLU A 88 16.12 -34.44 17.10
CA GLU A 88 16.94 -35.45 17.74
C GLU A 88 17.98 -36.00 16.79
N GLU A 89 17.67 -36.05 15.49
CA GLU A 89 18.71 -36.36 14.52
C GLU A 89 19.79 -35.29 14.51
N SER A 90 19.40 -34.03 14.68
CA SER A 90 20.41 -32.96 14.71
C SER A 90 21.31 -33.05 15.93
N LEU A 91 20.80 -33.54 17.05
CA LEU A 91 21.59 -33.61 18.27
C LEU A 91 22.72 -34.63 18.14
N HIS A 92 23.88 -34.29 18.68
CA HIS A 92 25.07 -35.12 18.62
C HIS A 92 25.35 -35.67 20.01
N SER A 93 25.39 -37.00 20.14
CA SER A 93 25.64 -37.65 21.41
C SER A 93 27.12 -37.95 21.54
N GLN A 94 27.74 -37.43 22.59
CA GLN A 94 29.14 -37.69 22.87
C GLN A 94 29.25 -38.89 23.81
N TYR A 95 29.97 -39.91 23.39
CA TYR A 95 30.12 -41.14 24.15
C TYR A 95 31.51 -41.19 24.81
N GLU A 96 31.56 -41.75 26.00
CA GLU A 96 32.81 -42.04 26.67
C GLU A 96 32.78 -43.48 27.18
N LEU A 97 33.94 -44.12 27.17
CA LEU A 97 34.06 -45.50 27.64
C LEU A 97 34.17 -45.49 29.15
N GLU A 98 33.08 -45.84 29.83
CA GLU A 98 33.03 -45.84 31.28
C GLU A 98 32.56 -47.20 31.76
N ASN A 99 33.32 -47.81 32.67
CA ASN A 99 33.01 -49.13 33.22
C ASN A 99 32.85 -50.18 32.12
N GLY A 100 33.73 -50.11 31.11
CA GLY A 100 33.75 -51.10 30.06
C GLY A 100 32.65 -50.97 29.02
N GLU A 101 31.87 -49.89 29.05
CA GLU A 101 30.79 -49.69 28.11
C GLU A 101 30.77 -48.25 27.65
N GLU A 102 30.18 -48.03 26.48
CA GLU A 102 30.00 -46.69 25.94
C GLU A 102 28.73 -46.07 26.51
N LYS A 103 28.85 -44.89 27.09
CA LYS A 103 27.73 -44.20 27.70
C LYS A 103 27.68 -42.76 27.18
N ILE A 104 26.47 -42.25 27.02
CA ILE A 104 26.28 -40.86 26.61
C ILE A 104 26.60 -39.98 27.81
N VAL A 105 27.69 -39.21 27.71
CA VAL A 105 28.06 -38.28 28.76
C VAL A 105 27.54 -36.87 28.50
N ARG A 106 27.22 -36.54 27.26
CA ARG A 106 26.78 -35.19 26.92
C ARG A 106 26.13 -35.24 25.55
N ILE A 107 25.04 -34.50 25.39
CA ILE A 107 24.36 -34.36 24.11
C ILE A 107 24.56 -32.95 23.63
N ARG A 108 25.06 -32.80 22.40
CA ARG A 108 25.44 -31.51 21.85
C ARG A 108 24.49 -31.12 20.73
N ALA A 109 24.19 -29.83 20.64
CA ALA A 109 23.35 -29.30 19.58
C ALA A 109 24.19 -28.94 18.36
N THR A 110 23.67 -29.26 17.18
CA THR A 110 24.32 -28.87 15.94
C THR A 110 23.53 -27.85 15.14
N ALA A 111 22.23 -27.74 15.38
CA ALA A 111 21.37 -26.79 14.71
C ALA A 111 20.40 -26.23 15.73
N PRO A 112 19.89 -25.01 15.52
CA PRO A 112 18.91 -24.45 16.45
C PRO A 112 17.62 -25.25 16.43
N SER A 113 16.91 -25.21 17.57
CA SER A 113 15.64 -25.91 17.66
C SER A 113 14.61 -25.32 16.72
N ALA A 114 14.72 -24.03 16.40
CA ALA A 114 13.80 -23.40 15.46
C ALA A 114 13.93 -23.94 14.05
N SER A 115 15.04 -24.59 13.73
CA SER A 115 15.23 -25.15 12.39
C SER A 115 14.27 -26.29 12.10
N PHE A 116 13.71 -26.92 13.13
CA PHE A 116 12.78 -28.02 12.99
C PHE A 116 11.42 -27.71 13.59
N PHE A 117 11.38 -26.99 14.71
CA PHE A 117 10.13 -26.45 15.24
C PHE A 117 9.89 -25.06 14.68
N SER A 118 9.86 -25.00 13.35
CA SER A 118 9.81 -23.75 12.64
C SER A 118 8.44 -23.08 12.77
N GLU A 119 8.41 -21.77 12.53
CA GLU A 119 7.15 -21.04 12.53
C GLU A 119 6.22 -21.57 11.46
N GLN A 120 6.75 -21.89 10.28
CA GLN A 120 5.91 -22.40 9.21
C GLN A 120 5.19 -23.68 9.63
N GLN A 121 5.96 -24.75 9.90
CA GLN A 121 5.38 -26.07 10.11
C GLN A 121 4.43 -26.11 11.30
N LEU A 122 4.76 -25.38 12.37
CA LEU A 122 3.98 -25.46 13.59
C LEU A 122 2.90 -24.39 13.72
N VAL A 123 2.94 -23.33 12.93
CA VAL A 123 1.94 -22.29 13.06
C VAL A 123 1.25 -21.99 11.74
N ASP A 124 2.03 -21.72 10.70
CA ASP A 124 1.47 -21.13 9.49
C ASP A 124 0.67 -22.13 8.68
N ILE A 125 1.13 -23.38 8.62
CA ILE A 125 0.43 -24.41 7.86
C ILE A 125 -0.76 -24.95 8.64
N PRO A 126 -0.65 -25.28 9.94
CA PRO A 126 -1.85 -25.69 10.67
C PRO A 126 -2.93 -24.63 10.72
N LEU A 127 -2.57 -23.34 10.73
CA LEU A 127 -3.56 -22.28 10.77
C LEU A 127 -4.00 -21.80 9.39
N ASN A 128 -3.38 -22.31 8.33
CA ASN A 128 -3.69 -21.90 6.95
C ASN A 128 -3.55 -20.39 6.78
N THR A 129 -2.43 -19.85 7.27
CA THR A 129 -2.21 -18.41 7.17
C THR A 129 -2.07 -17.94 5.74
N GLU A 130 -1.62 -18.80 4.83
CA GLU A 130 -1.53 -18.42 3.43
C GLU A 130 -2.89 -18.07 2.84
N PHE A 131 -3.97 -18.55 3.44
CA PHE A 131 -5.32 -18.18 3.04
C PHE A 131 -5.92 -17.10 3.93
N PHE A 132 -5.78 -17.22 5.24
CA PHE A 132 -6.50 -16.34 6.16
C PHE A 132 -5.95 -14.93 6.21
N LYS A 133 -4.68 -14.70 5.86
CA LYS A 133 -4.21 -13.33 5.79
C LYS A 133 -4.87 -12.54 4.67
N HIS A 134 -5.54 -13.22 3.75
CA HIS A 134 -6.26 -12.58 2.65
C HIS A 134 -7.76 -12.53 2.88
N LEU A 135 -8.24 -13.12 3.98
CA LEU A 135 -9.67 -13.09 4.26
C LEU A 135 -10.23 -11.68 4.46
N PRO A 136 -9.58 -10.77 5.19
CA PRO A 136 -10.14 -9.41 5.29
C PRO A 136 -10.34 -8.73 3.94
N GLY A 137 -9.41 -8.92 3.01
CA GLY A 137 -9.60 -8.37 1.68
C GLY A 137 -10.82 -8.96 0.98
N ILE A 138 -11.03 -10.27 1.15
CA ILE A 138 -12.21 -10.91 0.57
C ILE A 138 -13.48 -10.33 1.17
N LEU A 139 -13.50 -10.13 2.49
CA LEU A 139 -14.68 -9.56 3.13
C LEU A 139 -14.96 -8.14 2.65
N THR A 140 -13.92 -7.32 2.55
CA THR A 140 -14.12 -5.96 2.06
C THR A 140 -14.62 -5.97 0.61
N GLY A 141 -14.08 -6.86 -0.21
CA GLY A 141 -14.54 -6.97 -1.58
C GLY A 141 -15.98 -7.43 -1.69
N MET A 142 -16.40 -8.33 -0.78
CA MET A 142 -17.79 -8.75 -0.73
C MET A 142 -18.70 -7.59 -0.38
N GLY A 143 -18.28 -6.76 0.58
CA GLY A 143 -19.03 -5.55 0.87
C GLY A 143 -19.12 -4.64 -0.35
N ILE A 144 -18.04 -4.55 -1.11
CA ILE A 144 -18.03 -3.72 -2.32
C ILE A 144 -18.99 -4.28 -3.37
N ILE A 145 -19.04 -5.61 -3.52
CA ILE A 145 -19.98 -6.23 -4.45
C ILE A 145 -21.41 -5.91 -4.03
N GLY A 146 -21.68 -6.02 -2.73
CA GLY A 146 -22.99 -5.63 -2.23
C GLY A 146 -23.31 -4.18 -2.52
N THR A 147 -22.32 -3.30 -2.39
CA THR A 147 -22.52 -1.88 -2.68
C THR A 147 -22.91 -1.64 -4.14
N PHE A 148 -22.11 -2.16 -5.08
CA PHE A 148 -22.50 -2.05 -6.48
C PHE A 148 -23.88 -2.63 -6.76
N TYR A 149 -24.19 -3.80 -6.22
CA TYR A 149 -25.41 -4.46 -6.66
C TYR A 149 -26.62 -3.74 -6.05
N GLY A 150 -26.45 -3.20 -4.85
CA GLY A 150 -27.51 -2.39 -4.24
C GLY A 150 -27.74 -1.08 -4.97
N LEU A 151 -26.67 -0.38 -5.35
CA LEU A 151 -26.88 0.84 -6.15
C LEU A 151 -27.43 0.52 -7.53
N MET A 152 -27.11 -0.64 -8.09
CA MET A 152 -27.74 -1.05 -9.34
C MET A 152 -29.24 -1.20 -9.17
N ILE A 153 -29.66 -1.84 -8.08
CA ILE A 153 -31.09 -1.95 -7.80
C ILE A 153 -31.72 -0.56 -7.63
N GLY A 154 -31.05 0.31 -6.88
CA GLY A 154 -31.59 1.65 -6.65
C GLY A 154 -31.72 2.46 -7.91
N LEU A 155 -30.70 2.41 -8.78
CA LEU A 155 -30.76 3.12 -10.05
C LEU A 155 -31.81 2.51 -10.97
N ASN A 156 -32.02 1.20 -10.86
CA ASN A 156 -33.06 0.56 -11.67
C ASN A 156 -34.45 1.06 -11.28
N HIS A 157 -34.74 1.15 -9.98
CA HIS A 157 -36.04 1.64 -9.58
C HIS A 157 -36.25 3.12 -9.93
N PHE A 158 -35.18 3.90 -9.99
CA PHE A 158 -35.36 5.33 -10.25
C PHE A 158 -35.70 5.53 -11.72
N ASP A 159 -37.00 5.63 -11.99
CA ASP A 159 -37.51 5.91 -13.33
C ASP A 159 -38.93 6.45 -13.17
N PRO A 160 -39.07 7.67 -12.65
CA PRO A 160 -40.41 8.16 -12.30
C PRO A 160 -41.27 8.51 -13.50
N SER A 161 -40.72 9.23 -14.46
CA SER A 161 -41.41 9.64 -15.69
C SER A 161 -42.69 10.43 -15.42
N THR A 162 -42.87 10.94 -14.21
CA THR A 162 -44.07 11.67 -13.82
C THR A 162 -43.80 12.46 -12.55
N PRO A 163 -44.12 13.76 -12.53
CA PRO A 163 -43.82 14.56 -11.33
C PRO A 163 -44.51 14.05 -10.07
N GLU A 164 -45.68 13.41 -10.20
CA GLU A 164 -46.39 12.93 -9.02
C GLU A 164 -45.62 11.83 -8.30
N GLN A 165 -45.00 10.92 -9.05
CA GLN A 165 -44.35 9.75 -8.48
C GLN A 165 -42.84 9.92 -8.34
N VAL A 166 -42.34 11.16 -8.35
CA VAL A 166 -40.92 11.38 -8.10
C VAL A 166 -40.57 11.06 -6.65
N SER A 167 -41.48 11.36 -5.71
CA SER A 167 -41.21 11.10 -4.30
C SER A 167 -40.99 9.62 -4.05
N SER A 168 -41.80 8.76 -4.67
CA SER A 168 -41.64 7.32 -4.49
C SER A 168 -40.29 6.83 -5.03
N SER A 169 -39.88 7.35 -6.20
CA SER A 169 -38.60 6.96 -6.76
C SER A 169 -37.45 7.36 -5.84
N VAL A 170 -37.51 8.57 -5.30
CA VAL A 170 -36.46 9.03 -4.39
C VAL A 170 -36.43 8.17 -3.13
N ASN A 171 -37.62 7.86 -2.58
CA ASN A 171 -37.68 7.03 -1.38
C ASN A 171 -37.07 5.66 -1.64
N ASN A 172 -37.42 5.04 -2.77
CA ASN A 172 -36.87 3.72 -3.10
C ASN A 172 -35.36 3.79 -3.28
N LEU A 173 -34.87 4.86 -3.92
CA LEU A 173 -33.43 5.00 -4.11
C LEU A 173 -32.72 5.13 -2.76
N LEU A 174 -33.28 5.92 -1.85
CA LEU A 174 -32.68 6.06 -0.52
C LEU A 174 -32.69 4.73 0.22
N ARG A 175 -33.78 3.98 0.12
N ARG A 175 -33.78 3.98 0.12
CA ARG A 175 -33.86 2.67 0.77
CA ARG A 175 -33.84 2.69 0.79
C ARG A 175 -32.79 1.71 0.24
N ASP A 176 -32.65 1.65 -1.08
CA ASP A 176 -31.67 0.74 -1.66
C ASP A 176 -30.26 1.14 -1.32
N VAL A 177 -29.96 2.44 -1.32
CA VAL A 177 -28.64 2.91 -0.92
C VAL A 177 -28.38 2.58 0.55
N LEU A 178 -29.39 2.74 1.40
CA LEU A 178 -29.23 2.40 2.81
C LEU A 178 -28.90 0.94 2.97
N TYR A 179 -29.57 0.07 2.23
CA TYR A 179 -29.26 -1.36 2.29
C TYR A 179 -27.82 -1.63 1.86
N ALA A 180 -27.39 -1.01 0.76
CA ALA A 180 -26.05 -1.23 0.25
C ALA A 180 -24.99 -0.79 1.27
N PHE A 181 -25.20 0.36 1.90
CA PHE A 181 -24.21 0.85 2.84
C PHE A 181 -24.24 0.07 4.15
N LEU A 182 -25.39 -0.44 4.56
CA LEU A 182 -25.42 -1.32 5.72
C LEU A 182 -24.58 -2.55 5.46
N GLY A 183 -24.75 -3.17 4.30
CA GLY A 183 -23.93 -4.33 3.96
C GLY A 183 -22.44 -4.00 3.92
N SER A 184 -22.09 -2.89 3.28
CA SER A 184 -20.69 -2.52 3.16
C SER A 184 -20.06 -2.22 4.52
N ALA A 185 -20.79 -1.52 5.39
CA ALA A 185 -20.27 -1.21 6.71
C ALA A 185 -20.10 -2.47 7.55
N PHE A 186 -21.06 -3.39 7.48
CA PHE A 186 -20.89 -4.64 8.21
C PHE A 186 -19.70 -5.42 7.70
N ALA A 187 -19.51 -5.47 6.38
CA ALA A 187 -18.38 -6.20 5.82
C ALA A 187 -17.05 -5.59 6.26
N ILE A 188 -16.96 -4.25 6.26
CA ILE A 188 -15.73 -3.59 6.70
C ILE A 188 -15.48 -3.83 8.18
N PHE A 189 -16.53 -3.79 8.99
CA PHE A 189 -16.39 -4.06 10.42
C PHE A 189 -15.87 -5.47 10.65
N ALA A 190 -16.44 -6.44 9.93
CA ALA A 190 -15.99 -7.82 10.08
C ALA A 190 -14.56 -7.99 9.59
N SER A 191 -14.19 -7.28 8.53
CA SER A 191 -12.82 -7.40 8.02
C SER A 191 -11.82 -6.86 9.03
N ILE A 192 -12.09 -5.71 9.64
CA ILE A 192 -11.14 -5.18 10.61
C ILE A 192 -11.13 -6.03 11.87
N LEU A 193 -12.27 -6.61 12.25
CA LEU A 193 -12.30 -7.52 13.40
C LEU A 193 -11.48 -8.77 13.13
N VAL A 194 -11.60 -9.33 11.93
CA VAL A 194 -10.80 -10.50 11.55
C VAL A 194 -9.33 -10.13 11.54
N THR A 195 -8.99 -8.96 11.01
CA THR A 195 -7.59 -8.53 11.01
C THR A 195 -7.04 -8.44 12.43
N TRP A 196 -7.79 -7.80 13.33
CA TRP A 196 -7.39 -7.74 14.72
C TRP A 196 -7.13 -9.13 15.28
N LEU A 197 -8.10 -10.02 15.15
CA LEU A 197 -8.01 -11.33 15.78
C LEU A 197 -6.86 -12.14 15.21
N GLU A 198 -6.72 -12.15 13.88
CA GLU A 198 -5.70 -13.00 13.27
C GLU A 198 -4.31 -12.46 13.55
N LYS A 199 -4.11 -11.14 13.51
CA LYS A 199 -2.77 -10.62 13.74
C LYS A 199 -2.38 -10.76 15.21
N LEU A 200 -3.32 -10.54 16.13
CA LEU A 200 -3.01 -10.77 17.54
C LEU A 200 -2.68 -12.23 17.79
N SER A 201 -3.47 -13.14 17.21
CA SER A 201 -3.22 -14.57 17.40
C SER A 201 -1.88 -14.99 16.82
N ILE A 202 -1.53 -14.47 15.64
CA ILE A 202 -0.28 -14.89 15.01
C ILE A 202 0.91 -14.33 15.79
N ALA A 203 0.77 -13.11 16.32
CA ALA A 203 1.83 -12.56 17.16
C ALA A 203 2.03 -13.40 18.42
N LYS A 204 0.93 -13.80 19.06
CA LYS A 204 1.06 -14.59 20.27
C LYS A 204 1.63 -15.98 19.96
N SER A 205 1.23 -16.56 18.83
CA SER A 205 1.75 -17.86 18.43
C SER A 205 3.26 -17.79 18.19
N TYR A 206 3.72 -16.75 17.51
CA TYR A 206 5.15 -16.60 17.29
C TYR A 206 5.90 -16.38 18.59
N LYS A 207 5.30 -15.60 19.50
CA LYS A 207 5.95 -15.33 20.79
C LYS A 207 6.12 -16.62 21.60
N TYR A 208 5.06 -17.43 21.69
CA TYR A 208 5.14 -18.63 22.51
C TYR A 208 5.91 -19.75 21.82
N LEU A 209 5.90 -19.79 20.49
CA LEU A 209 6.78 -20.72 19.78
C LEU A 209 8.24 -20.35 19.99
N GLU A 210 8.53 -19.05 20.04
CA GLU A 210 9.88 -18.59 20.38
C GLU A 210 10.26 -19.05 21.78
N LYS A 211 9.36 -18.90 22.75
CA LYS A 211 9.67 -19.39 24.09
C LYS A 211 9.91 -20.89 24.10
N PHE A 212 9.10 -21.64 23.35
CA PHE A 212 9.25 -23.10 23.31
C PHE A 212 10.60 -23.49 22.73
N THR A 213 10.98 -22.89 21.61
CA THR A 213 12.26 -23.24 20.99
C THR A 213 13.44 -22.75 21.84
N ALA A 214 13.27 -21.64 22.57
CA ALA A 214 14.32 -21.21 23.49
C ALA A 214 14.48 -22.18 24.63
N ALA A 215 13.36 -22.74 25.13
CA ALA A 215 13.44 -23.76 26.17
C ALA A 215 14.15 -25.00 25.65
N LEU A 216 13.86 -25.40 24.41
CA LEU A 216 14.54 -26.56 23.84
C LEU A 216 16.02 -26.28 23.58
N ASP A 217 16.35 -25.06 23.16
CA ASP A 217 17.74 -24.73 22.84
C ASP A 217 18.63 -24.66 24.07
N SER A 218 18.05 -24.45 25.25
CA SER A 218 18.84 -24.35 26.47
C SER A 218 19.26 -25.71 27.02
N LEU A 219 18.67 -26.79 26.53
CA LEU A 219 19.05 -28.12 27.00
C LEU A 219 20.45 -28.50 26.52
N TYR A 220 20.77 -28.18 25.27
CA TYR A 220 21.94 -28.71 24.60
C TYR A 220 22.87 -27.59 24.16
N ASP A 221 24.17 -27.81 24.32
CA ASP A 221 25.18 -26.83 23.98
C ASP A 221 25.73 -27.10 22.58
N SER A 222 26.07 -26.04 21.87
CA SER A 222 26.53 -26.13 20.50
C SER A 222 28.05 -25.99 20.44
N GLY A 223 28.58 -25.92 19.22
CA GLY A 223 30.00 -25.72 19.03
C GLY A 223 30.85 -26.95 19.22
N VAL A 224 30.37 -28.12 18.81
CA VAL A 224 31.13 -29.35 19.01
C VAL A 224 32.08 -29.62 17.84
N GLY A 225 31.75 -29.18 16.64
CA GLY A 225 32.64 -29.39 15.51
C GLY A 225 33.94 -28.62 15.66
N GLU A 226 33.86 -27.40 16.17
CA GLU A 226 35.08 -26.62 16.44
C GLU A 226 35.93 -27.28 17.50
N GLU A 227 35.30 -27.84 18.54
CA GLU A 227 36.05 -28.57 19.55
C GLU A 227 36.73 -29.80 18.97
N TYR A 228 36.05 -30.50 18.06
CA TYR A 228 36.67 -31.64 17.40
C TYR A 228 37.86 -31.21 16.54
N LEU A 229 37.72 -30.10 15.82
CA LEU A 229 38.84 -29.60 15.03
C LEU A 229 40.01 -29.20 15.91
N ALA A 230 39.74 -28.57 17.05
CA ALA A 230 40.80 -28.20 17.98
C ALA A 230 41.50 -29.43 18.53
N SER A 231 40.71 -30.47 18.87
CA SER A 231 41.30 -31.71 19.33
C SER A 231 42.18 -32.33 18.26
N LEU A 232 41.74 -32.28 17.00
CA LEU A 232 42.54 -32.84 15.91
C LEU A 232 43.85 -32.09 15.73
N VAL A 233 43.81 -30.75 15.82
CA VAL A 233 45.03 -29.96 15.66
C VAL A 233 46.01 -30.25 16.79
N LYS A 234 45.51 -30.26 18.03
CA LYS A 234 46.36 -30.59 19.16
C LYS A 234 46.92 -32.00 19.02
N SER A 235 46.10 -32.94 18.55
CA SER A 235 46.55 -34.31 18.36
C SER A 235 47.67 -34.39 17.34
N SER A 236 47.57 -33.62 16.25
CA SER A 236 48.64 -33.63 15.25
C SER A 236 49.94 -33.09 15.83
N ASN A 237 49.87 -31.99 16.58
CA ASN A 237 51.09 -31.42 17.16
C ASN A 237 51.73 -32.41 18.15
N GLU A 238 50.95 -32.92 19.10
CA GLU A 238 51.48 -33.89 20.04
C GLU A 238 51.90 -35.18 19.35
N SER A 239 51.33 -35.48 18.18
CA SER A 239 51.74 -36.67 17.45
C SER A 239 53.13 -36.52 16.89
N ALA A 240 53.44 -35.36 16.31
CA ALA A 240 54.81 -35.11 15.86
C ALA A 240 55.78 -35.16 17.03
N THR A 241 55.41 -34.52 18.15
CA THR A 241 56.28 -34.51 19.33
C THR A 241 56.50 -35.94 19.86
N GLN A 242 55.43 -36.72 19.96
CA GLN A 242 55.56 -38.08 20.45
C GLN A 242 56.37 -38.94 19.49
N ALA A 243 56.26 -38.69 18.18
CA ALA A 243 57.06 -39.44 17.22
C ALA A 243 58.54 -39.19 17.44
N ARG A 244 58.94 -37.92 17.62
CA ARG A 244 60.37 -37.66 17.82
C ARG A 244 60.86 -38.28 19.12
N HIS A 245 60.05 -38.17 20.19
CA HIS A 245 60.49 -38.78 21.45
C HIS A 245 60.53 -40.30 21.38
N LEU A 246 59.60 -40.93 20.66
CA LEU A 246 59.65 -42.38 20.52
C LEU A 246 60.89 -42.81 19.73
N LYS A 247 61.25 -42.04 18.70
CA LYS A 247 62.48 -42.36 17.96
C LYS A 247 63.70 -42.27 18.88
N GLU A 248 63.78 -41.19 19.66
CA GLU A 248 64.93 -41.04 20.55
C GLU A 248 64.97 -42.15 21.60
N SER A 249 63.81 -42.50 22.18
CA SER A 249 63.76 -43.55 23.19
C SER A 249 64.12 -44.89 22.60
N LEU A 250 63.69 -45.17 21.37
CA LEU A 250 64.08 -46.42 20.71
C LEU A 250 65.58 -46.47 20.50
N VAL A 251 66.19 -45.35 20.07
CA VAL A 251 67.63 -45.33 19.90
C VAL A 251 68.34 -45.58 21.23
N THR A 252 67.85 -44.96 22.31
CA THR A 252 68.48 -45.15 23.61
C THR A 252 68.36 -46.60 24.08
N ASP A 253 67.19 -47.20 23.91
CA ASP A 253 67.01 -48.59 24.31
C ASP A 253 67.89 -49.52 23.49
N LEU A 254 68.02 -49.25 22.20
CA LEU A 254 68.89 -50.02 21.33
C LEU A 254 70.34 -49.93 21.80
N ARG A 255 70.77 -48.72 22.17
CA ARG A 255 72.12 -48.56 22.71
C ARG A 255 72.32 -49.35 24.00
N ASP A 256 71.34 -49.29 24.91
CA ASP A 256 71.46 -50.02 26.17
C ASP A 256 71.57 -51.51 25.91
N MET A 257 70.73 -52.05 25.02
CA MET A 257 70.80 -53.46 24.69
C MET A 257 72.13 -53.83 24.05
N LEU A 258 72.69 -52.95 23.22
CA LEU A 258 73.95 -53.28 22.57
C LEU A 258 75.12 -53.24 23.56
N LEU A 259 75.14 -52.29 24.49
CA LEU A 259 76.16 -52.33 25.54
C LEU A 259 76.00 -53.56 26.43
N HIS A 260 74.76 -53.97 26.71
CA HIS A 260 74.57 -55.19 27.49
C HIS A 260 75.10 -56.41 26.72
N LEU A 261 74.87 -56.44 25.41
CA LEU A 261 75.41 -57.52 24.58
C LEU A 261 76.93 -57.50 24.57
N ALA A 262 77.52 -56.31 24.54
CA ALA A 262 78.98 -56.20 24.59
C ALA A 262 79.51 -56.72 25.93
N GLU A 263 78.81 -56.40 27.03
CA GLU A 263 79.22 -56.91 28.33
C GLU A 263 79.12 -58.43 28.39
N SER A 264 78.05 -58.99 27.84
CA SER A 264 77.93 -60.45 27.80
C SER A 264 79.03 -61.08 26.96
N GLN A 265 79.35 -60.46 25.83
CA GLN A 265 80.45 -60.95 24.99
C GLN A 265 81.77 -60.88 25.74
N LYS A 266 81.98 -59.82 26.53
CA LYS A 266 83.19 -59.70 27.32
C LYS A 266 83.27 -60.80 28.37
N ILE A 267 82.15 -61.10 29.03
CA ILE A 267 82.12 -62.18 30.01
C ILE A 267 82.45 -63.51 29.35
N GLU A 268 81.87 -63.77 28.19
CA GLU A 268 82.16 -65.01 27.47
C GLU A 268 83.61 -65.08 27.05
N ASN A 269 84.18 -63.96 26.59
CA ASN A 269 85.57 -63.95 26.16
C ASN A 269 86.52 -64.19 27.33
N GLU A 270 86.25 -63.57 28.49
CA GLU A 270 87.12 -63.78 29.64
C GLU A 270 87.00 -65.21 30.17
N ARG A 271 85.78 -65.78 30.14
CA ARG A 271 85.64 -67.18 30.52
C ARG A 271 86.39 -68.10 29.56
N LEU A 272 86.33 -67.82 28.26
CA LEU A 272 87.09 -68.60 27.30
C LEU A 272 88.59 -68.48 27.54
N ALA A 273 89.06 -67.26 27.85
CA ALA A 273 90.47 -67.07 28.15
C ALA A 273 90.89 -67.85 29.38
N ASN A 274 90.05 -67.84 30.42
CA ASN A 274 90.35 -68.60 31.63
C ASN A 274 90.40 -70.10 31.33
N THR A 275 89.45 -70.60 30.53
CA THR A 275 89.45 -72.01 30.18
C THR A 275 90.69 -72.40 29.38
N LEU A 276 91.07 -71.54 28.43
CA LEU A 276 92.26 -71.82 27.63
C LEU A 276 93.52 -71.80 28.48
N SER A 277 93.62 -70.85 29.41
CA SER A 277 94.77 -70.79 30.31
C SER A 277 94.82 -72.02 31.20
N ALA A 278 93.66 -72.48 31.68
CA ALA A 278 93.63 -73.70 32.48
C ALA A 278 94.08 -74.91 31.66
N THR A 279 93.62 -75.00 30.41
CA THR A 279 94.04 -76.10 29.55
C THR A 279 95.53 -76.03 29.24
N TYR A 280 96.04 -74.84 28.98
CA TYR A 280 97.45 -74.66 28.63
C TYR A 280 98.33 -74.68 29.89
N MET B 1 -7.22 18.32 -29.75
CA MET B 1 -7.42 18.85 -31.10
C MET B 1 -8.79 18.42 -31.61
N SER B 2 -8.94 18.40 -32.94
CA SER B 2 -10.07 17.71 -33.54
C SER B 2 -9.90 16.20 -33.51
N TRP B 3 -8.66 15.73 -33.31
CA TRP B 3 -8.41 14.30 -33.15
C TRP B 3 -9.13 13.77 -31.91
N LEU B 4 -9.03 14.49 -30.80
CA LEU B 4 -9.67 14.03 -29.57
C LEU B 4 -11.19 13.98 -29.72
N ASN B 5 -11.78 15.01 -30.32
CA ASN B 5 -13.22 15.01 -30.53
C ASN B 5 -13.63 13.91 -31.50
N SER B 6 -12.83 13.67 -32.53
CA SER B 6 -13.14 12.61 -33.48
C SER B 6 -13.13 11.24 -32.82
N ILE B 7 -12.11 10.97 -32.00
CA ILE B 7 -12.06 9.66 -31.35
C ILE B 7 -13.18 9.55 -30.32
N LEU B 8 -13.50 10.63 -29.61
CA LEU B 8 -14.60 10.58 -28.65
C LEU B 8 -15.92 10.32 -29.35
N VAL B 9 -16.11 10.87 -30.55
CA VAL B 9 -17.29 10.51 -31.34
C VAL B 9 -17.23 9.04 -31.73
N THR B 10 -16.03 8.53 -32.05
CA THR B 10 -15.89 7.13 -32.44
C THR B 10 -16.20 6.19 -31.27
N LEU B 11 -15.59 6.42 -30.11
CA LEU B 11 -15.75 5.49 -28.99
C LEU B 11 -17.18 5.54 -28.43
N THR B 12 -17.71 6.73 -28.20
CA THR B 12 -19.01 6.86 -27.57
C THR B 12 -20.17 6.59 -28.53
N SER B 13 -19.89 6.03 -29.70
CA SER B 13 -20.93 5.73 -30.67
C SER B 13 -21.53 4.34 -30.51
N VAL B 14 -20.87 3.46 -29.76
CA VAL B 14 -21.35 2.09 -29.62
C VAL B 14 -22.55 2.07 -28.68
N GLU B 15 -23.35 1.02 -28.83
CA GLU B 15 -24.54 0.87 -28.00
C GLU B 15 -24.13 0.57 -26.56
N PRO B 16 -24.87 1.10 -25.58
CA PRO B 16 -24.47 0.90 -24.17
C PRO B 16 -24.42 -0.55 -23.74
N TYR B 17 -25.20 -1.43 -24.36
CA TYR B 17 -25.20 -2.83 -23.96
C TYR B 17 -23.94 -3.56 -24.36
N LYS B 18 -23.25 -3.10 -25.40
CA LYS B 18 -22.08 -3.83 -25.89
C LYS B 18 -20.92 -3.81 -24.92
N VAL B 19 -20.92 -2.90 -23.96
CA VAL B 19 -19.80 -2.74 -23.02
C VAL B 19 -19.89 -3.75 -21.88
N PRO B 20 -21.04 -3.89 -21.20
CA PRO B 20 -21.12 -4.96 -20.18
C PRO B 20 -20.92 -6.34 -20.76
N VAL B 21 -21.39 -6.57 -21.98
CA VAL B 21 -21.19 -7.87 -22.62
C VAL B 21 -19.70 -8.13 -22.83
N THR B 22 -18.97 -7.12 -23.32
CA THR B 22 -17.52 -7.28 -23.52
C THR B 22 -16.81 -7.52 -22.20
N VAL B 23 -17.18 -6.77 -21.16
CA VAL B 23 -16.54 -6.96 -19.85
C VAL B 23 -16.81 -8.36 -19.33
N ILE B 24 -18.06 -8.81 -19.42
CA ILE B 24 -18.41 -10.13 -18.92
C ILE B 24 -17.68 -11.21 -19.70
N VAL B 25 -17.60 -11.07 -21.02
CA VAL B 25 -16.95 -12.08 -21.84
C VAL B 25 -15.46 -12.16 -21.52
N THR B 26 -14.78 -11.00 -21.48
CA THR B 26 -13.34 -11.03 -21.22
C THR B 26 -13.02 -11.51 -19.80
N VAL B 27 -13.83 -11.10 -18.82
CA VAL B 27 -13.60 -11.54 -17.45
C VAL B 27 -13.87 -13.03 -17.31
N THR B 28 -14.91 -13.53 -17.99
CA THR B 28 -15.18 -14.96 -17.97
C THR B 28 -14.07 -15.75 -18.65
N PHE B 29 -13.52 -15.23 -19.75
CA PHE B 29 -12.41 -15.90 -20.40
C PHE B 29 -11.19 -15.95 -19.49
N ALA B 30 -10.91 -14.85 -18.81
CA ALA B 30 -9.78 -14.84 -17.87
C ALA B 30 -10.03 -15.79 -16.70
N PHE B 31 -11.27 -15.88 -16.23
CA PHE B 31 -11.61 -16.82 -15.17
C PHE B 31 -11.43 -18.26 -15.62
N VAL B 32 -11.83 -18.57 -16.86
CA VAL B 32 -11.64 -19.91 -17.39
C VAL B 32 -10.15 -20.22 -17.55
N CYS B 33 -9.36 -19.23 -17.97
CA CYS B 33 -7.92 -19.42 -18.04
C CYS B 33 -7.33 -19.67 -16.66
N PHE B 34 -7.84 -18.97 -15.65
CA PHE B 34 -7.41 -19.22 -14.28
C PHE B 34 -7.75 -20.65 -13.86
N ILE B 35 -8.98 -21.09 -14.14
CA ILE B 35 -9.41 -22.43 -13.75
C ILE B 35 -8.56 -23.49 -14.43
N PHE B 36 -8.24 -23.29 -15.71
CA PHE B 36 -7.48 -24.29 -16.44
C PHE B 36 -6.01 -24.29 -16.06
N PHE B 37 -5.34 -23.15 -16.22
CA PHE B 37 -3.90 -23.08 -16.01
C PHE B 37 -3.50 -23.10 -14.54
N TYR B 38 -4.41 -22.79 -13.63
CA TYR B 38 -4.05 -22.67 -12.22
C TYR B 38 -4.79 -23.66 -11.33
N LEU B 39 -6.11 -23.67 -11.34
CA LEU B 39 -6.86 -24.43 -10.34
C LEU B 39 -6.75 -25.93 -10.59
N LEU B 40 -6.95 -26.35 -11.84
CA LEU B 40 -6.80 -27.77 -12.16
C LEU B 40 -5.35 -28.21 -12.01
N ARG B 41 -4.41 -27.35 -12.38
CA ARG B 41 -3.01 -27.66 -12.19
C ARG B 41 -2.67 -27.81 -10.72
N SER B 42 -3.19 -26.93 -9.87
CA SER B 42 -2.93 -27.03 -8.44
C SER B 42 -3.57 -28.28 -7.84
N ILE B 43 -4.77 -28.64 -8.32
CA ILE B 43 -5.41 -29.87 -7.86
C ILE B 43 -4.57 -31.07 -8.25
N ARG B 44 -4.08 -31.11 -9.49
CA ARG B 44 -3.24 -32.22 -9.92
C ARG B 44 -1.96 -32.28 -9.11
N ILE B 45 -1.37 -31.12 -8.79
CA ILE B 45 -0.16 -31.09 -7.97
C ILE B 45 -0.44 -31.64 -6.58
N ILE B 46 -1.57 -31.25 -5.99
CA ILE B 46 -1.91 -31.71 -4.64
C ILE B 46 -2.12 -33.23 -4.62
N TYR B 47 -2.86 -33.75 -5.60
CA TYR B 47 -3.07 -35.19 -5.65
C TYR B 47 -1.77 -35.95 -5.93
N GLY B 48 -0.90 -35.37 -6.76
CA GLY B 48 0.41 -35.99 -6.97
C GLY B 48 1.23 -36.03 -5.70
N LEU B 49 1.23 -34.94 -4.93
CA LEU B 49 1.95 -34.91 -3.67
C LEU B 49 1.39 -35.93 -2.69
N LYS B 50 0.07 -36.06 -2.63
CA LYS B 50 -0.53 -37.06 -1.76
C LYS B 50 -0.13 -38.47 -2.16
N LYS B 51 -0.15 -38.76 -3.47
CA LYS B 51 0.25 -40.08 -3.95
C LYS B 51 1.71 -40.35 -3.65
N TYR B 52 2.58 -39.37 -3.85
CA TYR B 52 4.00 -39.54 -3.58
C TYR B 52 4.24 -39.77 -2.09
N THR B 53 3.57 -39.03 -1.22
CA THR B 53 3.73 -39.24 0.24
C THR B 53 3.38 -40.69 0.58
N ARG B 54 2.31 -41.27 0.08
CA ARG B 54 1.87 -42.66 0.37
C ARG B 54 2.97 -43.66 0.06
N SER B 55 3.59 -43.57 -1.09
CA SER B 55 4.70 -44.45 -1.50
C SER B 55 5.95 -44.35 -0.60
N ILE B 56 6.32 -43.14 -0.23
CA ILE B 56 7.46 -42.91 0.66
C ILE B 56 7.07 -43.45 2.03
N ASN B 57 5.82 -43.36 2.43
CA ASN B 57 5.43 -43.81 3.79
C ASN B 57 5.29 -45.32 3.70
N SER B 58 5.70 -45.90 2.58
CA SER B 58 5.52 -47.36 2.35
C SER B 58 6.86 -48.07 2.30
N ILE B 59 7.92 -47.34 2.01
CA ILE B 59 9.28 -47.93 1.90
C ILE B 59 10.02 -47.57 3.17
N GLU B 60 9.32 -47.10 4.18
CA GLU B 60 10.02 -46.62 5.37
C GLU B 60 10.72 -47.78 6.10
N LYS B 61 10.39 -49.02 5.78
CA LYS B 61 11.00 -50.17 6.49
C LYS B 61 11.82 -51.03 5.54
N SER B 62 12.15 -50.53 4.36
CA SER B 62 12.91 -51.31 3.36
C SER B 62 14.40 -51.09 3.55
N ALA B 63 15.21 -51.88 2.88
CA ALA B 63 16.68 -51.78 2.99
C ALA B 63 17.07 -50.49 2.31
N PRO B 64 18.16 -49.79 2.69
CA PRO B 64 18.47 -48.47 2.12
C PRO B 64 18.61 -48.50 0.60
N GLU B 65 19.22 -49.54 0.04
CA GLU B 65 19.28 -49.65 -1.41
C GLU B 65 17.88 -49.76 -2.01
N VAL B 66 17.09 -50.73 -1.55
CA VAL B 66 15.76 -50.95 -2.11
C VAL B 66 14.93 -49.68 -2.03
N GLN B 67 15.03 -48.97 -0.90
CA GLN B 67 14.42 -47.65 -0.79
C GLN B 67 14.92 -46.72 -1.89
N LEU B 68 16.22 -46.78 -2.18
CA LEU B 68 16.81 -45.81 -3.10
C LEU B 68 16.34 -46.06 -4.53
N GLU B 69 16.33 -47.32 -4.98
CA GLU B 69 15.77 -47.58 -6.32
C GLU B 69 14.26 -47.36 -6.37
N HIS B 70 13.54 -47.65 -5.27
CA HIS B 70 12.11 -47.37 -5.28
C HIS B 70 11.84 -45.88 -5.44
N LEU B 71 12.61 -45.04 -4.74
CA LEU B 71 12.44 -43.60 -4.87
C LEU B 71 12.90 -43.10 -6.24
N LYS B 72 13.95 -43.71 -6.79
CA LYS B 72 14.40 -43.30 -8.11
C LYS B 72 13.36 -43.60 -9.18
N SER B 73 12.73 -44.78 -9.11
CA SER B 73 11.69 -45.12 -10.07
C SER B 73 10.38 -44.39 -9.79
N LEU B 74 10.17 -43.94 -8.55
CA LEU B 74 8.91 -43.26 -8.22
C LEU B 74 8.83 -41.89 -8.87
N PHE B 75 9.93 -41.15 -8.89
CA PHE B 75 9.92 -39.75 -9.29
C PHE B 75 10.17 -39.66 -10.80
N GLN B 76 9.09 -39.54 -11.58
CA GLN B 76 9.16 -39.37 -13.03
C GLN B 76 8.37 -38.11 -13.37
N ARG B 77 8.94 -36.91 -13.21
CA ARG B 77 8.33 -35.59 -13.56
C ARG B 77 9.68 -34.98 -13.94
N SER B 78 9.73 -33.87 -14.66
CA SER B 78 10.92 -33.06 -14.92
C SER B 78 11.42 -32.24 -13.72
N GLU B 79 10.53 -31.50 -13.08
CA GLU B 79 10.89 -30.80 -11.86
C GLU B 79 11.21 -31.75 -10.72
N LEU B 80 10.35 -32.76 -10.51
CA LEU B 80 10.60 -33.70 -9.42
C LEU B 80 11.71 -34.68 -9.76
N LYS B 81 11.91 -35.02 -11.03
CA LYS B 81 13.06 -35.84 -11.38
C LYS B 81 14.36 -35.12 -11.06
N HIS B 82 14.46 -33.84 -11.43
CA HIS B 82 15.65 -33.07 -11.10
C HIS B 82 15.80 -32.90 -9.59
N ALA B 83 14.69 -32.63 -8.89
CA ALA B 83 14.76 -32.46 -7.45
C ALA B 83 15.21 -33.74 -6.76
N TRP B 84 14.71 -34.89 -7.23
CA TRP B 84 15.15 -36.16 -6.67
C TRP B 84 16.63 -36.42 -6.95
N ASN B 85 17.09 -36.10 -8.16
CA ASN B 85 18.51 -36.30 -8.47
C ASN B 85 19.39 -35.45 -7.56
N GLU B 86 19.01 -34.19 -7.36
CA GLU B 86 19.80 -33.32 -6.48
C GLU B 86 19.72 -33.79 -5.04
N PHE B 87 18.55 -34.21 -4.58
CA PHE B 87 18.41 -34.71 -3.22
C PHE B 87 19.25 -35.97 -3.00
N GLU B 88 19.25 -36.87 -3.98
CA GLU B 88 20.07 -38.07 -3.89
C GLU B 88 21.56 -37.72 -3.88
N GLU B 89 21.95 -36.70 -4.64
CA GLU B 89 23.31 -36.19 -4.51
C GLU B 89 23.58 -35.68 -3.10
N SER B 90 22.57 -35.11 -2.45
CA SER B 90 22.75 -34.62 -1.09
C SER B 90 22.84 -35.73 -0.06
N LEU B 91 22.36 -36.93 -0.38
CA LEU B 91 22.43 -38.05 0.56
C LEU B 91 23.82 -38.67 0.56
N HIS B 92 24.28 -39.01 1.76
CA HIS B 92 25.59 -39.62 1.96
C HIS B 92 25.39 -41.09 2.29
N SER B 93 25.87 -41.96 1.41
CA SER B 93 25.79 -43.40 1.62
C SER B 93 27.00 -43.87 2.41
N GLN B 94 26.75 -44.70 3.42
CA GLN B 94 27.81 -45.24 4.25
C GLN B 94 28.07 -46.69 3.84
N TYR B 95 29.32 -47.01 3.56
CA TYR B 95 29.72 -48.34 3.15
C TYR B 95 30.53 -49.00 4.26
N GLU B 96 30.29 -50.29 4.48
CA GLU B 96 31.11 -51.09 5.37
C GLU B 96 31.50 -52.37 4.66
N LEU B 97 32.72 -52.84 4.92
CA LEU B 97 33.24 -54.03 4.25
C LEU B 97 32.52 -55.26 4.78
N GLU B 98 31.60 -55.79 3.98
CA GLU B 98 30.85 -57.00 4.33
C GLU B 98 31.03 -58.02 3.21
N ASN B 99 31.36 -59.25 3.59
CA ASN B 99 31.55 -60.35 2.65
C ASN B 99 32.61 -60.01 1.60
N GLY B 100 33.64 -59.29 2.02
CA GLY B 100 34.73 -58.94 1.13
C GLY B 100 34.41 -57.88 0.10
N GLU B 101 33.30 -57.15 0.25
CA GLU B 101 32.92 -56.10 -0.69
C GLU B 101 32.32 -54.93 0.08
N GLU B 102 32.23 -53.80 -0.61
CA GLU B 102 31.69 -52.57 -0.05
C GLU B 102 30.19 -52.53 -0.32
N LYS B 103 29.38 -52.58 0.73
CA LYS B 103 27.93 -52.59 0.62
C LYS B 103 27.35 -51.44 1.44
N ILE B 104 26.31 -50.81 0.90
CA ILE B 104 25.63 -49.72 1.61
C ILE B 104 24.95 -50.30 2.84
N VAL B 105 25.20 -49.70 3.99
CA VAL B 105 24.62 -50.15 5.25
C VAL B 105 23.62 -49.11 5.75
N ARG B 106 23.86 -47.85 5.39
CA ARG B 106 23.06 -46.74 5.91
C ARG B 106 23.22 -45.56 4.98
N ILE B 107 22.12 -44.83 4.77
CA ILE B 107 22.13 -43.61 3.97
C ILE B 107 21.76 -42.45 4.87
N ARG B 108 22.57 -41.39 4.83
CA ARG B 108 22.44 -40.26 5.73
C ARG B 108 22.04 -39.01 4.95
N ALA B 109 21.22 -38.18 5.57
CA ALA B 109 20.79 -36.93 4.97
C ALA B 109 21.71 -35.80 5.41
N THR B 110 22.22 -35.04 4.45
CA THR B 110 23.07 -33.90 4.74
C THR B 110 22.34 -32.57 4.61
N ALA B 111 21.22 -32.54 3.91
CA ALA B 111 20.39 -31.35 3.76
C ALA B 111 18.94 -31.75 3.86
N PRO B 112 18.07 -30.86 4.33
CA PRO B 112 16.63 -31.17 4.37
C PRO B 112 16.07 -31.34 2.96
N SER B 113 15.07 -32.21 2.86
CA SER B 113 14.47 -32.51 1.57
C SER B 113 13.80 -31.30 0.95
N ALA B 114 13.38 -30.32 1.76
CA ALA B 114 12.76 -29.11 1.24
C ALA B 114 13.74 -28.20 0.52
N SER B 115 15.05 -28.42 0.68
CA SER B 115 16.03 -27.65 -0.08
C SER B 115 15.98 -27.95 -1.57
N PHE B 116 15.39 -29.07 -1.95
CA PHE B 116 15.28 -29.49 -3.33
C PHE B 116 13.85 -29.63 -3.80
N PHE B 117 12.98 -30.20 -2.97
CA PHE B 117 11.54 -30.24 -3.23
C PHE B 117 10.87 -29.01 -2.61
N SER B 118 11.34 -27.85 -3.03
CA SER B 118 10.93 -26.59 -2.43
C SER B 118 9.62 -26.08 -3.04
N GLU B 119 9.08 -25.04 -2.40
CA GLU B 119 7.80 -24.48 -2.84
C GLU B 119 7.93 -23.81 -4.20
N GLN B 120 9.03 -23.10 -4.44
CA GLN B 120 9.19 -22.41 -5.72
C GLN B 120 9.29 -23.40 -6.88
N GLN B 121 10.06 -24.46 -6.70
CA GLN B 121 10.30 -25.42 -7.77
C GLN B 121 9.11 -26.32 -8.05
N LEU B 122 8.26 -26.55 -7.05
CA LEU B 122 7.19 -27.52 -7.16
C LEU B 122 5.79 -26.92 -7.24
N VAL B 123 5.60 -25.68 -6.77
CA VAL B 123 4.28 -25.06 -6.72
C VAL B 123 4.30 -23.72 -7.44
N ASP B 124 5.18 -22.82 -7.02
CA ASP B 124 5.11 -21.44 -7.50
C ASP B 124 5.41 -21.34 -8.99
N ILE B 125 6.39 -22.07 -9.48
CA ILE B 125 6.76 -21.99 -10.89
C ILE B 125 5.78 -22.80 -11.75
N PRO B 126 5.41 -24.03 -11.38
CA PRO B 126 4.38 -24.73 -12.17
C PRO B 126 3.06 -23.97 -12.27
N LEU B 127 2.65 -23.29 -11.20
CA LEU B 127 1.37 -22.61 -11.16
C LEU B 127 1.43 -21.17 -11.65
N ASN B 128 2.63 -20.67 -11.98
CA ASN B 128 2.83 -19.27 -12.37
C ASN B 128 2.23 -18.32 -11.33
N THR B 129 2.48 -18.61 -10.06
CA THR B 129 1.92 -17.78 -9.00
C THR B 129 2.49 -16.37 -9.03
N GLU B 130 3.62 -16.15 -9.70
CA GLU B 130 4.13 -14.79 -9.86
C GLU B 130 3.23 -13.96 -10.76
N PHE B 131 2.40 -14.62 -11.58
CA PHE B 131 1.41 -13.95 -12.40
C PHE B 131 0.01 -14.01 -11.80
N PHE B 132 -0.43 -15.21 -11.41
CA PHE B 132 -1.83 -15.41 -11.04
C PHE B 132 -2.20 -14.76 -9.72
N LYS B 133 -1.23 -14.39 -8.89
CA LYS B 133 -1.56 -13.65 -7.68
C LYS B 133 -1.95 -12.21 -7.98
N HIS B 134 -1.68 -11.72 -9.19
CA HIS B 134 -2.07 -10.39 -9.61
C HIS B 134 -3.23 -10.39 -10.59
N LEU B 135 -3.80 -11.56 -10.90
CA LEU B 135 -4.94 -11.63 -11.79
C LEU B 135 -6.19 -10.91 -11.26
N PRO B 136 -6.57 -11.01 -9.98
CA PRO B 136 -7.77 -10.30 -9.54
C PRO B 136 -7.70 -8.79 -9.76
N GLY B 137 -6.54 -8.19 -9.59
CA GLY B 137 -6.39 -6.79 -9.90
C GLY B 137 -6.62 -6.50 -11.37
N ILE B 138 -6.16 -7.41 -12.24
CA ILE B 138 -6.39 -7.26 -13.67
C ILE B 138 -7.89 -7.34 -13.98
N LEU B 139 -8.59 -8.28 -13.35
CA LEU B 139 -10.04 -8.43 -13.59
C LEU B 139 -10.79 -7.18 -13.16
N THR B 140 -10.46 -6.68 -11.97
CA THR B 140 -11.11 -5.46 -11.49
C THR B 140 -10.79 -4.28 -12.39
N GLY B 141 -9.56 -4.21 -12.89
CA GLY B 141 -9.22 -3.16 -13.82
C GLY B 141 -10.01 -3.21 -15.11
N MET B 142 -10.20 -4.43 -15.64
CA MET B 142 -11.05 -4.58 -16.82
C MET B 142 -12.47 -4.09 -16.55
N GLY B 143 -13.01 -4.46 -15.39
CA GLY B 143 -14.34 -3.99 -15.04
C GLY B 143 -14.42 -2.48 -14.91
N ILE B 144 -13.40 -1.87 -14.31
CA ILE B 144 -13.40 -0.41 -14.14
C ILE B 144 -13.29 0.27 -15.51
N ILE B 145 -12.50 -0.28 -16.43
CA ILE B 145 -12.40 0.29 -17.76
C ILE B 145 -13.75 0.21 -18.47
N GLY B 146 -14.42 -0.94 -18.35
CA GLY B 146 -15.74 -1.05 -18.94
C GLY B 146 -16.72 -0.06 -18.36
N THR B 147 -16.67 0.13 -17.04
CA THR B 147 -17.55 1.11 -16.40
C THR B 147 -17.28 2.51 -16.90
N PHE B 148 -16.00 2.89 -17.01
CA PHE B 148 -15.64 4.21 -17.51
C PHE B 148 -16.14 4.41 -18.94
N TYR B 149 -15.98 3.40 -19.79
CA TYR B 149 -16.38 3.53 -21.18
C TYR B 149 -17.90 3.66 -21.29
N GLY B 150 -18.63 2.89 -20.48
CA GLY B 150 -20.08 3.04 -20.43
C GLY B 150 -20.50 4.41 -19.91
N LEU B 151 -19.75 4.95 -18.95
CA LEU B 151 -20.04 6.29 -18.46
C LEU B 151 -19.81 7.34 -19.53
N MET B 152 -18.77 7.18 -20.35
CA MET B 152 -18.60 8.10 -21.47
C MET B 152 -19.77 8.02 -22.43
N ILE B 153 -20.23 6.81 -22.74
CA ILE B 153 -21.39 6.67 -23.62
C ILE B 153 -22.60 7.39 -23.02
N GLY B 154 -22.87 7.14 -21.74
CA GLY B 154 -24.02 7.75 -21.11
C GLY B 154 -23.94 9.27 -21.05
N LEU B 155 -22.76 9.80 -20.75
CA LEU B 155 -22.58 11.25 -20.68
C LEU B 155 -22.68 11.88 -22.07
N ASN B 156 -22.21 11.18 -23.11
CA ASN B 156 -22.40 11.68 -24.45
C ASN B 156 -23.87 11.73 -24.83
N HIS B 157 -24.66 10.78 -24.34
CA HIS B 157 -26.09 10.80 -24.63
C HIS B 157 -26.84 11.89 -23.87
N PHE B 158 -26.27 12.44 -22.81
CA PHE B 158 -27.00 13.34 -21.92
C PHE B 158 -26.92 14.77 -22.43
N ASP B 159 -28.07 15.35 -22.74
CA ASP B 159 -28.14 16.72 -23.25
C ASP B 159 -29.56 17.27 -23.08
N PRO B 160 -29.92 17.74 -21.88
CA PRO B 160 -31.26 18.33 -21.67
C PRO B 160 -31.37 19.78 -22.12
N SER B 161 -31.63 19.96 -23.42
CA SER B 161 -31.72 21.30 -23.99
C SER B 161 -33.03 22.01 -23.65
N THR B 162 -33.99 21.33 -23.03
CA THR B 162 -35.29 21.87 -22.72
C THR B 162 -35.62 21.53 -21.27
N PRO B 163 -36.31 22.42 -20.56
CA PRO B 163 -36.72 22.09 -19.18
C PRO B 163 -37.59 20.84 -19.10
N GLU B 164 -38.35 20.53 -20.14
CA GLU B 164 -39.19 19.34 -20.14
C GLU B 164 -38.42 18.07 -20.49
N GLN B 165 -37.18 18.19 -20.96
CA GLN B 165 -36.34 17.04 -21.27
C GLN B 165 -35.41 16.65 -20.13
N VAL B 166 -35.48 17.33 -18.99
CA VAL B 166 -34.51 17.07 -17.92
C VAL B 166 -34.74 15.71 -17.29
N SER B 167 -36.00 15.37 -17.00
CA SER B 167 -36.29 14.10 -16.34
C SER B 167 -35.89 12.92 -17.21
N SER B 168 -36.22 12.97 -18.50
CA SER B 168 -35.86 11.88 -19.40
C SER B 168 -34.35 11.73 -19.51
N SER B 169 -33.63 12.85 -19.63
CA SER B 169 -32.18 12.79 -19.73
C SER B 169 -31.56 12.21 -18.47
N VAL B 170 -32.05 12.63 -17.30
CA VAL B 170 -31.52 12.12 -16.04
C VAL B 170 -31.79 10.62 -15.92
N ASN B 171 -32.99 10.18 -16.28
CA ASN B 171 -33.32 8.76 -16.19
C ASN B 171 -32.46 7.93 -17.14
N ASN B 172 -32.27 8.41 -18.36
CA ASN B 172 -31.42 7.67 -19.30
C ASN B 172 -29.99 7.60 -18.83
N LEU B 173 -29.47 8.69 -18.25
CA LEU B 173 -28.11 8.66 -17.74
C LEU B 173 -27.99 7.70 -16.57
N LEU B 174 -29.00 7.64 -15.71
CA LEU B 174 -28.97 6.67 -14.61
C LEU B 174 -29.01 5.25 -15.14
N ARG B 175 -29.74 5.01 -16.24
CA ARG B 175 -29.73 3.68 -16.85
C ARG B 175 -28.35 3.32 -17.40
N ASP B 176 -27.68 4.28 -18.04
CA ASP B 176 -26.33 4.01 -18.54
C ASP B 176 -25.37 3.74 -17.39
N VAL B 177 -25.52 4.46 -16.29
CA VAL B 177 -24.74 4.18 -15.09
C VAL B 177 -25.02 2.78 -14.59
N LEU B 178 -26.28 2.33 -14.69
CA LEU B 178 -26.64 0.98 -14.31
C LEU B 178 -25.87 -0.05 -15.13
N TYR B 179 -25.79 0.17 -16.45
CA TYR B 179 -25.02 -0.74 -17.31
C TYR B 179 -23.56 -0.80 -16.89
N ALA B 180 -22.95 0.38 -16.73
CA ALA B 180 -21.53 0.43 -16.36
C ALA B 180 -21.27 -0.26 -15.02
N PHE B 181 -22.16 -0.02 -14.05
CA PHE B 181 -22.02 -0.67 -12.75
C PHE B 181 -22.22 -2.18 -12.86
N LEU B 182 -23.05 -2.64 -13.79
CA LEU B 182 -23.17 -4.08 -14.00
C LEU B 182 -21.83 -4.68 -14.40
N GLY B 183 -21.17 -4.03 -15.35
CA GLY B 183 -19.85 -4.52 -15.74
C GLY B 183 -18.88 -4.56 -14.57
N SER B 184 -18.83 -3.47 -13.80
CA SER B 184 -17.90 -3.41 -12.67
C SER B 184 -18.23 -4.48 -11.62
N ALA B 185 -19.52 -4.65 -11.30
CA ALA B 185 -19.92 -5.59 -10.28
C ALA B 185 -19.57 -7.02 -10.67
N PHE B 186 -19.80 -7.40 -11.93
CA PHE B 186 -19.42 -8.75 -12.35
C PHE B 186 -17.91 -8.93 -12.26
N ALA B 187 -17.14 -7.94 -12.71
CA ALA B 187 -15.69 -8.09 -12.67
C ALA B 187 -15.18 -8.25 -11.24
N ILE B 188 -15.73 -7.46 -10.31
CA ILE B 188 -15.27 -7.54 -8.92
C ILE B 188 -15.70 -8.84 -8.26
N PHE B 189 -16.91 -9.32 -8.57
CA PHE B 189 -17.32 -10.62 -8.05
C PHE B 189 -16.38 -11.72 -8.52
N ALA B 190 -16.05 -11.71 -9.81
CA ALA B 190 -15.13 -12.71 -10.35
C ALA B 190 -13.75 -12.60 -9.71
N SER B 191 -13.28 -11.37 -9.48
CA SER B 191 -11.98 -11.19 -8.86
C SER B 191 -11.96 -11.74 -7.44
N ILE B 192 -13.02 -11.50 -6.68
CA ILE B 192 -13.09 -12.03 -5.32
C ILE B 192 -13.11 -13.55 -5.32
N LEU B 193 -13.89 -14.13 -6.24
CA LEU B 193 -13.94 -15.60 -6.35
C LEU B 193 -12.57 -16.16 -6.71
N VAL B 194 -11.88 -15.52 -7.66
CA VAL B 194 -10.54 -15.96 -8.06
C VAL B 194 -9.56 -15.87 -6.90
N THR B 195 -9.63 -14.77 -6.14
CA THR B 195 -8.73 -14.62 -4.99
C THR B 195 -8.97 -15.72 -3.98
N TRP B 196 -10.24 -16.01 -3.68
CA TRP B 196 -10.56 -17.06 -2.71
C TRP B 196 -10.00 -18.40 -3.15
N LEU B 197 -10.30 -18.79 -4.39
CA LEU B 197 -9.82 -20.09 -4.88
C LEU B 197 -8.30 -20.15 -4.93
N GLU B 198 -7.66 -19.07 -5.37
CA GLU B 198 -6.21 -19.06 -5.55
C GLU B 198 -5.49 -19.15 -4.21
N LYS B 199 -5.96 -18.39 -3.21
CA LYS B 199 -5.35 -18.47 -1.89
C LYS B 199 -5.58 -19.83 -1.25
N LEU B 200 -6.78 -20.40 -1.40
CA LEU B 200 -7.04 -21.71 -0.83
C LEU B 200 -6.16 -22.77 -1.49
N SER B 201 -5.97 -22.68 -2.80
CA SER B 201 -5.11 -23.62 -3.50
C SER B 201 -3.66 -23.51 -3.03
N ILE B 202 -3.17 -22.30 -2.84
CA ILE B 202 -1.81 -22.15 -2.29
C ILE B 202 -1.70 -22.76 -0.92
N ALA B 203 -2.67 -22.52 -0.05
CA ALA B 203 -2.59 -23.08 1.30
C ALA B 203 -2.57 -24.60 1.26
N LYS B 204 -3.46 -25.21 0.47
CA LYS B 204 -3.50 -26.66 0.38
C LYS B 204 -2.21 -27.22 -0.20
N SER B 205 -1.70 -26.58 -1.26
CA SER B 205 -0.48 -27.06 -1.89
C SER B 205 0.70 -27.00 -0.94
N TYR B 206 0.82 -25.91 -0.19
CA TYR B 206 1.93 -25.80 0.76
C TYR B 206 1.82 -26.81 1.88
N LYS B 207 0.61 -27.04 2.39
CA LYS B 207 0.43 -28.05 3.43
C LYS B 207 0.83 -29.44 2.92
N TYR B 208 0.39 -29.79 1.71
CA TYR B 208 0.66 -31.13 1.22
C TYR B 208 2.12 -31.29 0.80
N LEU B 209 2.76 -30.22 0.33
CA LEU B 209 4.19 -30.27 0.06
C LEU B 209 4.99 -30.44 1.35
N GLU B 210 4.56 -29.78 2.43
CA GLU B 210 5.20 -30.01 3.72
C GLU B 210 5.06 -31.47 4.15
N LYS B 211 3.87 -32.05 3.98
CA LYS B 211 3.71 -33.46 4.33
C LYS B 211 4.62 -34.34 3.48
N PHE B 212 4.75 -34.03 2.19
CA PHE B 212 5.61 -34.81 1.30
C PHE B 212 7.07 -34.74 1.74
N THR B 213 7.57 -33.53 1.99
CA THR B 213 8.97 -33.39 2.39
C THR B 213 9.23 -33.95 3.77
N ALA B 214 8.25 -33.88 4.67
CA ALA B 214 8.39 -34.53 5.97
C ALA B 214 8.49 -36.05 5.80
N ALA B 215 7.70 -36.61 4.88
CA ALA B 215 7.84 -38.04 4.59
C ALA B 215 9.22 -38.36 4.06
N LEU B 216 9.74 -37.53 3.16
CA LEU B 216 11.09 -37.76 2.64
C LEU B 216 12.15 -37.56 3.71
N ASP B 217 11.98 -36.56 4.57
CA ASP B 217 12.96 -36.30 5.62
C ASP B 217 13.04 -37.43 6.63
N SER B 218 11.94 -38.17 6.82
CA SER B 218 11.92 -39.22 7.82
C SER B 218 12.68 -40.45 7.40
N LEU B 219 12.97 -40.60 6.11
CA LEU B 219 13.64 -41.82 5.64
C LEU B 219 15.10 -41.86 6.04
N TYR B 220 15.75 -40.71 6.20
CA TYR B 220 17.18 -40.64 6.37
C TYR B 220 17.54 -39.80 7.58
N ASP B 221 18.70 -40.09 8.17
CA ASP B 221 19.15 -39.46 9.40
C ASP B 221 20.31 -38.52 9.10
N SER B 222 20.41 -37.45 9.88
CA SER B 222 21.45 -36.45 9.71
C SER B 222 22.54 -36.63 10.77
N GLY B 223 23.48 -35.69 10.82
CA GLY B 223 24.54 -35.72 11.79
C GLY B 223 25.71 -36.61 11.44
N VAL B 224 25.92 -36.90 10.16
CA VAL B 224 27.02 -37.78 9.78
C VAL B 224 28.37 -37.07 9.92
N GLY B 225 28.43 -35.77 9.69
CA GLY B 225 29.69 -35.06 9.80
C GLY B 225 30.23 -35.02 11.22
N GLU B 226 29.34 -34.76 12.19
CA GLU B 226 29.76 -34.77 13.59
C GLU B 226 30.21 -36.15 14.03
N GLU B 227 29.52 -37.19 13.55
CA GLU B 227 29.94 -38.55 13.85
C GLU B 227 31.32 -38.84 13.28
N TYR B 228 31.57 -38.39 12.05
CA TYR B 228 32.89 -38.58 11.45
C TYR B 228 33.97 -37.84 12.22
N LEU B 229 33.69 -36.62 12.66
CA LEU B 229 34.67 -35.86 13.44
C LEU B 229 34.94 -36.52 14.79
N ALA B 230 33.89 -37.01 15.45
CA ALA B 230 34.08 -37.71 16.71
C ALA B 230 34.91 -38.96 16.52
N SER B 231 34.64 -39.70 15.43
CA SER B 231 35.43 -40.88 15.13
C SER B 231 36.89 -40.52 14.86
N LEU B 232 37.13 -39.42 14.15
CA LEU B 232 38.51 -38.99 13.88
C LEU B 232 39.25 -38.61 15.15
N VAL B 233 38.57 -37.88 16.05
CA VAL B 233 39.19 -37.50 17.30
C VAL B 233 39.51 -38.74 18.14
N LYS B 234 38.57 -39.69 18.19
CA LYS B 234 38.81 -40.92 18.94
C LYS B 234 39.97 -41.70 18.33
N SER B 235 40.06 -41.73 17.00
CA SER B 235 41.13 -42.44 16.33
C SER B 235 42.50 -41.82 16.64
N SER B 236 42.57 -40.49 16.65
CA SER B 236 43.83 -39.84 16.99
C SER B 236 44.24 -40.12 18.43
N ASN B 237 43.28 -40.03 19.35
CA ASN B 237 43.57 -40.29 20.76
C ASN B 237 44.03 -41.73 20.96
N GLU B 238 43.41 -42.67 20.27
CA GLU B 238 43.82 -44.07 20.36
C GLU B 238 45.16 -44.31 19.67
N SER B 239 45.44 -43.55 18.60
CA SER B 239 46.67 -43.77 17.83
C SER B 239 47.89 -43.31 18.60
N ALA B 240 47.76 -42.27 19.43
CA ALA B 240 48.89 -41.89 20.28
C ALA B 240 49.31 -43.05 21.19
N THR B 241 48.35 -43.62 21.92
CA THR B 241 48.65 -44.76 22.78
C THR B 241 49.08 -45.98 21.98
N GLN B 242 48.54 -46.15 20.77
CA GLN B 242 48.97 -47.24 19.92
C GLN B 242 50.44 -47.12 19.56
N ALA B 243 50.89 -45.93 19.20
CA ALA B 243 52.30 -45.72 18.89
C ALA B 243 53.17 -46.02 20.10
N ARG B 244 52.76 -45.52 21.27
CA ARG B 244 53.55 -45.77 22.48
C ARG B 244 53.63 -47.26 22.79
N HIS B 245 52.50 -47.96 22.72
CA HIS B 245 52.48 -49.38 23.03
C HIS B 245 53.26 -50.19 22.00
N LEU B 246 53.16 -49.82 20.72
CA LEU B 246 53.91 -50.52 19.69
C LEU B 246 55.40 -50.37 19.90
N LYS B 247 55.84 -49.15 20.24
CA LYS B 247 57.26 -48.94 20.54
C LYS B 247 57.70 -49.78 21.74
N GLU B 248 56.91 -49.78 22.80
CA GLU B 248 57.29 -50.53 24.00
C GLU B 248 57.36 -52.03 23.70
N SER B 249 56.38 -52.55 22.95
CA SER B 249 56.39 -53.96 22.61
C SER B 249 57.58 -54.30 21.71
N LEU B 250 57.91 -53.42 20.77
CA LEU B 250 59.07 -53.66 19.91
C LEU B 250 60.35 -53.70 20.73
N VAL B 251 60.50 -52.77 21.69
CA VAL B 251 61.68 -52.77 22.54
C VAL B 251 61.76 -54.05 23.37
N THR B 252 60.63 -54.48 23.92
CA THR B 252 60.63 -55.71 24.71
C THR B 252 61.01 -56.92 23.86
N ASP B 253 60.46 -56.99 22.63
CA ASP B 253 60.79 -58.09 21.74
C ASP B 253 62.26 -58.08 21.35
N LEU B 254 62.82 -56.88 21.12
CA LEU B 254 64.25 -56.78 20.85
C LEU B 254 65.07 -57.24 22.04
N ARG B 255 64.65 -56.90 23.26
CA ARG B 255 65.34 -57.35 24.46
C ARG B 255 65.36 -58.87 24.54
N ASP B 256 64.19 -59.49 24.33
CA ASP B 256 64.11 -60.95 24.38
C ASP B 256 64.97 -61.59 23.30
N MET B 257 64.92 -61.03 22.09
CA MET B 257 65.68 -61.58 20.97
C MET B 257 67.19 -61.46 21.21
N LEU B 258 67.64 -60.33 21.75
CA LEU B 258 69.07 -60.18 22.03
C LEU B 258 69.51 -61.07 23.19
N LEU B 259 68.65 -61.27 24.20
CA LEU B 259 68.99 -62.22 25.25
C LEU B 259 69.13 -63.63 24.68
N HIS B 260 68.23 -64.02 23.79
CA HIS B 260 68.35 -65.34 23.16
C HIS B 260 69.61 -65.44 22.32
N LEU B 261 69.96 -64.36 21.60
CA LEU B 261 71.19 -64.36 20.82
C LEU B 261 72.42 -64.51 21.71
N ALA B 262 72.43 -63.82 22.85
CA ALA B 262 73.56 -63.93 23.77
C ALA B 262 73.66 -65.34 24.34
N GLU B 263 72.52 -65.95 24.69
CA GLU B 263 72.53 -67.32 25.19
C GLU B 263 73.05 -68.29 24.13
N SER B 264 72.62 -68.11 22.87
CA SER B 264 73.09 -68.97 21.80
C SER B 264 74.58 -68.79 21.58
N GLN B 265 75.08 -67.56 21.63
CA GLN B 265 76.51 -67.32 21.49
C GLN B 265 77.29 -67.98 22.63
N LYS B 266 76.77 -67.90 23.85
CA LYS B 266 77.43 -68.55 24.98
C LYS B 266 77.50 -70.06 24.77
N ILE B 267 76.40 -70.69 24.38
CA ILE B 267 76.40 -72.12 24.16
C ILE B 267 77.38 -72.49 23.04
N GLU B 268 77.35 -71.73 21.94
CA GLU B 268 78.16 -72.08 20.79
C GLU B 268 79.65 -71.90 21.08
N ASN B 269 80.03 -70.84 21.78
CA ASN B 269 81.46 -70.64 22.05
C ASN B 269 81.94 -71.56 23.15
N GLU B 270 81.06 -71.98 24.07
CA GLU B 270 81.44 -73.04 25.00
C GLU B 270 81.70 -74.35 24.26
N ARG B 271 80.85 -74.68 23.30
CA ARG B 271 81.09 -75.87 22.48
C ARG B 271 82.39 -75.73 21.70
N LEU B 272 82.64 -74.53 21.16
CA LEU B 272 83.90 -74.27 20.46
C LEU B 272 85.10 -74.50 21.36
N ALA B 273 85.06 -73.98 22.58
CA ALA B 273 86.16 -74.16 23.52
C ALA B 273 86.36 -75.62 23.86
N ASN B 274 85.27 -76.36 24.09
CA ASN B 274 85.39 -77.78 24.39
C ASN B 274 86.01 -78.54 23.23
N THR B 275 85.54 -78.27 22.02
CA THR B 275 86.08 -78.96 20.84
C THR B 275 87.56 -78.63 20.63
N LEU B 276 87.92 -77.36 20.79
CA LEU B 276 89.32 -76.97 20.62
C LEU B 276 90.21 -77.61 21.68
N SER B 277 89.75 -77.65 22.92
CA SER B 277 90.54 -78.27 23.98
C SER B 277 90.70 -79.76 23.74
N ALA B 278 89.63 -80.43 23.30
CA ALA B 278 89.73 -81.86 23.00
C ALA B 278 90.68 -82.12 21.85
N THR B 279 90.61 -81.30 20.80
CA THR B 279 91.46 -81.50 19.63
C THR B 279 92.91 -81.12 19.91
N TYR B 280 93.15 -80.23 20.86
CA TYR B 280 94.50 -79.79 21.19
C TYR B 280 95.28 -80.89 21.88
N MET C 1 -7.52 34.10 -0.27
CA MET C 1 -6.22 34.71 -0.45
C MET C 1 -5.99 35.11 -1.90
N SER C 2 -5.10 36.07 -2.11
CA SER C 2 -4.71 36.43 -3.47
C SER C 2 -3.83 35.35 -4.09
N TRP C 3 -2.99 34.72 -3.27
CA TRP C 3 -2.11 33.67 -3.79
C TRP C 3 -2.91 32.50 -4.35
N LEU C 4 -3.96 32.08 -3.63
CA LEU C 4 -4.76 30.95 -4.09
C LEU C 4 -5.46 31.27 -5.40
N ASN C 5 -6.02 32.47 -5.52
CA ASN C 5 -6.69 32.87 -6.76
C ASN C 5 -5.71 32.98 -7.92
N SER C 6 -4.50 33.50 -7.66
CA SER C 6 -3.49 33.58 -8.71
C SER C 6 -3.08 32.19 -9.18
N ILE C 7 -2.91 31.25 -8.23
CA ILE C 7 -2.59 29.88 -8.60
C ILE C 7 -3.72 29.27 -9.43
N LEU C 8 -4.96 29.52 -9.03
CA LEU C 8 -6.09 28.95 -9.75
C LEU C 8 -6.17 29.50 -11.17
N VAL C 9 -5.94 30.80 -11.34
CA VAL C 9 -5.98 31.39 -12.67
C VAL C 9 -4.82 30.86 -13.53
N THR C 10 -3.64 30.73 -12.94
CA THR C 10 -2.50 30.22 -13.69
C THR C 10 -2.70 28.77 -14.12
N LEU C 11 -3.20 27.93 -13.21
CA LEU C 11 -3.38 26.52 -13.53
C LEU C 11 -4.52 26.31 -14.50
N THR C 12 -5.61 27.04 -14.33
CA THR C 12 -6.81 26.85 -15.13
C THR C 12 -6.68 27.46 -16.52
N SER C 13 -5.70 28.36 -16.72
CA SER C 13 -5.59 29.08 -17.98
C SER C 13 -5.36 28.17 -19.18
N VAL C 14 -4.92 26.92 -18.96
CA VAL C 14 -4.67 26.03 -20.08
C VAL C 14 -5.99 25.58 -20.70
N GLU C 15 -5.91 25.21 -21.98
CA GLU C 15 -7.12 24.79 -22.69
C GLU C 15 -7.62 23.45 -22.15
N PRO C 16 -8.94 23.25 -22.12
CA PRO C 16 -9.47 21.99 -21.56
C PRO C 16 -8.99 20.74 -22.28
N TYR C 17 -8.78 20.80 -23.60
CA TYR C 17 -8.37 19.60 -24.33
C TYR C 17 -6.93 19.20 -24.05
N LYS C 18 -6.12 20.09 -23.48
CA LYS C 18 -4.73 19.77 -23.20
C LYS C 18 -4.54 18.84 -22.02
N VAL C 19 -5.57 18.66 -21.18
CA VAL C 19 -5.48 17.75 -20.04
C VAL C 19 -5.63 16.30 -20.50
N PRO C 20 -6.67 15.92 -21.27
CA PRO C 20 -6.69 14.55 -21.79
C PRO C 20 -5.50 14.24 -22.67
N VAL C 21 -5.07 15.22 -23.48
CA VAL C 21 -3.89 15.01 -24.32
C VAL C 21 -2.66 14.79 -23.46
N THR C 22 -2.50 15.59 -22.40
CA THR C 22 -1.37 15.42 -21.50
C THR C 22 -1.40 14.04 -20.84
N VAL C 23 -2.57 13.63 -20.36
CA VAL C 23 -2.67 12.33 -19.69
C VAL C 23 -2.34 11.21 -20.67
N ILE C 24 -2.93 11.25 -21.87
CA ILE C 24 -2.70 10.21 -22.84
C ILE C 24 -1.24 10.15 -23.25
N VAL C 25 -0.62 11.32 -23.49
CA VAL C 25 0.77 11.34 -23.93
C VAL C 25 1.70 10.89 -22.81
N THR C 26 1.45 11.32 -21.57
CA THR C 26 2.30 10.91 -20.46
C THR C 26 2.18 9.42 -20.20
N VAL C 27 0.96 8.89 -20.26
CA VAL C 27 0.75 7.45 -20.04
C VAL C 27 1.38 6.65 -21.18
N THR C 28 1.28 7.15 -22.42
CA THR C 28 1.90 6.47 -23.53
C THR C 28 3.43 6.50 -23.43
N PHE C 29 3.99 7.62 -22.96
CA PHE C 29 5.42 7.69 -22.76
C PHE C 29 5.88 6.73 -21.67
N ALA C 30 5.12 6.63 -20.58
CA ALA C 30 5.44 5.66 -19.54
C ALA C 30 5.34 4.24 -20.07
N PHE C 31 4.34 3.97 -20.91
CA PHE C 31 4.22 2.64 -21.51
C PHE C 31 5.39 2.33 -22.43
N VAL C 32 5.83 3.31 -23.21
CA VAL C 32 6.96 3.08 -24.11
C VAL C 32 8.24 2.89 -23.32
N CYS C 33 8.42 3.64 -22.23
CA CYS C 33 9.56 3.42 -21.36
C CYS C 33 9.51 2.03 -20.73
N PHE C 34 8.32 1.58 -20.35
CA PHE C 34 8.18 0.23 -19.82
C PHE C 34 8.55 -0.82 -20.88
N ILE C 35 8.10 -0.62 -22.11
CA ILE C 35 8.41 -1.58 -23.18
C ILE C 35 9.90 -1.62 -23.43
N PHE C 36 10.55 -0.46 -23.47
CA PHE C 36 11.97 -0.42 -23.81
C PHE C 36 12.84 -0.93 -22.66
N PHE C 37 12.53 -0.53 -21.42
CA PHE C 37 13.42 -0.79 -20.30
C PHE C 37 13.06 -2.05 -19.52
N TYR C 38 11.86 -2.58 -19.68
CA TYR C 38 11.48 -3.80 -18.98
C TYR C 38 11.15 -4.94 -19.92
N LEU C 39 10.21 -4.73 -20.86
CA LEU C 39 9.71 -5.86 -21.65
C LEU C 39 10.76 -6.38 -22.61
N LEU C 40 11.42 -5.49 -23.34
CA LEU C 40 12.44 -5.94 -24.29
C LEU C 40 13.64 -6.56 -23.57
N ARG C 41 14.05 -5.96 -22.44
CA ARG C 41 15.14 -6.57 -21.67
C ARG C 41 14.74 -7.93 -21.13
N SER C 42 13.51 -8.07 -20.65
CA SER C 42 13.06 -9.36 -20.15
C SER C 42 13.01 -10.40 -21.24
N ILE C 43 12.57 -10.01 -22.44
CA ILE C 43 12.54 -10.94 -23.56
C ILE C 43 13.96 -11.36 -23.94
N ARG C 44 14.89 -10.41 -23.96
CA ARG C 44 16.28 -10.74 -24.25
C ARG C 44 16.86 -11.67 -23.18
N ILE C 45 16.54 -11.42 -21.92
CA ILE C 45 17.01 -12.26 -20.83
C ILE C 45 16.47 -13.68 -20.97
N ILE C 46 15.18 -13.82 -21.27
CA ILE C 46 14.58 -15.13 -21.41
C ILE C 46 15.19 -15.88 -22.60
N TYR C 47 15.39 -15.20 -23.73
CA TYR C 47 16.00 -15.85 -24.88
C TYR C 47 17.42 -16.29 -24.57
N GLY C 48 18.19 -15.42 -23.89
CA GLY C 48 19.53 -15.80 -23.51
C GLY C 48 19.56 -16.97 -22.56
N LEU C 49 18.64 -17.01 -21.60
CA LEU C 49 18.56 -18.13 -20.67
C LEU C 49 18.25 -19.43 -21.39
N LYS C 50 17.32 -19.39 -22.34
CA LYS C 50 16.99 -20.60 -23.10
C LYS C 50 18.18 -21.07 -23.93
N LYS C 51 18.89 -20.13 -24.56
CA LYS C 51 20.08 -20.50 -25.34
C LYS C 51 21.16 -21.09 -24.44
N TYR C 52 21.37 -20.49 -23.27
CA TYR C 52 22.37 -21.00 -22.34
C TYR C 52 22.00 -22.39 -21.84
N THR C 53 20.70 -22.61 -21.59
CA THR C 53 20.26 -23.94 -21.15
C THR C 53 20.51 -24.97 -22.24
N ARG C 54 20.25 -24.62 -23.50
CA ARG C 54 20.53 -25.55 -24.58
C ARG C 54 22.02 -25.84 -24.67
N SER C 55 22.87 -24.81 -24.53
CA SER C 55 24.30 -25.02 -24.60
C SER C 55 24.79 -25.90 -23.44
N ILE C 56 24.27 -25.68 -22.25
CA ILE C 56 24.67 -26.48 -21.09
C ILE C 56 24.23 -27.93 -21.25
N ASN C 57 23.00 -28.14 -21.74
CA ASN C 57 22.54 -29.50 -21.98
C ASN C 57 23.33 -30.18 -23.09
N SER C 58 23.92 -29.40 -24.00
CA SER C 58 24.73 -30.02 -25.05
C SER C 58 26.09 -30.49 -24.51
N ILE C 59 26.58 -29.87 -23.45
CA ILE C 59 27.95 -30.12 -22.98
C ILE C 59 27.95 -31.12 -21.82
N GLU C 60 26.84 -31.84 -21.61
CA GLU C 60 26.73 -32.72 -20.46
C GLU C 60 27.75 -33.84 -20.49
N LYS C 61 27.97 -34.44 -21.65
CA LYS C 61 28.75 -35.66 -21.78
C LYS C 61 30.18 -35.39 -22.22
N SER C 62 30.77 -34.29 -21.78
CA SER C 62 32.14 -33.94 -22.11
C SER C 62 33.03 -34.05 -20.87
N ALA C 63 34.33 -33.95 -21.10
CA ALA C 63 35.29 -33.99 -20.02
C ALA C 63 35.17 -32.74 -19.15
N PRO C 64 35.54 -32.83 -17.87
CA PRO C 64 35.38 -31.67 -16.98
C PRO C 64 36.10 -30.41 -17.47
N GLU C 65 37.32 -30.56 -18.00
CA GLU C 65 38.05 -29.38 -18.47
C GLU C 65 37.34 -28.75 -19.67
N VAL C 66 36.84 -29.57 -20.59
CA VAL C 66 36.12 -29.05 -21.74
C VAL C 66 34.84 -28.36 -21.30
N GLN C 67 34.14 -28.94 -20.33
CA GLN C 67 32.94 -28.30 -19.80
C GLN C 67 33.27 -26.94 -19.19
N LEU C 68 34.36 -26.88 -18.42
CA LEU C 68 34.74 -25.62 -17.81
C LEU C 68 35.06 -24.56 -18.85
N GLU C 69 35.82 -24.94 -19.88
CA GLU C 69 36.17 -23.98 -20.93
C GLU C 69 34.93 -23.51 -21.68
N HIS C 70 34.04 -24.44 -22.02
CA HIS C 70 32.82 -24.08 -22.75
C HIS C 70 31.95 -23.15 -21.92
N LEU C 71 31.79 -23.45 -20.64
CA LEU C 71 30.95 -22.60 -19.79
C LEU C 71 31.59 -21.25 -19.55
N LYS C 72 32.93 -21.20 -19.45
CA LYS C 72 33.62 -19.93 -19.29
C LYS C 72 33.43 -19.05 -20.52
N SER C 73 33.56 -19.64 -21.71
CA SER C 73 33.32 -18.85 -22.92
C SER C 73 31.86 -18.50 -23.12
N LEU C 74 30.95 -19.29 -22.54
CA LEU C 74 29.52 -19.08 -22.76
C LEU C 74 29.03 -17.77 -22.16
N PHE C 75 29.35 -17.54 -20.89
CA PHE C 75 28.76 -16.44 -20.13
C PHE C 75 29.61 -15.19 -20.32
N GLN C 76 29.08 -14.22 -21.06
CA GLN C 76 29.81 -13.01 -21.39
C GLN C 76 29.16 -11.73 -20.87
N ARG C 77 27.86 -11.73 -20.59
CA ARG C 77 27.24 -10.57 -19.98
C ARG C 77 27.83 -10.34 -18.58
N SER C 78 27.94 -9.07 -18.20
CA SER C 78 28.68 -8.72 -16.99
C SER C 78 28.12 -9.41 -15.76
N GLU C 79 26.79 -9.38 -15.60
CA GLU C 79 26.17 -10.11 -14.49
C GLU C 79 26.35 -11.61 -14.65
N LEU C 80 26.20 -12.14 -15.85
CA LEU C 80 26.44 -13.57 -16.08
C LEU C 80 27.90 -13.92 -15.89
N LYS C 81 28.82 -13.05 -16.32
CA LYS C 81 30.23 -13.33 -16.13
C LYS C 81 30.60 -13.38 -14.66
N HIS C 82 30.11 -12.42 -13.88
CA HIS C 82 30.36 -12.43 -12.44
C HIS C 82 29.74 -13.66 -11.78
N ALA C 83 28.51 -13.98 -12.15
CA ALA C 83 27.84 -15.14 -11.57
C ALA C 83 28.61 -16.42 -11.89
N TRP C 84 29.07 -16.55 -13.13
CA TRP C 84 29.82 -17.75 -13.51
C TRP C 84 31.16 -17.83 -12.79
N ASN C 85 31.84 -16.69 -12.61
CA ASN C 85 33.10 -16.73 -11.88
C ASN C 85 32.88 -17.18 -10.44
N GLU C 86 31.85 -16.63 -9.79
CA GLU C 86 31.55 -17.04 -8.42
C GLU C 86 31.17 -18.52 -8.34
N PHE C 87 30.34 -18.98 -9.27
CA PHE C 87 29.93 -20.39 -9.28
C PHE C 87 31.13 -21.30 -9.52
N GLU C 88 32.00 -20.94 -10.47
CA GLU C 88 33.16 -21.76 -10.79
C GLU C 88 34.12 -21.84 -9.62
N GLU C 89 34.32 -20.74 -8.90
CA GLU C 89 35.19 -20.83 -7.74
C GLU C 89 34.50 -21.52 -6.57
N SER C 90 33.17 -21.65 -6.61
CA SER C 90 32.48 -22.53 -5.67
C SER C 90 32.56 -24.00 -6.06
N LEU C 91 32.95 -24.31 -7.30
CA LEU C 91 33.08 -25.69 -7.73
C LEU C 91 34.41 -26.27 -7.27
N HIS C 92 34.38 -27.54 -6.86
CA HIS C 92 35.57 -28.23 -6.36
C HIS C 92 36.04 -29.23 -7.41
N SER C 93 37.23 -29.01 -7.92
CA SER C 93 37.82 -29.90 -8.92
C SER C 93 38.70 -30.93 -8.22
N GLN C 94 38.47 -32.20 -8.52
CA GLN C 94 39.22 -33.30 -7.92
C GLN C 94 40.33 -33.72 -8.87
N TYR C 95 41.57 -33.65 -8.40
CA TYR C 95 42.74 -33.98 -9.20
C TYR C 95 43.24 -35.38 -8.84
N GLU C 96 43.63 -36.13 -9.86
CA GLU C 96 44.25 -37.44 -9.67
C GLU C 96 45.47 -37.54 -10.57
N LEU C 97 46.48 -38.26 -10.08
CA LEU C 97 47.73 -38.43 -10.82
C LEU C 97 47.49 -39.42 -11.95
N GLU C 98 47.37 -38.90 -13.18
CA GLU C 98 47.18 -39.74 -14.37
C GLU C 98 47.98 -39.11 -15.50
N ASN C 99 49.24 -39.53 -15.65
CA ASN C 99 49.91 -40.44 -14.72
C ASN C 99 51.22 -39.80 -14.24
N GLY C 100 51.53 -38.65 -14.80
CA GLY C 100 52.70 -37.88 -14.39
C GLY C 100 52.36 -36.44 -14.11
N GLU C 101 51.11 -36.07 -14.34
CA GLU C 101 50.65 -34.69 -14.16
C GLU C 101 49.30 -34.70 -13.44
N GLU C 102 48.96 -33.56 -12.85
CA GLU C 102 47.68 -33.40 -12.17
C GLU C 102 46.59 -33.24 -13.22
N LYS C 103 45.64 -34.16 -13.23
CA LYS C 103 44.54 -34.14 -14.18
C LYS C 103 43.22 -34.08 -13.43
N ILE C 104 42.31 -33.23 -13.92
CA ILE C 104 40.98 -33.12 -13.33
C ILE C 104 40.15 -34.31 -13.79
N VAL C 105 39.72 -35.13 -12.83
CA VAL C 105 38.89 -36.29 -13.14
C VAL C 105 37.43 -36.05 -12.81
N ARG C 106 37.11 -35.12 -11.91
CA ARG C 106 35.74 -34.85 -11.54
C ARG C 106 35.68 -33.45 -10.95
N ILE C 107 34.53 -32.81 -11.13
CA ILE C 107 34.25 -31.50 -10.55
C ILE C 107 33.00 -31.63 -9.70
N ARG C 108 33.08 -31.13 -8.47
CA ARG C 108 32.00 -31.29 -7.51
C ARG C 108 31.36 -29.95 -7.20
N ALA C 109 30.08 -29.99 -6.88
CA ALA C 109 29.32 -28.80 -6.53
C ALA C 109 29.23 -28.70 -5.02
N THR C 110 29.77 -27.60 -4.47
CA THR C 110 29.68 -27.34 -3.05
C THR C 110 28.61 -26.31 -2.70
N ALA C 111 27.85 -25.85 -3.69
CA ALA C 111 26.80 -24.88 -3.48
C ALA C 111 25.80 -25.00 -4.61
N PRO C 112 24.54 -24.63 -4.39
CA PRO C 112 23.58 -24.62 -5.49
C PRO C 112 23.96 -23.57 -6.53
N SER C 113 23.59 -23.85 -7.78
CA SER C 113 23.87 -22.89 -8.85
C SER C 113 23.06 -21.63 -8.70
N ALA C 114 21.87 -21.72 -8.09
CA ALA C 114 21.01 -20.57 -7.88
C ALA C 114 21.58 -19.60 -6.85
N SER C 115 22.60 -20.00 -6.10
CA SER C 115 23.22 -19.08 -5.15
C SER C 115 23.93 -17.94 -5.86
N PHE C 116 24.33 -18.14 -7.10
CA PHE C 116 25.06 -17.15 -7.87
C PHE C 116 24.30 -16.67 -9.08
N PHE C 117 23.60 -17.56 -9.77
CA PHE C 117 22.67 -17.16 -10.84
C PHE C 117 21.27 -16.98 -10.27
N SER C 118 21.17 -16.10 -9.29
CA SER C 118 19.93 -15.92 -8.56
C SER C 118 18.99 -14.96 -9.28
N GLU C 119 17.73 -14.99 -8.86
CA GLU C 119 16.72 -14.12 -9.46
C GLU C 119 17.06 -12.65 -9.25
N GLN C 120 17.51 -12.31 -8.04
CA GLN C 120 17.94 -10.94 -7.75
C GLN C 120 19.07 -10.51 -8.67
N GLN C 121 20.06 -11.37 -8.86
CA GLN C 121 21.25 -10.98 -9.61
C GLN C 121 20.93 -10.84 -11.09
N LEU C 122 20.13 -11.76 -11.64
CA LEU C 122 20.03 -11.95 -13.08
C LEU C 122 18.74 -11.41 -13.68
N VAL C 123 17.70 -11.17 -12.89
CA VAL C 123 16.42 -10.73 -13.44
C VAL C 123 15.99 -9.44 -12.74
N ASP C 124 15.98 -9.47 -11.41
CA ASP C 124 15.36 -8.38 -10.65
C ASP C 124 16.12 -7.07 -10.82
N ILE C 125 17.45 -7.10 -10.75
CA ILE C 125 18.26 -5.88 -10.82
C ILE C 125 18.34 -5.39 -12.26
N PRO C 126 18.64 -6.24 -13.26
CA PRO C 126 18.61 -5.74 -14.64
C PRO C 126 17.26 -5.21 -15.08
N LEU C 127 16.16 -5.77 -14.60
CA LEU C 127 14.83 -5.34 -15.02
C LEU C 127 14.32 -4.17 -14.20
N ASN C 128 15.02 -3.76 -13.14
CA ASN C 128 14.59 -2.68 -12.25
C ASN C 128 13.17 -2.92 -11.74
N THR C 129 12.89 -4.16 -11.33
CA THR C 129 11.57 -4.50 -10.83
C THR C 129 11.20 -3.71 -9.57
N GLU C 130 12.19 -3.23 -8.83
CA GLU C 130 11.91 -2.43 -7.63
C GLU C 130 11.22 -1.11 -7.98
N PHE C 131 11.31 -0.67 -9.22
CA PHE C 131 10.58 0.50 -9.70
C PHE C 131 9.36 0.13 -10.52
N PHE C 132 9.48 -0.85 -11.41
CA PHE C 132 8.46 -1.10 -12.40
C PHE C 132 7.23 -1.80 -11.84
N LYS C 133 7.33 -2.44 -10.67
CA LYS C 133 6.13 -3.01 -10.07
C LYS C 133 5.19 -1.95 -9.53
N HIS C 134 5.66 -0.72 -9.35
CA HIS C 134 4.84 0.39 -8.89
C HIS C 134 4.37 1.29 -10.02
N LEU C 135 4.73 0.98 -11.27
CA LEU C 135 4.30 1.80 -12.40
C LEU C 135 2.79 1.83 -12.61
N PRO C 136 2.06 0.70 -12.56
CA PRO C 136 0.60 0.79 -12.79
C PRO C 136 -0.13 1.71 -11.83
N GLY C 137 0.30 1.73 -10.56
CA GLY C 137 -0.29 2.68 -9.63
C GLY C 137 -0.01 4.12 -10.03
N ILE C 138 1.19 4.37 -10.57
CA ILE C 138 1.51 5.70 -11.06
C ILE C 138 0.61 6.08 -12.23
N LEU C 139 0.36 5.13 -13.13
CA LEU C 139 -0.51 5.39 -14.28
C LEU C 139 -1.93 5.72 -13.83
N THR C 140 -2.48 4.93 -12.92
CA THR C 140 -3.82 5.21 -12.41
C THR C 140 -3.86 6.54 -11.66
N GLY C 141 -2.79 6.85 -10.92
CA GLY C 141 -2.74 8.13 -10.24
C GLY C 141 -2.71 9.30 -11.19
N MET C 142 -2.02 9.15 -12.32
CA MET C 142 -2.03 10.22 -13.33
C MET C 142 -3.41 10.36 -13.94
N GLY C 143 -4.13 9.26 -14.12
CA GLY C 143 -5.52 9.36 -14.55
C GLY C 143 -6.37 10.16 -13.58
N ILE C 144 -6.22 9.88 -12.29
CA ILE C 144 -6.96 10.62 -11.27
C ILE C 144 -6.58 12.10 -11.29
N ILE C 145 -5.28 12.38 -11.42
CA ILE C 145 -4.81 13.76 -11.46
C ILE C 145 -5.40 14.49 -12.64
N GLY C 146 -5.46 13.84 -13.81
CA GLY C 146 -6.06 14.46 -14.97
C GLY C 146 -7.53 14.75 -14.77
N THR C 147 -8.24 13.82 -14.12
CA THR C 147 -9.65 14.07 -13.79
C THR C 147 -9.78 15.34 -12.95
N PHE C 148 -9.02 15.43 -11.87
CA PHE C 148 -9.12 16.59 -10.98
C PHE C 148 -8.75 17.87 -11.70
N TYR C 149 -7.68 17.85 -12.50
CA TYR C 149 -7.23 19.05 -13.19
C TYR C 149 -8.24 19.53 -14.23
N GLY C 150 -8.78 18.60 -15.02
CA GLY C 150 -9.80 18.98 -15.99
C GLY C 150 -11.03 19.57 -15.33
N LEU C 151 -11.46 18.99 -14.21
CA LEU C 151 -12.61 19.56 -13.53
C LEU C 151 -12.29 20.91 -12.91
N MET C 152 -11.05 21.11 -12.44
CA MET C 152 -10.67 22.43 -11.96
C MET C 152 -10.79 23.47 -13.07
N ILE C 153 -10.32 23.13 -14.27
CA ILE C 153 -10.44 24.06 -15.39
C ILE C 153 -11.90 24.34 -15.68
N GLY C 154 -12.74 23.29 -15.69
CA GLY C 154 -14.15 23.49 -15.97
C GLY C 154 -14.85 24.35 -14.93
N LEU C 155 -14.53 24.14 -13.65
CA LEU C 155 -15.21 24.85 -12.58
C LEU C 155 -14.77 26.29 -12.48
N ASN C 156 -13.47 26.55 -12.65
CA ASN C 156 -12.97 27.91 -12.49
C ASN C 156 -13.51 28.83 -13.59
N HIS C 157 -13.69 28.29 -14.80
CA HIS C 157 -14.18 29.08 -15.93
C HIS C 157 -15.69 29.08 -16.03
N PHE C 158 -16.40 28.67 -14.99
CA PHE C 158 -17.85 28.73 -15.01
C PHE C 158 -18.31 30.19 -14.92
N ASP C 159 -19.13 30.60 -15.88
CA ASP C 159 -19.58 31.98 -15.99
C ASP C 159 -21.10 32.04 -15.87
N PRO C 160 -21.63 32.36 -14.69
CA PRO C 160 -23.08 32.40 -14.49
C PRO C 160 -23.73 33.76 -14.79
N SER C 161 -23.03 34.67 -15.45
CA SER C 161 -23.53 36.03 -15.59
C SER C 161 -24.78 36.08 -16.45
N THR C 162 -24.82 35.31 -17.52
CA THR C 162 -25.88 35.42 -18.51
C THR C 162 -26.35 34.02 -18.90
N PRO C 163 -27.64 33.84 -19.19
CA PRO C 163 -28.14 32.47 -19.45
C PRO C 163 -27.42 31.69 -20.53
N GLU C 164 -27.05 32.31 -21.66
CA GLU C 164 -26.29 31.54 -22.65
C GLU C 164 -24.84 31.37 -22.22
N GLN C 165 -24.32 32.28 -21.40
CA GLN C 165 -23.03 32.02 -20.75
C GLN C 165 -23.14 30.81 -19.83
N VAL C 166 -24.26 30.68 -19.12
CA VAL C 166 -24.49 29.50 -18.29
C VAL C 166 -24.54 28.24 -19.16
N SER C 167 -25.22 28.32 -20.31
CA SER C 167 -25.31 27.16 -21.19
C SER C 167 -23.95 26.73 -21.71
N SER C 168 -23.14 27.70 -22.14
CA SER C 168 -21.80 27.39 -22.62
C SER C 168 -20.92 26.83 -21.50
N SER C 169 -21.05 27.38 -20.29
CA SER C 169 -20.26 26.87 -19.17
C SER C 169 -20.66 25.45 -18.81
N VAL C 170 -21.96 25.15 -18.87
CA VAL C 170 -22.42 23.79 -18.59
C VAL C 170 -21.94 22.83 -19.67
N ASN C 171 -21.97 23.25 -20.93
CA ASN C 171 -21.42 22.42 -22.01
C ASN C 171 -19.94 22.15 -21.80
N ASN C 172 -19.19 23.17 -21.38
CA ASN C 172 -17.77 22.99 -21.10
C ASN C 172 -17.56 22.02 -19.94
N LEU C 173 -18.41 22.11 -18.91
CA LEU C 173 -18.30 21.17 -17.79
C LEU C 173 -18.56 19.74 -18.24
N LEU C 174 -19.58 19.54 -19.08
CA LEU C 174 -19.86 18.19 -19.58
C LEU C 174 -18.71 17.66 -20.43
N ARG C 175 -18.15 18.50 -21.29
CA ARG C 175 -17.00 18.07 -22.09
C ARG C 175 -15.81 17.75 -21.20
N ASP C 176 -15.61 18.52 -20.13
CA ASP C 176 -14.50 18.26 -19.23
C ASP C 176 -14.69 16.94 -18.48
N VAL C 177 -15.91 16.62 -18.06
CA VAL C 177 -16.15 15.35 -17.41
C VAL C 177 -15.95 14.19 -18.39
N LEU C 178 -16.38 14.36 -19.63
CA LEU C 178 -16.13 13.35 -20.65
C LEU C 178 -14.64 13.14 -20.87
N TYR C 179 -13.89 14.25 -20.93
CA TYR C 179 -12.44 14.19 -21.05
C TYR C 179 -11.80 13.46 -19.88
N ALA C 180 -12.27 13.74 -18.66
CA ALA C 180 -11.73 13.08 -17.48
C ALA C 180 -12.00 11.59 -17.52
N PHE C 181 -13.21 11.21 -17.95
CA PHE C 181 -13.53 9.79 -18.09
C PHE C 181 -12.61 9.13 -19.10
N LEU C 182 -12.37 9.80 -20.24
CA LEU C 182 -11.50 9.24 -21.26
C LEU C 182 -10.08 9.06 -20.75
N GLY C 183 -9.56 10.07 -20.06
CA GLY C 183 -8.21 9.96 -19.53
C GLY C 183 -8.08 8.88 -18.48
N SER C 184 -9.08 8.76 -17.60
CA SER C 184 -9.04 7.70 -16.59
C SER C 184 -9.14 6.32 -17.23
N ALA C 185 -9.99 6.17 -18.24
CA ALA C 185 -10.10 4.89 -18.93
C ALA C 185 -8.78 4.51 -19.59
N PHE C 186 -8.14 5.47 -20.26
CA PHE C 186 -6.86 5.19 -20.90
C PHE C 186 -5.80 4.84 -19.86
N ALA C 187 -5.75 5.59 -18.75
CA ALA C 187 -4.74 5.33 -17.73
C ALA C 187 -4.91 3.96 -17.11
N ILE C 188 -6.14 3.58 -16.78
CA ILE C 188 -6.38 2.28 -16.16
C ILE C 188 -6.12 1.16 -17.16
N PHE C 189 -6.45 1.38 -18.44
CA PHE C 189 -6.17 0.38 -19.45
C PHE C 189 -4.68 0.13 -19.58
N ALA C 190 -3.89 1.21 -19.66
CA ALA C 190 -2.46 1.04 -19.76
C ALA C 190 -1.87 0.45 -18.48
N SER C 191 -2.46 0.78 -17.34
CA SER C 191 -1.98 0.20 -16.08
C SER C 191 -2.20 -1.31 -16.04
N ILE C 192 -3.40 -1.77 -16.41
CA ILE C 192 -3.63 -3.21 -16.37
C ILE C 192 -2.85 -3.93 -17.46
N LEU C 193 -2.65 -3.29 -18.61
CA LEU C 193 -1.82 -3.89 -19.64
C LEU C 193 -0.37 -4.02 -19.19
N VAL C 194 0.16 -2.99 -18.53
CA VAL C 194 1.50 -3.06 -17.97
C VAL C 194 1.58 -4.14 -16.91
N THR C 195 0.57 -4.24 -16.05
CA THR C 195 0.57 -5.27 -15.03
C THR C 195 0.59 -6.67 -15.65
N TRP C 196 -0.26 -6.90 -16.64
CA TRP C 196 -0.29 -8.20 -17.32
C TRP C 196 1.07 -8.53 -17.94
N LEU C 197 1.60 -7.61 -18.74
CA LEU C 197 2.87 -7.88 -19.41
C LEU C 197 4.00 -8.07 -18.42
N GLU C 198 4.05 -7.23 -17.38
CA GLU C 198 5.12 -7.31 -16.39
C GLU C 198 5.07 -8.63 -15.63
N LYS C 199 3.90 -9.02 -15.14
CA LYS C 199 3.81 -10.23 -14.34
C LYS C 199 4.06 -11.47 -15.19
N LEU C 200 3.56 -11.47 -16.43
CA LEU C 200 3.85 -12.59 -17.32
C LEU C 200 5.33 -12.70 -17.61
N SER C 201 5.99 -11.56 -17.86
CA SER C 201 7.42 -11.56 -18.12
C SER C 201 8.21 -12.05 -16.92
N ILE C 202 7.84 -11.60 -15.72
CA ILE C 202 8.61 -11.97 -14.54
C ILE C 202 8.41 -13.45 -14.22
N ALA C 203 7.19 -13.97 -14.43
CA ALA C 203 6.96 -15.40 -14.23
C ALA C 203 7.76 -16.23 -15.22
N LYS C 204 7.77 -15.83 -16.50
CA LYS C 204 8.54 -16.59 -17.49
C LYS C 204 10.04 -16.49 -17.20
N SER C 205 10.50 -15.33 -16.75
CA SER C 205 11.90 -15.19 -16.38
C SER C 205 12.28 -16.12 -15.25
N TYR C 206 11.42 -16.22 -14.23
CA TYR C 206 11.71 -17.12 -13.12
C TYR C 206 11.70 -18.58 -13.58
N LYS C 207 10.74 -18.94 -14.44
CA LYS C 207 10.69 -20.30 -14.96
C LYS C 207 11.95 -20.67 -15.72
N TYR C 208 12.38 -19.80 -16.64
CA TYR C 208 13.53 -20.15 -17.46
C TYR C 208 14.84 -20.02 -16.70
N LEU C 209 14.92 -19.13 -15.71
CA LEU C 209 16.09 -19.11 -14.85
C LEU C 209 16.17 -20.39 -14.02
N GLU C 210 15.03 -20.90 -13.56
CA GLU C 210 15.03 -22.18 -12.87
C GLU C 210 15.50 -23.31 -13.77
N LYS C 211 15.04 -23.34 -15.02
CA LYS C 211 15.50 -24.37 -15.93
C LYS C 211 17.00 -24.25 -16.18
N PHE C 212 17.50 -23.02 -16.31
CA PHE C 212 18.93 -22.82 -16.57
C PHE C 212 19.78 -23.28 -15.37
N THR C 213 19.38 -22.89 -14.17
CA THR C 213 20.15 -23.28 -12.99
C THR C 213 20.04 -24.76 -12.71
N ALA C 214 18.91 -25.38 -13.08
CA ALA C 214 18.80 -26.83 -13.01
C ALA C 214 19.75 -27.48 -14.01
N ALA C 215 19.91 -26.88 -15.19
CA ALA C 215 20.87 -27.40 -16.15
C ALA C 215 22.29 -27.33 -15.61
N LEU C 216 22.66 -26.21 -14.98
CA LEU C 216 23.97 -26.14 -14.33
C LEU C 216 24.07 -27.12 -13.16
N ASP C 217 23.02 -27.24 -12.36
CA ASP C 217 23.06 -28.14 -11.21
C ASP C 217 23.22 -29.61 -11.60
N SER C 218 22.84 -29.97 -12.83
CA SER C 218 22.97 -31.35 -13.28
C SER C 218 24.39 -31.72 -13.70
N LEU C 219 25.28 -30.74 -13.89
CA LEU C 219 26.61 -31.04 -14.38
C LEU C 219 27.52 -31.61 -13.30
N TYR C 220 27.28 -31.27 -12.03
CA TYR C 220 28.19 -31.60 -10.95
C TYR C 220 27.42 -32.19 -9.78
N ASP C 221 28.12 -32.99 -8.98
CA ASP C 221 27.54 -33.70 -7.86
C ASP C 221 27.97 -33.06 -6.55
N SER C 222 27.13 -33.22 -5.54
CA SER C 222 27.37 -32.62 -4.23
C SER C 222 27.82 -33.69 -3.23
N GLY C 223 28.03 -33.27 -2.00
CA GLY C 223 28.43 -34.18 -0.94
C GLY C 223 29.89 -34.55 -0.92
N VAL C 224 30.76 -33.70 -1.49
CA VAL C 224 32.19 -34.03 -1.53
C VAL C 224 32.82 -33.97 -0.15
N GLY C 225 32.37 -33.05 0.72
CA GLY C 225 32.96 -32.94 2.04
C GLY C 225 32.69 -34.15 2.91
N GLU C 226 31.46 -34.67 2.87
CA GLU C 226 31.14 -35.87 3.62
C GLU C 226 31.96 -37.06 3.12
N GLU C 227 32.14 -37.16 1.80
CA GLU C 227 32.97 -38.22 1.24
C GLU C 227 34.41 -38.09 1.72
N TYR C 228 34.94 -36.86 1.77
CA TYR C 228 36.29 -36.66 2.26
C TYR C 228 36.42 -37.07 3.72
N LEU C 229 35.43 -36.71 4.55
CA LEU C 229 35.47 -37.10 5.95
C LEU C 229 35.37 -38.61 6.13
N ALA C 230 34.54 -39.27 5.32
CA ALA C 230 34.46 -40.72 5.37
C ALA C 230 35.78 -41.36 4.97
N SER C 231 36.43 -40.82 3.94
CA SER C 231 37.75 -41.31 3.55
C SER C 231 38.75 -41.12 4.67
N LEU C 232 38.68 -39.98 5.37
CA LEU C 232 39.62 -39.74 6.46
C LEU C 232 39.40 -40.72 7.62
N VAL C 233 38.14 -41.01 7.95
CA VAL C 233 37.85 -41.95 9.03
C VAL C 233 38.35 -43.35 8.65
N LYS C 234 38.05 -43.77 7.42
CA LYS C 234 38.51 -45.09 6.98
C LYS C 234 40.03 -45.15 6.97
N SER C 235 40.68 -44.08 6.55
CA SER C 235 42.15 -44.04 6.52
C SER C 235 42.72 -44.12 7.93
N SER C 236 42.07 -43.46 8.90
CA SER C 236 42.55 -43.53 10.28
C SER C 236 42.47 -44.96 10.81
N ASN C 237 41.33 -45.62 10.59
CA ASN C 237 41.20 -47.00 11.06
C ASN C 237 42.22 -47.92 10.37
N GLU C 238 42.35 -47.77 9.05
CA GLU C 238 43.31 -48.59 8.31
C GLU C 238 44.74 -48.28 8.72
N SER C 239 45.02 -47.05 9.13
CA SER C 239 46.37 -46.70 9.58
C SER C 239 46.68 -47.35 10.91
N ALA C 240 45.70 -47.41 11.81
CA ALA C 240 45.90 -48.15 13.06
C ALA C 240 46.21 -49.62 12.77
N THR C 241 45.39 -50.25 11.93
CA THR C 241 45.61 -51.66 11.61
C THR C 241 46.96 -51.87 10.91
N GLN C 242 47.32 -50.96 9.99
CA GLN C 242 48.57 -51.08 9.26
C GLN C 242 49.77 -50.89 10.18
N ALA C 243 49.67 -49.98 11.15
CA ALA C 243 50.77 -49.82 12.10
C ALA C 243 50.97 -51.09 12.91
N ARG C 244 49.89 -51.70 13.38
CA ARG C 244 50.03 -52.95 14.12
C ARG C 244 50.65 -54.04 13.26
N HIS C 245 50.15 -54.18 12.02
CA HIS C 245 50.68 -55.21 11.12
C HIS C 245 52.13 -54.96 10.77
N LEU C 246 52.51 -53.70 10.58
CA LEU C 246 53.90 -53.39 10.25
C LEU C 246 54.82 -53.69 11.42
N LYS C 247 54.37 -53.41 12.65
CA LYS C 247 55.19 -53.79 13.80
C LYS C 247 55.38 -55.30 13.85
N GLU C 248 54.30 -56.05 13.62
CA GLU C 248 54.40 -57.51 13.64
C GLU C 248 55.36 -58.02 12.57
N SER C 249 55.24 -57.49 11.36
CA SER C 249 56.13 -57.91 10.27
C SER C 249 57.57 -57.53 10.56
N LEU C 250 57.80 -56.33 11.11
CA LEU C 250 59.16 -55.91 11.43
C LEU C 250 59.78 -56.81 12.48
N VAL C 251 59.04 -57.13 13.54
CA VAL C 251 59.63 -57.96 14.59
C VAL C 251 59.87 -59.37 14.09
N THR C 252 58.97 -59.91 13.26
CA THR C 252 59.20 -61.23 12.69
C THR C 252 60.44 -61.25 11.81
N ASP C 253 60.61 -60.24 10.96
CA ASP C 253 61.74 -60.25 10.04
C ASP C 253 63.04 -59.98 10.77
N LEU C 254 62.99 -59.17 11.83
CA LEU C 254 64.17 -58.97 12.67
C LEU C 254 64.57 -60.27 13.36
N ARG C 255 63.59 -61.01 13.87
CA ARG C 255 63.87 -62.34 14.40
C ARG C 255 64.54 -63.21 13.35
N ASP C 256 64.06 -63.15 12.10
CA ASP C 256 64.65 -63.93 11.03
C ASP C 256 66.11 -63.56 10.79
N MET C 257 66.41 -62.26 10.71
CA MET C 257 67.78 -61.85 10.46
C MET C 257 68.69 -62.20 11.62
N LEU C 258 68.21 -62.09 12.85
CA LEU C 258 69.04 -62.47 13.99
C LEU C 258 69.28 -63.98 14.03
N LEU C 259 68.29 -64.78 13.65
CA LEU C 259 68.53 -66.22 13.54
C LEU C 259 69.55 -66.52 12.46
N HIS C 260 69.47 -65.82 11.33
CA HIS C 260 70.45 -65.98 10.26
C HIS C 260 71.85 -65.60 10.74
N LEU C 261 71.96 -64.50 11.48
CA LEU C 261 73.26 -64.07 12.00
C LEU C 261 73.82 -65.09 12.99
N ALA C 262 72.97 -65.63 13.86
CA ALA C 262 73.44 -66.64 14.81
C ALA C 262 73.91 -67.90 14.08
N GLU C 263 73.17 -68.33 13.06
CA GLU C 263 73.58 -69.51 12.30
C GLU C 263 74.90 -69.27 11.56
N SER C 264 75.05 -68.07 10.97
CA SER C 264 76.30 -67.75 10.28
C SER C 264 77.46 -67.72 11.26
N GLN C 265 77.26 -67.16 12.45
CA GLN C 265 78.31 -67.15 13.46
C GLN C 265 78.68 -68.57 13.88
N LYS C 266 77.68 -69.43 14.05
CA LYS C 266 77.95 -70.82 14.41
C LYS C 266 78.76 -71.52 13.33
N ILE C 267 78.40 -71.32 12.06
CA ILE C 267 79.14 -71.96 10.97
C ILE C 267 80.57 -71.43 10.90
N GLU C 268 80.75 -70.12 11.05
CA GLU C 268 82.08 -69.55 10.95
C GLU C 268 82.94 -69.99 12.13
N ASN C 269 82.35 -70.15 13.31
CA ASN C 269 83.10 -70.66 14.45
C ASN C 269 83.44 -72.13 14.27
N GLU C 270 82.58 -72.90 13.61
CA GLU C 270 82.95 -74.27 13.25
C GLU C 270 84.14 -74.28 12.30
N ARG C 271 84.16 -73.37 11.33
CA ARG C 271 85.32 -73.25 10.45
C ARG C 271 86.57 -72.87 11.24
N LEU C 272 86.41 -71.98 12.23
CA LEU C 272 87.53 -71.62 13.09
C LEU C 272 88.03 -72.82 13.88
N ALA C 273 87.11 -73.67 14.35
CA ALA C 273 87.50 -74.89 15.03
C ALA C 273 88.29 -75.81 14.11
N ASN C 274 87.84 -75.94 12.86
CA ASN C 274 88.58 -76.75 11.89
C ASN C 274 89.99 -76.18 11.67
N THR C 275 90.09 -74.85 11.56
CA THR C 275 91.40 -74.24 11.37
C THR C 275 92.31 -74.47 12.58
N LEU C 276 91.75 -74.35 13.79
CA LEU C 276 92.53 -74.58 14.99
C LEU C 276 92.99 -76.03 15.09
N SER C 277 92.13 -76.98 14.71
CA SER C 277 92.53 -78.38 14.70
C SER C 277 93.62 -78.61 13.67
N ALA C 278 93.53 -77.96 12.50
CA ALA C 278 94.59 -78.07 11.51
C ALA C 278 95.89 -77.46 12.01
N THR C 279 95.81 -76.45 12.87
CA THR C 279 97.03 -75.85 13.42
C THR C 279 97.79 -76.84 14.28
N TYR C 280 97.10 -77.63 15.08
CA TYR C 280 97.75 -78.61 15.96
C TYR C 280 98.20 -79.83 15.16
N MET D 1 -24.06 16.70 22.97
CA MET D 1 -22.97 17.31 23.71
C MET D 1 -22.70 18.72 23.21
N SER D 2 -22.52 19.66 24.16
CA SER D 2 -22.27 21.05 23.80
C SER D 2 -20.94 21.20 23.07
N TRP D 3 -19.91 20.49 23.53
CA TRP D 3 -18.60 20.59 22.89
C TRP D 3 -18.66 20.10 21.44
N LEU D 4 -19.37 19.00 21.19
CA LEU D 4 -19.50 18.50 19.82
C LEU D 4 -20.24 19.49 18.95
N ASN D 5 -21.29 20.12 19.48
CA ASN D 5 -22.02 21.13 18.69
C ASN D 5 -21.13 22.32 18.38
N SER D 6 -20.35 22.77 19.36
CA SER D 6 -19.42 23.88 19.11
C SER D 6 -18.38 23.50 18.06
N ILE D 7 -17.84 22.28 18.14
CA ILE D 7 -16.86 21.84 17.16
C ILE D 7 -17.48 21.77 15.78
N LEU D 8 -18.70 21.26 15.68
CA LEU D 8 -19.36 21.17 14.39
C LEU D 8 -19.64 22.55 13.81
N VAL D 9 -20.09 23.50 14.63
CA VAL D 9 -20.43 24.82 14.11
C VAL D 9 -19.17 25.58 13.71
N THR D 10 -18.06 25.35 14.42
CA THR D 10 -16.82 26.02 14.02
C THR D 10 -16.21 25.37 12.79
N LEU D 11 -16.40 24.06 12.61
CA LEU D 11 -15.87 23.39 11.42
C LEU D 11 -16.73 23.65 10.18
N THR D 12 -18.01 23.92 10.36
CA THR D 12 -18.86 24.31 9.24
C THR D 12 -18.62 25.74 8.79
N SER D 13 -18.16 26.62 9.70
CA SER D 13 -17.95 28.02 9.40
C SER D 13 -16.56 28.32 8.86
N VAL D 14 -15.71 27.31 8.69
CA VAL D 14 -14.40 27.53 8.10
C VAL D 14 -14.56 27.95 6.65
N GLU D 15 -13.77 28.95 6.24
CA GLU D 15 -13.79 29.40 4.87
C GLU D 15 -13.37 28.27 3.95
N PRO D 16 -14.07 28.03 2.84
CA PRO D 16 -13.73 26.88 1.98
C PRO D 16 -12.32 26.92 1.43
N TYR D 17 -11.77 28.11 1.19
CA TYR D 17 -10.46 28.20 0.56
C TYR D 17 -9.32 27.86 1.52
N LYS D 18 -9.58 27.82 2.83
CA LYS D 18 -8.50 27.53 3.77
C LYS D 18 -8.11 26.06 3.75
N VAL D 19 -9.04 25.17 3.42
CA VAL D 19 -8.78 23.74 3.39
C VAL D 19 -7.75 23.42 2.30
N PRO D 20 -7.91 23.87 1.05
CA PRO D 20 -6.86 23.60 0.06
C PRO D 20 -5.51 24.22 0.42
N VAL D 21 -5.50 25.39 1.06
CA VAL D 21 -4.24 25.99 1.48
C VAL D 21 -3.55 25.12 2.52
N THR D 22 -4.32 24.61 3.48
CA THR D 22 -3.74 23.70 4.48
C THR D 22 -3.23 22.42 3.83
N VAL D 23 -4.00 21.86 2.89
CA VAL D 23 -3.55 20.67 2.18
C VAL D 23 -2.23 20.94 1.47
N ILE D 24 -2.16 22.07 0.76
CA ILE D 24 -0.97 22.39 -0.01
C ILE D 24 0.23 22.59 0.90
N VAL D 25 0.05 23.32 2.01
CA VAL D 25 1.15 23.59 2.92
C VAL D 25 1.66 22.28 3.53
N THR D 26 0.73 21.43 3.99
CA THR D 26 1.15 20.19 4.64
C THR D 26 1.80 19.23 3.66
N VAL D 27 1.26 19.12 2.45
CA VAL D 27 1.84 18.23 1.45
C VAL D 27 3.18 18.75 0.98
N THR D 28 3.33 20.08 0.85
CA THR D 28 4.62 20.63 0.48
C THR D 28 5.66 20.42 1.57
N PHE D 29 5.26 20.52 2.84
CA PHE D 29 6.19 20.21 3.92
C PHE D 29 6.59 18.75 3.88
N ALA D 30 5.63 17.85 3.63
CA ALA D 30 5.97 16.43 3.53
C ALA D 30 6.91 16.17 2.35
N PHE D 31 6.69 16.87 1.24
CA PHE D 31 7.56 16.70 0.08
C PHE D 31 8.96 17.22 0.35
N VAL D 32 9.08 18.36 1.04
CA VAL D 32 10.39 18.89 1.39
C VAL D 32 11.12 17.94 2.33
N CYS D 33 10.39 17.37 3.30
CA CYS D 33 10.99 16.38 4.18
C CYS D 33 11.42 15.14 3.40
N PHE D 34 10.61 14.72 2.42
CA PHE D 34 10.99 13.60 1.58
C PHE D 34 12.27 13.88 0.82
N ILE D 35 12.37 15.07 0.21
CA ILE D 35 13.56 15.43 -0.55
C ILE D 35 14.79 15.47 0.36
N PHE D 36 14.64 16.04 1.56
CA PHE D 36 15.80 16.19 2.43
C PHE D 36 16.23 14.86 3.03
N PHE D 37 15.29 14.06 3.52
CA PHE D 37 15.61 12.87 4.29
C PHE D 37 15.76 11.61 3.45
N TYR D 38 15.22 11.58 2.23
CA TYR D 38 15.31 10.37 1.42
C TYR D 38 16.06 10.60 0.13
N LEU D 39 15.67 11.58 -0.69
CA LEU D 39 16.20 11.69 -2.03
C LEU D 39 17.66 12.12 -2.03
N LEU D 40 17.98 13.18 -1.28
CA LEU D 40 19.37 13.63 -1.21
C LEU D 40 20.25 12.59 -0.54
N ARG D 41 19.74 11.94 0.50
CA ARG D 41 20.51 10.88 1.15
C ARG D 41 20.73 9.69 0.22
N SER D 42 19.71 9.35 -0.58
CA SER D 42 19.88 8.26 -1.54
C SER D 42 20.90 8.62 -2.60
N ILE D 43 20.90 9.87 -3.06
CA ILE D 43 21.89 10.31 -4.04
C ILE D 43 23.29 10.22 -3.45
N ARG D 44 23.45 10.67 -2.19
CA ARG D 44 24.74 10.60 -1.53
C ARG D 44 25.19 9.15 -1.37
N ILE D 45 24.27 8.27 -0.97
CA ILE D 45 24.60 6.86 -0.80
C ILE D 45 25.04 6.24 -2.12
N ILE D 46 24.34 6.56 -3.20
CA ILE D 46 24.68 6.01 -4.51
C ILE D 46 26.05 6.50 -4.96
N TYR D 47 26.32 7.80 -4.77
CA TYR D 47 27.63 8.33 -5.16
C TYR D 47 28.74 7.71 -4.33
N GLY D 48 28.52 7.53 -3.03
CA GLY D 48 29.52 6.89 -2.19
C GLY D 48 29.76 5.45 -2.57
N LEU D 49 28.69 4.73 -2.93
CA LEU D 49 28.85 3.35 -3.36
C LEU D 49 29.64 3.26 -4.66
N LYS D 50 29.37 4.16 -5.61
CA LYS D 50 30.14 4.16 -6.84
C LYS D 50 31.60 4.49 -6.58
N LYS D 51 31.88 5.43 -5.68
CA LYS D 51 33.26 5.77 -5.34
C LYS D 51 33.97 4.58 -4.70
N TYR D 52 33.29 3.88 -3.77
CA TYR D 52 33.86 2.69 -3.17
C TYR D 52 34.15 1.62 -4.21
N THR D 53 33.22 1.42 -5.15
CA THR D 53 33.40 0.41 -6.17
C THR D 53 34.58 0.73 -7.07
N ARG D 54 34.74 2.01 -7.45
CA ARG D 54 35.90 2.38 -8.24
C ARG D 54 37.19 2.16 -7.46
N SER D 55 37.17 2.44 -6.17
CA SER D 55 38.35 2.20 -5.35
C SER D 55 38.70 0.72 -5.28
N ILE D 56 37.68 -0.14 -5.18
CA ILE D 56 37.93 -1.58 -5.10
C ILE D 56 38.44 -2.11 -6.42
N ASN D 57 37.90 -1.63 -7.54
CA ASN D 57 38.33 -2.10 -8.85
C ASN D 57 39.74 -1.67 -9.21
N SER D 58 40.34 -0.75 -8.44
CA SER D 58 41.69 -0.29 -8.69
C SER D 58 42.75 -1.20 -8.08
N ILE D 59 42.35 -2.21 -7.31
CA ILE D 59 43.30 -3.13 -6.68
C ILE D 59 42.97 -4.56 -7.08
N GLU D 60 42.41 -4.74 -8.28
CA GLU D 60 42.14 -6.08 -8.77
C GLU D 60 43.43 -6.87 -8.95
N LYS D 61 44.47 -6.21 -9.48
CA LYS D 61 45.71 -6.87 -9.84
C LYS D 61 46.87 -6.44 -8.95
N SER D 62 46.60 -6.30 -7.65
CA SER D 62 47.61 -5.92 -6.67
C SER D 62 47.89 -7.09 -5.74
N ALA D 63 49.00 -6.98 -5.00
CA ALA D 63 49.38 -8.02 -4.07
C ALA D 63 48.36 -8.10 -2.93
N PRO D 64 48.15 -9.30 -2.38
CA PRO D 64 47.09 -9.45 -1.35
C PRO D 64 47.28 -8.57 -0.13
N GLU D 65 48.51 -8.39 0.35
CA GLU D 65 48.74 -7.53 1.51
C GLU D 65 48.44 -6.07 1.16
N VAL D 66 48.88 -5.64 -0.02
CA VAL D 66 48.57 -4.28 -0.47
C VAL D 66 47.07 -4.11 -0.64
N GLN D 67 46.39 -5.14 -1.15
CA GLN D 67 44.94 -5.08 -1.30
C GLN D 67 44.26 -4.90 0.05
N LEU D 68 44.68 -5.69 1.05
CA LEU D 68 44.09 -5.59 2.37
C LEU D 68 44.33 -4.23 2.99
N GLU D 69 45.54 -3.69 2.85
CA GLU D 69 45.83 -2.37 3.41
C GLU D 69 45.00 -1.30 2.72
N HIS D 70 44.87 -1.39 1.39
CA HIS D 70 44.06 -0.42 0.67
C HIS D 70 42.60 -0.47 1.10
N LEU D 71 42.05 -1.68 1.25
CA LEU D 71 40.64 -1.79 1.64
C LEU D 71 40.43 -1.32 3.08
N LYS D 72 41.36 -1.64 3.97
CA LYS D 72 41.25 -1.15 5.34
C LYS D 72 41.31 0.37 5.39
N SER D 73 42.21 0.98 4.61
CA SER D 73 42.25 2.44 4.55
C SER D 73 40.98 3.01 3.96
N LEU D 74 40.43 2.34 2.94
CA LEU D 74 39.23 2.83 2.28
C LEU D 74 38.03 2.83 3.21
N PHE D 75 37.85 1.77 3.98
CA PHE D 75 36.67 1.63 4.82
C PHE D 75 36.88 2.07 6.26
N GLN D 76 38.09 2.43 6.67
CA GLN D 76 38.34 2.72 8.07
C GLN D 76 37.80 4.08 8.48
N ARG D 77 37.83 5.07 7.59
CA ARG D 77 37.28 6.39 7.87
C ARG D 77 35.88 6.51 7.29
N SER D 78 34.97 5.68 7.81
CA SER D 78 33.64 5.54 7.23
C SER D 78 32.74 4.85 8.24
N GLU D 79 31.45 4.79 7.89
CA GLU D 79 30.48 4.03 8.67
C GLU D 79 30.50 2.55 8.32
N LEU D 80 31.21 2.15 7.27
CA LEU D 80 31.37 0.77 6.88
C LEU D 80 32.59 0.12 7.51
N LYS D 81 33.15 0.74 8.54
CA LYS D 81 34.38 0.22 9.15
C LYS D 81 34.15 -1.13 9.79
N HIS D 82 33.05 -1.30 10.53
CA HIS D 82 32.80 -2.57 11.19
C HIS D 82 32.39 -3.65 10.20
N ALA D 83 31.62 -3.28 9.18
CA ALA D 83 31.28 -4.25 8.14
C ALA D 83 32.53 -4.75 7.44
N TRP D 84 33.46 -3.85 7.12
CA TRP D 84 34.71 -4.27 6.51
C TRP D 84 35.52 -5.13 7.48
N ASN D 85 35.53 -4.78 8.76
CA ASN D 85 36.29 -5.58 9.72
C ASN D 85 35.77 -7.00 9.80
N GLU D 86 34.45 -7.17 9.84
CA GLU D 86 33.87 -8.50 9.84
C GLU D 86 34.16 -9.24 8.55
N PHE D 87 34.07 -8.54 7.41
CA PHE D 87 34.36 -9.17 6.13
C PHE D 87 35.80 -9.66 6.07
N GLU D 88 36.74 -8.84 6.55
CA GLU D 88 38.15 -9.25 6.58
C GLU D 88 38.38 -10.39 7.55
N GLU D 89 37.60 -10.45 8.64
CA GLU D 89 37.65 -11.63 9.50
C GLU D 89 37.20 -12.88 8.75
N SER D 90 36.19 -12.74 7.89
CA SER D 90 35.75 -13.87 7.08
C SER D 90 36.76 -14.26 6.01
N LEU D 91 37.78 -13.44 5.77
CA LEU D 91 38.80 -13.76 4.77
C LEU D 91 39.85 -14.68 5.38
N HIS D 92 40.22 -15.71 4.63
CA HIS D 92 41.21 -16.69 5.05
C HIS D 92 42.50 -16.43 4.30
N SER D 93 43.54 -16.00 5.01
CA SER D 93 44.85 -15.76 4.40
C SER D 93 45.64 -17.05 4.42
N GLN D 94 46.11 -17.47 3.24
CA GLN D 94 46.96 -18.64 3.12
C GLN D 94 48.42 -18.21 3.17
N TYR D 95 49.20 -18.89 4.00
CA TYR D 95 50.60 -18.54 4.23
C TYR D 95 51.52 -19.61 3.65
N GLU D 96 52.65 -19.17 3.14
CA GLU D 96 53.72 -20.06 2.70
C GLU D 96 55.05 -19.53 3.22
N LEU D 97 55.88 -20.43 3.73
CA LEU D 97 57.17 -20.07 4.30
C LEU D 97 58.14 -19.79 3.17
N GLU D 98 58.30 -18.51 2.82
CA GLU D 98 59.18 -18.08 1.75
C GLU D 98 60.32 -17.27 2.35
N ASN D 99 61.55 -17.67 2.03
CA ASN D 99 62.76 -17.01 2.55
C ASN D 99 62.75 -16.96 4.07
N GLY D 100 62.25 -18.03 4.68
CA GLY D 100 62.23 -18.12 6.13
C GLY D 100 61.21 -17.24 6.82
N GLU D 101 60.31 -16.62 6.07
CA GLU D 101 59.30 -15.73 6.64
C GLU D 101 57.92 -16.17 6.18
N GLU D 102 56.95 -16.09 7.09
CA GLU D 102 55.57 -16.44 6.79
C GLU D 102 54.92 -15.28 6.06
N LYS D 103 54.53 -15.50 4.81
CA LYS D 103 54.00 -14.45 3.94
C LYS D 103 52.64 -14.87 3.41
N ILE D 104 51.77 -13.89 3.19
CA ILE D 104 50.46 -14.15 2.63
C ILE D 104 50.59 -14.33 1.13
N VAL D 105 50.31 -15.54 0.65
CA VAL D 105 50.39 -15.83 -0.78
C VAL D 105 49.02 -15.75 -1.46
N ARG D 106 47.94 -16.01 -0.73
CA ARG D 106 46.60 -15.99 -1.30
C ARG D 106 45.61 -15.68 -0.19
N ILE D 107 44.50 -15.06 -0.57
CA ILE D 107 43.41 -14.77 0.35
C ILE D 107 42.15 -15.42 -0.22
N ARG D 108 41.45 -16.16 0.62
CA ARG D 108 40.28 -16.92 0.21
C ARG D 108 39.04 -16.39 0.90
N ALA D 109 37.96 -16.26 0.13
CA ALA D 109 36.68 -15.85 0.68
C ALA D 109 35.97 -17.05 1.27
N THR D 110 35.45 -16.88 2.49
CA THR D 110 34.68 -17.93 3.14
C THR D 110 33.21 -17.56 3.29
N ALA D 111 32.83 -16.35 2.89
CA ALA D 111 31.46 -15.88 2.98
C ALA D 111 31.27 -14.76 1.97
N PRO D 112 30.07 -14.60 1.42
CA PRO D 112 29.83 -13.49 0.49
C PRO D 112 29.89 -12.15 1.21
N SER D 113 30.28 -11.12 0.46
CA SER D 113 30.37 -9.79 1.05
C SER D 113 29.01 -9.16 1.27
N ALA D 114 27.96 -9.69 0.65
CA ALA D 114 26.62 -9.19 0.88
C ALA D 114 26.13 -9.47 2.30
N SER D 115 26.70 -10.47 2.95
CA SER D 115 26.32 -10.81 4.32
C SER D 115 26.84 -9.81 5.35
N PHE D 116 27.82 -8.99 4.99
CA PHE D 116 28.35 -7.96 5.86
C PHE D 116 27.98 -6.55 5.41
N PHE D 117 28.01 -6.30 4.11
CA PHE D 117 27.52 -5.04 3.55
C PHE D 117 26.08 -5.23 3.06
N SER D 118 25.20 -5.42 4.04
CA SER D 118 23.82 -5.77 3.80
C SER D 118 23.03 -4.59 3.25
N GLU D 119 21.85 -4.89 2.70
CA GLU D 119 20.98 -3.84 2.18
C GLU D 119 20.36 -3.04 3.31
N GLN D 120 19.99 -3.70 4.40
CA GLN D 120 19.33 -2.99 5.51
C GLN D 120 20.26 -1.97 6.14
N GLN D 121 21.53 -2.33 6.36
CA GLN D 121 22.40 -1.47 7.14
C GLN D 121 23.07 -0.41 6.28
N LEU D 122 23.04 -0.57 4.95
CA LEU D 122 23.62 0.42 4.05
C LEU D 122 22.60 1.29 3.32
N VAL D 123 21.37 0.82 3.14
CA VAL D 123 20.38 1.54 2.35
C VAL D 123 19.10 1.75 3.13
N ASP D 124 18.52 0.67 3.66
CA ASP D 124 17.19 0.75 4.26
C ASP D 124 17.17 1.59 5.52
N ILE D 125 18.08 1.31 6.46
CA ILE D 125 18.13 2.09 7.70
C ILE D 125 18.51 3.55 7.43
N PRO D 126 19.56 3.86 6.67
CA PRO D 126 19.86 5.29 6.43
C PRO D 126 18.73 6.05 5.75
N LEU D 127 18.04 5.42 4.81
CA LEU D 127 17.02 6.12 4.04
C LEU D 127 15.65 6.09 4.69
N ASN D 128 15.48 5.35 5.79
CA ASN D 128 14.18 5.17 6.42
C ASN D 128 13.15 4.66 5.41
N THR D 129 13.57 3.68 4.59
CA THR D 129 12.67 3.14 3.58
C THR D 129 11.46 2.47 4.18
N GLU D 130 11.53 2.08 5.46
CA GLU D 130 10.37 1.51 6.13
C GLU D 130 9.22 2.52 6.21
N PHE D 131 9.55 3.78 6.49
CA PHE D 131 8.51 4.81 6.55
C PHE D 131 8.18 5.36 5.17
N PHE D 132 9.19 5.66 4.37
CA PHE D 132 8.98 6.41 3.14
C PHE D 132 8.25 5.61 2.07
N LYS D 133 8.12 4.29 2.22
CA LYS D 133 7.23 3.55 1.35
C LYS D 133 5.77 3.78 1.70
N HIS D 134 5.49 4.45 2.81
CA HIS D 134 4.14 4.78 3.22
C HIS D 134 3.78 6.24 2.97
N LEU D 135 4.75 7.08 2.63
CA LEU D 135 4.46 8.50 2.42
C LEU D 135 3.45 8.78 1.31
N PRO D 136 3.48 8.11 0.16
CA PRO D 136 2.40 8.35 -0.82
C PRO D 136 1.01 8.10 -0.26
N GLY D 137 0.86 7.06 0.57
CA GLY D 137 -0.40 6.86 1.25
C GLY D 137 -0.73 7.97 2.23
N ILE D 138 0.28 8.49 2.92
CA ILE D 138 0.05 9.61 3.84
C ILE D 138 -0.49 10.81 3.08
N LEU D 139 0.11 11.12 1.93
CA LEU D 139 -0.36 12.24 1.12
C LEU D 139 -1.76 11.98 0.58
N THR D 140 -2.05 10.74 0.21
CA THR D 140 -3.40 10.40 -0.24
C THR D 140 -4.42 10.59 0.88
N GLY D 141 -4.05 10.24 2.11
CA GLY D 141 -4.94 10.47 3.24
C GLY D 141 -5.18 11.94 3.52
N MET D 142 -4.13 12.75 3.43
CA MET D 142 -4.33 14.19 3.55
C MET D 142 -5.26 14.70 2.46
N GLY D 143 -5.08 14.21 1.23
CA GLY D 143 -5.93 14.64 0.15
C GLY D 143 -7.39 14.27 0.37
N ILE D 144 -7.65 13.05 0.83
CA ILE D 144 -9.03 12.64 1.04
C ILE D 144 -9.66 13.43 2.19
N ILE D 145 -8.90 13.69 3.25
CA ILE D 145 -9.45 14.51 4.34
C ILE D 145 -9.84 15.89 3.82
N GLY D 146 -8.93 16.55 3.12
CA GLY D 146 -9.22 17.88 2.61
C GLY D 146 -10.38 17.88 1.63
N THR D 147 -10.43 16.90 0.74
CA THR D 147 -11.48 16.86 -0.28
C THR D 147 -12.84 16.61 0.33
N PHE D 148 -12.94 15.62 1.23
CA PHE D 148 -14.22 15.34 1.85
C PHE D 148 -14.69 16.52 2.69
N TYR D 149 -13.77 17.17 3.40
CA TYR D 149 -14.16 18.33 4.20
C TYR D 149 -14.65 19.46 3.31
N GLY D 150 -13.94 19.75 2.23
CA GLY D 150 -14.36 20.82 1.34
C GLY D 150 -15.68 20.53 0.65
N LEU D 151 -15.89 19.28 0.24
CA LEU D 151 -17.16 18.93 -0.41
C LEU D 151 -18.32 18.97 0.58
N MET D 152 -18.06 18.59 1.83
CA MET D 152 -19.08 18.76 2.87
C MET D 152 -19.43 20.22 3.07
N ILE D 153 -18.42 21.09 3.11
CA ILE D 153 -18.68 22.52 3.26
C ILE D 153 -19.52 23.02 2.08
N GLY D 154 -19.14 22.62 0.86
CA GLY D 154 -19.86 23.04 -0.32
C GLY D 154 -21.31 22.57 -0.32
N LEU D 155 -21.55 21.34 0.09
CA LEU D 155 -22.92 20.83 0.11
C LEU D 155 -23.73 21.47 1.23
N ASN D 156 -23.09 21.76 2.37
CA ASN D 156 -23.79 22.45 3.45
C ASN D 156 -24.24 23.84 3.01
N HIS D 157 -23.38 24.55 2.28
CA HIS D 157 -23.78 25.88 1.82
C HIS D 157 -24.79 25.83 0.69
N PHE D 158 -24.91 24.70 -0.01
CA PHE D 158 -25.79 24.60 -1.17
C PHE D 158 -27.20 24.28 -0.73
N ASP D 159 -28.11 25.25 -0.87
CA ASP D 159 -29.50 25.06 -0.49
C ASP D 159 -30.38 26.08 -1.20
N PRO D 160 -30.82 25.81 -2.43
CA PRO D 160 -31.67 26.78 -3.12
C PRO D 160 -33.08 26.80 -2.55
N SER D 161 -33.40 27.87 -1.81
CA SER D 161 -34.71 27.96 -1.16
C SER D 161 -35.81 28.20 -2.18
N THR D 162 -35.51 28.95 -3.23
CA THR D 162 -36.46 29.23 -4.31
C THR D 162 -35.78 28.95 -5.63
N PRO D 163 -36.54 28.69 -6.69
CA PRO D 163 -35.92 28.48 -8.01
C PRO D 163 -35.14 29.67 -8.52
N GLU D 164 -35.40 30.87 -8.00
CA GLU D 164 -34.61 32.03 -8.37
C GLU D 164 -33.22 32.01 -7.75
N GLN D 165 -33.02 31.23 -6.69
CA GLN D 165 -31.74 31.11 -6.02
C GLN D 165 -30.90 29.95 -6.55
N VAL D 166 -31.37 29.25 -7.58
CA VAL D 166 -30.63 28.11 -8.09
C VAL D 166 -29.29 28.54 -8.68
N SER D 167 -29.27 29.66 -9.41
CA SER D 167 -28.06 30.08 -10.09
C SER D 167 -26.94 30.41 -9.11
N SER D 168 -27.25 31.20 -8.08
CA SER D 168 -26.23 31.57 -7.11
C SER D 168 -25.74 30.36 -6.32
N SER D 169 -26.67 29.47 -5.94
CA SER D 169 -26.28 28.26 -5.22
C SER D 169 -25.36 27.41 -6.08
N VAL D 170 -25.68 27.26 -7.37
CA VAL D 170 -24.85 26.46 -8.26
C VAL D 170 -23.46 27.08 -8.38
N ASN D 171 -23.40 28.41 -8.53
CA ASN D 171 -22.10 29.08 -8.67
C ASN D 171 -21.24 28.89 -7.43
N ASN D 172 -21.82 29.11 -6.25
CA ASN D 172 -21.04 28.97 -5.01
C ASN D 172 -20.63 27.51 -4.80
N LEU D 173 -21.51 26.56 -5.12
CA LEU D 173 -21.16 25.16 -5.00
C LEU D 173 -20.00 24.81 -5.93
N LEU D 174 -20.00 25.33 -7.15
CA LEU D 174 -18.90 25.05 -8.06
C LEU D 174 -17.60 25.64 -7.55
N ARG D 175 -17.65 26.82 -6.93
CA ARG D 175 -16.44 27.39 -6.35
C ARG D 175 -15.89 26.51 -5.23
N ASP D 176 -16.77 26.03 -4.35
CA ASP D 176 -16.33 25.17 -3.26
C ASP D 176 -15.76 23.84 -3.77
N VAL D 177 -16.42 23.26 -4.78
CA VAL D 177 -15.91 22.03 -5.39
C VAL D 177 -14.55 22.28 -6.04
N LEU D 178 -14.37 23.46 -6.64
CA LEU D 178 -13.08 23.79 -7.22
C LEU D 178 -11.99 23.81 -6.17
N TYR D 179 -12.28 24.38 -5.00
CA TYR D 179 -11.28 24.40 -3.93
C TYR D 179 -10.93 22.98 -3.48
N ALA D 180 -11.95 22.14 -3.27
CA ALA D 180 -11.70 20.77 -2.84
C ALA D 180 -10.89 20.01 -3.87
N PHE D 181 -11.20 20.19 -5.16
CA PHE D 181 -10.48 19.50 -6.22
C PHE D 181 -9.05 19.99 -6.31
N LEU D 182 -8.82 21.28 -6.09
CA LEU D 182 -7.45 21.80 -6.02
C LEU D 182 -6.65 21.07 -4.97
N GLY D 183 -7.20 20.98 -3.76
CA GLY D 183 -6.48 20.29 -2.69
C GLY D 183 -6.16 18.85 -3.06
N SER D 184 -7.16 18.13 -3.59
CA SER D 184 -6.94 16.72 -3.90
C SER D 184 -5.95 16.54 -5.03
N ALA D 185 -6.02 17.39 -6.05
CA ALA D 185 -5.11 17.29 -7.18
C ALA D 185 -3.67 17.51 -6.73
N PHE D 186 -3.44 18.51 -5.89
CA PHE D 186 -2.08 18.72 -5.39
C PHE D 186 -1.61 17.53 -4.57
N ALA D 187 -2.46 17.03 -3.66
CA ALA D 187 -2.03 15.93 -2.80
C ALA D 187 -1.73 14.67 -3.59
N ILE D 188 -2.58 14.33 -4.56
CA ILE D 188 -2.36 13.12 -5.34
C ILE D 188 -1.19 13.27 -6.29
N PHE D 189 -0.99 14.46 -6.86
CA PHE D 189 0.18 14.69 -7.68
C PHE D 189 1.46 14.49 -6.87
N ALA D 190 1.50 15.05 -5.66
CA ALA D 190 2.68 14.85 -4.83
C ALA D 190 2.85 13.40 -4.43
N SER D 191 1.74 12.69 -4.20
CA SER D 191 1.83 11.26 -3.88
C SER D 191 2.47 10.49 -5.03
N ILE D 192 1.99 10.72 -6.26
CA ILE D 192 2.54 10.01 -7.41
C ILE D 192 3.99 10.38 -7.65
N LEU D 193 4.32 11.67 -7.52
CA LEU D 193 5.70 12.11 -7.73
C LEU D 193 6.64 11.50 -6.69
N VAL D 194 6.20 11.46 -5.42
CA VAL D 194 7.01 10.83 -4.39
C VAL D 194 7.20 9.35 -4.68
N THR D 195 6.12 8.66 -5.07
CA THR D 195 6.24 7.24 -5.43
C THR D 195 7.29 7.06 -6.51
N TRP D 196 7.16 7.81 -7.61
CA TRP D 196 8.09 7.68 -8.73
C TRP D 196 9.53 7.91 -8.27
N LEU D 197 9.76 9.03 -7.58
CA LEU D 197 11.12 9.40 -7.20
C LEU D 197 11.74 8.36 -6.27
N GLU D 198 11.02 7.95 -5.23
CA GLU D 198 11.65 7.09 -4.23
C GLU D 198 11.76 5.65 -4.72
N LYS D 199 10.83 5.19 -5.57
CA LYS D 199 11.03 3.88 -6.19
C LYS D 199 12.23 3.89 -7.13
N LEU D 200 12.38 4.94 -7.95
CA LEU D 200 13.53 4.98 -8.85
C LEU D 200 14.84 5.04 -8.07
N SER D 201 14.88 5.85 -7.01
CA SER D 201 16.11 5.97 -6.23
C SER D 201 16.41 4.68 -5.48
N ILE D 202 15.40 3.98 -4.97
CA ILE D 202 15.69 2.73 -4.27
C ILE D 202 16.16 1.66 -5.24
N ALA D 203 15.63 1.66 -6.47
CA ALA D 203 16.15 0.74 -7.48
C ALA D 203 17.61 1.02 -7.79
N LYS D 204 17.96 2.31 -7.96
CA LYS D 204 19.36 2.66 -8.20
C LYS D 204 20.23 2.28 -7.02
N SER D 205 19.75 2.51 -5.79
CA SER D 205 20.53 2.16 -4.61
C SER D 205 20.82 0.67 -4.55
N TYR D 206 19.81 -0.16 -4.81
CA TYR D 206 20.01 -1.59 -4.81
C TYR D 206 20.98 -2.02 -5.91
N LYS D 207 20.86 -1.41 -7.09
CA LYS D 207 21.75 -1.74 -8.20
C LYS D 207 23.21 -1.43 -7.83
N TYR D 208 23.47 -0.25 -7.28
CA TYR D 208 24.84 0.12 -6.99
C TYR D 208 25.38 -0.59 -5.75
N LEU D 209 24.53 -0.93 -4.80
CA LEU D 209 24.95 -1.81 -3.71
C LEU D 209 25.36 -3.17 -4.24
N GLU D 210 24.61 -3.70 -5.21
CA GLU D 210 25.01 -4.96 -5.83
C GLU D 210 26.34 -4.84 -6.56
N LYS D 211 26.53 -3.75 -7.31
CA LYS D 211 27.82 -3.57 -7.98
C LYS D 211 28.96 -3.50 -6.96
N PHE D 212 28.73 -2.82 -5.83
CA PHE D 212 29.74 -2.72 -4.78
C PHE D 212 30.09 -4.09 -4.20
N THR D 213 29.08 -4.83 -3.77
CA THR D 213 29.35 -6.12 -3.14
C THR D 213 29.83 -7.16 -4.15
N ALA D 214 29.56 -6.96 -5.44
CA ALA D 214 30.13 -7.85 -6.45
C ALA D 214 31.59 -7.51 -6.71
N ALA D 215 31.94 -6.23 -6.65
CA ALA D 215 33.35 -5.86 -6.74
C ALA D 215 34.13 -6.40 -5.55
N LEU D 216 33.51 -6.42 -4.37
CA LEU D 216 34.16 -7.04 -3.21
C LEU D 216 34.34 -8.53 -3.40
N ASP D 217 33.34 -9.22 -3.96
CA ASP D 217 33.43 -10.66 -4.14
C ASP D 217 34.38 -11.06 -5.26
N SER D 218 34.62 -10.18 -6.22
CA SER D 218 35.50 -10.52 -7.33
C SER D 218 36.96 -10.65 -6.92
N LEU D 219 37.32 -10.13 -5.75
CA LEU D 219 38.72 -10.10 -5.36
C LEU D 219 39.22 -11.48 -4.94
N TYR D 220 38.42 -12.22 -4.18
CA TYR D 220 38.88 -13.40 -3.47
C TYR D 220 38.05 -14.62 -3.84
N ASP D 221 38.70 -15.78 -3.83
CA ASP D 221 38.08 -17.04 -4.24
C ASP D 221 37.63 -17.83 -3.02
N SER D 222 36.67 -18.72 -3.24
CA SER D 222 36.10 -19.54 -2.18
C SER D 222 36.45 -21.00 -2.40
N GLY D 223 35.96 -21.84 -1.50
CA GLY D 223 36.19 -23.27 -1.59
C GLY D 223 37.49 -23.77 -0.98
N VAL D 224 38.04 -23.04 0.00
CA VAL D 224 39.34 -23.45 0.55
C VAL D 224 39.18 -24.63 1.50
N GLY D 225 38.01 -24.76 2.13
CA GLY D 225 37.80 -25.89 3.02
C GLY D 225 37.80 -27.22 2.31
N GLU D 226 37.17 -27.29 1.14
CA GLU D 226 37.20 -28.51 0.35
C GLU D 226 38.61 -28.83 -0.13
N GLU D 227 39.38 -27.80 -0.47
CA GLU D 227 40.77 -28.03 -0.85
C GLU D 227 41.57 -28.58 0.32
N TYR D 228 41.34 -28.05 1.53
CA TYR D 228 42.03 -28.56 2.70
C TYR D 228 41.65 -30.01 2.98
N LEU D 229 40.37 -30.34 2.84
CA LEU D 229 39.93 -31.72 3.06
C LEU D 229 40.53 -32.66 2.02
N ALA D 230 40.60 -32.23 0.77
CA ALA D 230 41.22 -33.04 -0.28
C ALA D 230 42.70 -33.25 0.01
N SER D 231 43.39 -32.21 0.47
CA SER D 231 44.79 -32.34 0.85
C SER D 231 44.95 -33.32 1.99
N LEU D 232 44.05 -33.27 2.97
CA LEU D 232 44.13 -34.20 4.10
C LEU D 232 43.94 -35.64 3.63
N VAL D 233 43.00 -35.87 2.71
CA VAL D 233 42.76 -37.23 2.21
C VAL D 233 43.98 -37.73 1.45
N LYS D 234 44.53 -36.93 0.61
CA LYS D 234 45.72 -37.34 -0.16
C LYS D 234 46.84 -37.60 0.83
N SER D 235 47.04 -36.75 1.83
CA SER D 235 48.12 -36.93 2.78
C SER D 235 47.94 -38.22 3.57
N SER D 236 46.71 -38.58 3.92
CA SER D 236 46.48 -39.84 4.62
C SER D 236 46.86 -41.04 3.76
N ASN D 237 46.41 -41.04 2.50
CA ASN D 237 46.76 -42.16 1.61
C ASN D 237 48.27 -42.23 1.41
N GLU D 238 48.90 -41.09 1.15
CA GLU D 238 50.34 -41.06 0.97
C GLU D 238 51.07 -41.46 2.24
N SER D 239 50.50 -41.18 3.41
CA SER D 239 51.14 -41.57 4.66
C SER D 239 51.11 -43.08 4.85
N ALA D 240 50.00 -43.71 4.49
CA ALA D 240 49.97 -45.18 4.54
C ALA D 240 51.01 -45.79 3.60
N THR D 241 51.05 -45.29 2.35
CA THR D 241 52.03 -45.79 1.39
C THR D 241 53.45 -45.52 1.88
N GLN D 242 53.69 -44.34 2.46
CA GLN D 242 54.98 -43.96 2.99
C GLN D 242 55.40 -44.85 4.15
N ALA D 243 54.47 -45.18 5.04
CA ALA D 243 54.80 -46.07 6.15
C ALA D 243 55.24 -47.42 5.64
N ARG D 244 54.52 -47.96 4.65
CA ARG D 244 54.90 -49.25 4.09
C ARG D 244 56.30 -49.20 3.48
N HIS D 245 56.57 -48.16 2.67
CA HIS D 245 57.88 -48.09 2.02
C HIS D 245 59.01 -47.80 3.00
N LEU D 246 58.76 -46.99 4.03
CA LEU D 246 59.79 -46.77 5.04
C LEU D 246 60.09 -48.05 5.82
N LYS D 247 59.06 -48.85 6.12
CA LYS D 247 59.31 -50.12 6.78
C LYS D 247 60.15 -51.04 5.89
N GLU D 248 59.81 -51.12 4.60
CA GLU D 248 60.57 -51.97 3.71
C GLU D 248 62.01 -51.49 3.57
N SER D 249 62.21 -50.18 3.46
CA SER D 249 63.56 -49.63 3.32
C SER D 249 64.38 -49.85 4.58
N LEU D 250 63.76 -49.70 5.75
CA LEU D 250 64.47 -49.97 7.00
C LEU D 250 64.85 -51.45 7.09
N VAL D 251 63.97 -52.34 6.64
CA VAL D 251 64.29 -53.77 6.64
C VAL D 251 65.48 -54.04 5.74
N THR D 252 65.48 -53.46 4.53
CA THR D 252 66.60 -53.67 3.62
C THR D 252 67.90 -53.13 4.19
N ASP D 253 67.85 -51.93 4.79
CA ASP D 253 69.05 -51.36 5.39
C ASP D 253 69.56 -52.23 6.53
N LEU D 254 68.65 -52.73 7.37
CA LEU D 254 69.07 -53.59 8.48
C LEU D 254 69.70 -54.88 7.96
N ARG D 255 69.14 -55.46 6.90
CA ARG D 255 69.75 -56.66 6.32
C ARG D 255 71.15 -56.36 5.81
N ASP D 256 71.34 -55.24 5.12
CA ASP D 256 72.65 -54.91 4.59
C ASP D 256 73.66 -54.69 5.71
N MET D 257 73.27 -53.96 6.76
CA MET D 257 74.19 -53.71 7.86
C MET D 257 74.52 -54.98 8.64
N LEU D 258 73.55 -55.88 8.81
CA LEU D 258 73.85 -57.14 9.48
C LEU D 258 74.76 -58.01 8.63
N LEU D 259 74.58 -58.00 7.31
CA LEU D 259 75.51 -58.71 6.44
C LEU D 259 76.92 -58.13 6.56
N HIS D 260 77.03 -56.80 6.60
CA HIS D 260 78.35 -56.18 6.77
C HIS D 260 78.97 -56.55 8.11
N LEU D 261 78.16 -56.57 9.17
CA LEU D 261 78.67 -56.96 10.49
C LEU D 261 79.13 -58.41 10.50
N ALA D 262 78.39 -59.29 9.83
CA ALA D 262 78.81 -60.69 9.73
C ALA D 262 80.13 -60.81 8.97
N GLU D 263 80.28 -60.03 7.89
CA GLU D 263 81.54 -60.05 7.16
C GLU D 263 82.69 -59.56 8.04
N SER D 264 82.47 -58.49 8.80
CA SER D 264 83.50 -57.98 9.69
C SER D 264 83.87 -59.01 10.75
N GLN D 265 82.87 -59.69 11.31
CA GLN D 265 83.15 -60.73 12.29
C GLN D 265 83.95 -61.87 11.68
N LYS D 266 83.61 -62.26 10.45
CA LYS D 266 84.36 -63.31 9.78
C LYS D 266 85.82 -62.90 9.56
N ILE D 267 86.04 -61.64 9.14
CA ILE D 267 87.40 -61.15 8.95
C ILE D 267 88.16 -61.15 10.27
N GLU D 268 87.51 -60.70 11.35
CA GLU D 268 88.17 -60.67 12.65
C GLU D 268 88.54 -62.07 13.12
N ASN D 269 87.65 -63.04 12.93
CA ASN D 269 87.95 -64.40 13.34
C ASN D 269 89.04 -65.02 12.46
N GLU D 270 89.07 -64.67 11.18
CA GLU D 270 90.16 -65.12 10.32
C GLU D 270 91.49 -64.54 10.77
N ARG D 271 91.49 -63.28 11.19
CA ARG D 271 92.70 -62.68 11.75
C ARG D 271 93.10 -63.39 13.04
N LEU D 272 92.12 -63.77 13.86
CA LEU D 272 92.43 -64.54 15.06
C LEU D 272 93.06 -65.88 14.71
N ALA D 273 92.55 -66.55 13.68
CA ALA D 273 93.13 -67.81 13.24
C ALA D 273 94.56 -67.61 12.76
N ASN D 274 94.80 -66.53 12.01
CA ASN D 274 96.16 -66.23 11.55
C ASN D 274 97.10 -65.96 12.72
N THR D 275 96.62 -65.22 13.73
CA THR D 275 97.44 -64.95 14.90
C THR D 275 97.74 -66.24 15.67
N LEU D 276 96.75 -67.12 15.79
CA LEU D 276 96.97 -68.39 16.46
C LEU D 276 97.98 -69.26 15.71
N SER D 277 97.92 -69.25 14.37
CA SER D 277 98.92 -69.95 13.58
C SER D 277 100.30 -69.35 13.79
N ALA D 278 100.39 -68.02 13.83
CA ALA D 278 101.67 -67.36 14.05
C ALA D 278 102.26 -67.71 15.42
N THR D 279 101.40 -67.78 16.45
CA THR D 279 101.88 -68.13 17.78
C THR D 279 102.44 -69.54 17.83
N TYR D 280 101.95 -70.43 16.98
CA TYR D 280 102.45 -71.80 16.94
C TYR D 280 103.85 -71.87 16.34
N MET E 1 -37.51 -8.67 4.98
CA MET E 1 -37.56 -9.22 6.33
C MET E 1 -37.84 -8.13 7.36
N SER E 2 -38.61 -8.50 8.39
CA SER E 2 -38.83 -7.56 9.50
C SER E 2 -37.59 -7.44 10.37
N TRP E 3 -36.76 -8.48 10.39
CA TRP E 3 -35.51 -8.41 11.16
C TRP E 3 -34.59 -7.32 10.63
N LEU E 4 -34.47 -7.20 9.32
CA LEU E 4 -33.59 -6.18 8.74
C LEU E 4 -34.12 -4.79 9.02
N ASN E 5 -35.43 -4.57 8.89
CA ASN E 5 -36.00 -3.27 9.19
C ASN E 5 -35.85 -2.93 10.66
N SER E 6 -36.02 -3.92 11.54
CA SER E 6 -35.88 -3.68 12.98
C SER E 6 -34.45 -3.31 13.33
N ILE E 7 -33.46 -4.03 12.78
CA ILE E 7 -32.08 -3.68 13.10
C ILE E 7 -31.71 -2.34 12.48
N LEU E 8 -32.28 -2.01 11.32
CA LEU E 8 -32.00 -0.71 10.71
C LEU E 8 -32.54 0.43 11.56
N VAL E 9 -33.79 0.31 12.02
CA VAL E 9 -34.34 1.38 12.84
C VAL E 9 -33.66 1.44 14.19
N THR E 10 -33.14 0.30 14.67
CA THR E 10 -32.37 0.31 15.92
C THR E 10 -31.02 1.00 15.72
N LEU E 11 -30.30 0.65 14.64
CA LEU E 11 -28.99 1.23 14.41
C LEU E 11 -29.09 2.73 14.15
N THR E 12 -30.06 3.16 13.37
CA THR E 12 -30.15 4.54 12.93
C THR E 12 -30.89 5.44 13.92
N SER E 13 -31.35 4.88 15.04
CA SER E 13 -32.00 5.69 16.06
C SER E 13 -31.01 6.36 17.01
N VAL E 14 -29.73 6.00 16.95
CA VAL E 14 -28.74 6.65 17.79
C VAL E 14 -28.55 8.09 17.34
N GLU E 15 -28.19 8.95 18.29
CA GLU E 15 -27.98 10.34 17.96
C GLU E 15 -26.76 10.49 17.05
N PRO E 16 -26.83 11.37 16.05
CA PRO E 16 -25.71 11.50 15.10
C PRO E 16 -24.39 11.91 15.75
N TYR E 17 -24.42 12.56 16.92
CA TYR E 17 -23.18 12.91 17.58
C TYR E 17 -22.49 11.73 18.23
N LYS E 18 -23.20 10.62 18.43
CA LYS E 18 -22.61 9.47 19.09
C LYS E 18 -21.71 8.65 18.17
N VAL E 19 -21.74 8.90 16.87
CA VAL E 19 -20.85 8.22 15.94
C VAL E 19 -19.45 8.82 16.03
N PRO E 20 -19.26 10.14 15.88
CA PRO E 20 -17.90 10.68 16.01
C PRO E 20 -17.29 10.45 17.37
N VAL E 21 -18.07 10.53 18.45
CA VAL E 21 -17.48 10.32 19.77
C VAL E 21 -17.05 8.87 19.95
N THR E 22 -17.84 7.93 19.43
CA THR E 22 -17.46 6.53 19.50
C THR E 22 -16.20 6.26 18.70
N VAL E 23 -16.12 6.79 17.48
CA VAL E 23 -14.93 6.59 16.65
C VAL E 23 -13.72 7.22 17.32
N ILE E 24 -13.86 8.42 17.85
CA ILE E 24 -12.74 9.11 18.47
C ILE E 24 -12.28 8.37 19.72
N VAL E 25 -13.22 7.91 20.55
CA VAL E 25 -12.84 7.20 21.77
C VAL E 25 -12.14 5.88 21.44
N THR E 26 -12.68 5.12 20.47
CA THR E 26 -12.07 3.86 20.11
C THR E 26 -10.68 4.06 19.50
N VAL E 27 -10.55 5.04 18.60
CA VAL E 27 -9.25 5.33 17.99
C VAL E 27 -8.26 5.83 19.04
N THR E 28 -8.73 6.62 20.00
CA THR E 28 -7.84 7.12 21.05
C THR E 28 -7.40 6.00 21.98
N PHE E 29 -8.29 5.05 22.27
CA PHE E 29 -7.88 3.94 23.12
C PHE E 29 -6.88 3.05 22.39
N ALA E 30 -7.10 2.84 21.09
CA ALA E 30 -6.12 2.09 20.30
C ALA E 30 -4.79 2.83 20.24
N PHE E 31 -4.83 4.16 20.12
CA PHE E 31 -3.61 4.95 20.11
C PHE E 31 -2.87 4.87 21.44
N VAL E 32 -3.60 4.91 22.55
CA VAL E 32 -2.97 4.80 23.86
C VAL E 32 -2.35 3.42 24.03
N CYS E 33 -3.04 2.37 23.58
CA CYS E 33 -2.46 1.04 23.60
C CYS E 33 -1.20 0.98 22.75
N PHE E 34 -1.23 1.61 21.58
CA PHE E 34 -0.03 1.64 20.73
C PHE E 34 1.12 2.35 21.43
N ILE E 35 0.84 3.48 22.06
CA ILE E 35 1.89 4.24 22.74
C ILE E 35 2.48 3.43 23.87
N PHE E 36 1.63 2.77 24.67
CA PHE E 36 2.12 2.08 25.85
C PHE E 36 2.86 0.80 25.48
N PHE E 37 2.30 0.00 24.57
CA PHE E 37 2.87 -1.31 24.28
C PHE E 37 3.93 -1.31 23.18
N TYR E 38 3.97 -0.28 22.33
CA TYR E 38 4.96 -0.26 21.26
C TYR E 38 5.92 0.92 21.38
N LEU E 39 5.41 2.15 21.46
CA LEU E 39 6.30 3.31 21.43
C LEU E 39 7.19 3.36 22.67
N LEU E 40 6.58 3.27 23.85
CA LEU E 40 7.37 3.32 25.08
C LEU E 40 8.26 2.09 25.21
N ARG E 41 7.74 0.93 24.82
CA ARG E 41 8.53 -0.29 24.85
C ARG E 41 9.74 -0.19 23.93
N SER E 42 9.55 0.35 22.72
CA SER E 42 10.67 0.50 21.80
C SER E 42 11.66 1.55 22.28
N ILE E 43 11.18 2.61 22.93
CA ILE E 43 12.09 3.61 23.48
C ILE E 43 12.96 2.99 24.58
N ARG E 44 12.34 2.19 25.45
CA ARG E 44 13.12 1.50 26.47
C ARG E 44 14.11 0.52 25.85
N ILE E 45 13.69 -0.17 24.78
CA ILE E 45 14.59 -1.11 24.11
C ILE E 45 15.79 -0.38 23.53
N ILE E 46 15.57 0.78 22.89
CA ILE E 46 16.67 1.54 22.30
C ILE E 46 17.61 2.04 23.38
N TYR E 47 17.06 2.54 24.49
CA TYR E 47 17.89 3.01 25.59
C TYR E 47 18.74 1.86 26.15
N GLY E 48 18.13 0.70 26.35
CA GLY E 48 18.88 -0.44 26.85
C GLY E 48 19.93 -0.92 25.88
N LEU E 49 19.63 -0.90 24.58
CA LEU E 49 20.61 -1.29 23.59
C LEU E 49 21.80 -0.33 23.57
N LYS E 50 21.54 0.97 23.69
CA LYS E 50 22.63 1.94 23.74
C LYS E 50 23.48 1.72 24.98
N LYS E 51 22.85 1.49 26.13
CA LYS E 51 23.62 1.27 27.36
C LYS E 51 24.45 -0.01 27.28
N TYR E 52 23.88 -1.08 26.74
CA TYR E 52 24.63 -2.32 26.56
C TYR E 52 25.79 -2.13 25.59
N THR E 53 25.57 -1.38 24.50
CA THR E 53 26.64 -1.12 23.56
C THR E 53 27.77 -0.34 24.22
N ARG E 54 27.43 0.65 25.06
CA ARG E 54 28.46 1.36 25.80
C ARG E 54 29.22 0.43 26.72
N SER E 55 28.52 -0.48 27.39
CA SER E 55 29.18 -1.41 28.30
C SER E 55 30.11 -2.36 27.55
N ILE E 56 29.70 -2.82 26.37
CA ILE E 56 30.52 -3.77 25.62
C ILE E 56 31.76 -3.08 25.06
N ASN E 57 31.63 -1.82 24.62
CA ASN E 57 32.77 -1.08 24.09
C ASN E 57 33.81 -0.78 25.16
N SER E 58 33.50 -0.97 26.44
CA SER E 58 34.44 -0.66 27.51
C SER E 58 35.30 -1.85 27.91
N ILE E 59 35.10 -3.01 27.30
CA ILE E 59 35.89 -4.19 27.63
C ILE E 59 36.59 -4.70 26.38
N GLU E 60 36.85 -3.80 25.43
CA GLU E 60 37.50 -4.20 24.19
C GLU E 60 38.91 -4.71 24.45
N LYS E 61 39.64 -4.07 25.36
CA LYS E 61 41.04 -4.39 25.61
C LYS E 61 41.24 -5.32 26.79
N SER E 62 40.16 -5.82 27.39
CA SER E 62 40.29 -6.70 28.55
C SER E 62 40.67 -8.11 28.10
N ALA E 63 41.09 -8.93 29.06
CA ALA E 63 41.43 -10.31 28.80
C ALA E 63 40.16 -11.10 28.47
N PRO E 64 40.28 -12.19 27.71
CA PRO E 64 39.08 -12.95 27.32
C PRO E 64 38.25 -13.43 28.51
N GLU E 65 38.89 -13.90 29.57
CA GLU E 65 38.15 -14.35 30.74
C GLU E 65 37.43 -13.18 31.42
N VAL E 66 38.11 -12.04 31.55
CA VAL E 66 37.54 -10.89 32.24
C VAL E 66 36.35 -10.36 31.45
N GLN E 67 36.51 -10.21 30.14
CA GLN E 67 35.42 -9.67 29.33
C GLN E 67 34.28 -10.67 29.21
N LEU E 68 34.58 -11.98 29.22
CA LEU E 68 33.52 -12.98 29.25
C LEU E 68 32.72 -12.89 30.54
N GLU E 69 33.40 -12.74 31.68
CA GLU E 69 32.69 -12.58 32.95
C GLU E 69 31.87 -11.30 32.96
N HIS E 70 32.42 -10.22 32.42
CA HIS E 70 31.70 -8.95 32.37
C HIS E 70 30.43 -9.10 31.54
N LEU E 71 30.53 -9.77 30.39
CA LEU E 71 29.35 -9.93 29.54
C LEU E 71 28.34 -10.86 30.20
N LYS E 72 28.79 -11.87 30.92
CA LYS E 72 27.86 -12.76 31.62
C LYS E 72 27.12 -12.02 32.72
N SER E 73 27.81 -11.10 33.42
CA SER E 73 27.15 -10.31 34.44
C SER E 73 26.25 -9.24 33.83
N LEU E 74 26.56 -8.78 32.63
CA LEU E 74 25.82 -7.69 31.99
C LEU E 74 24.41 -8.11 31.58
N PHE E 75 24.26 -9.31 31.03
CA PHE E 75 23.03 -9.72 30.37
C PHE E 75 22.13 -10.46 31.36
N GLN E 76 21.10 -9.77 31.84
CA GLN E 76 20.17 -10.33 32.81
C GLN E 76 18.71 -10.29 32.39
N ARG E 77 18.34 -9.46 31.42
CA ARG E 77 16.99 -9.52 30.87
C ARG E 77 16.81 -10.85 30.14
N SER E 78 15.65 -11.46 30.36
CA SER E 78 15.46 -12.88 30.04
C SER E 78 15.77 -13.17 28.57
N GLU E 79 15.23 -12.35 27.66
CA GLU E 79 15.49 -12.58 26.24
C GLU E 79 16.98 -12.42 25.92
N LEU E 80 17.62 -11.35 26.43
CA LEU E 80 19.05 -11.22 26.22
C LEU E 80 19.85 -12.18 27.07
N LYS E 81 19.31 -12.66 28.19
CA LYS E 81 20.01 -13.69 28.95
C LYS E 81 20.12 -14.98 28.14
N HIS E 82 19.01 -15.43 27.55
CA HIS E 82 19.05 -16.62 26.70
C HIS E 82 19.90 -16.36 25.45
N ALA E 83 19.77 -15.17 24.86
CA ALA E 83 20.56 -14.86 23.67
C ALA E 83 22.04 -14.89 23.97
N TRP E 84 22.46 -14.33 25.10
CA TRP E 84 23.87 -14.37 25.49
C TRP E 84 24.31 -15.79 25.79
N ASN E 85 23.46 -16.59 26.43
CA ASN E 85 23.85 -17.97 26.71
C ASN E 85 24.12 -18.74 25.43
N GLU E 86 23.24 -18.60 24.44
CA GLU E 86 23.45 -19.31 23.18
C GLU E 86 24.64 -18.74 22.41
N PHE E 87 24.82 -17.42 22.44
CA PHE E 87 25.98 -16.82 21.78
C PHE E 87 27.28 -17.33 22.41
N GLU E 88 27.33 -17.40 23.74
CA GLU E 88 28.52 -17.90 24.41
C GLU E 88 28.71 -19.39 24.15
N GLU E 89 27.62 -20.14 23.94
CA GLU E 89 27.78 -21.49 23.42
C GLU E 89 28.44 -21.48 22.05
N SER E 90 28.13 -20.48 21.23
CA SER E 90 28.74 -20.40 19.90
C SER E 90 30.20 -19.99 19.93
N LEU E 91 30.64 -19.28 20.96
CA LEU E 91 32.04 -18.87 21.04
C LEU E 91 32.93 -20.05 21.35
N HIS E 92 34.09 -20.09 20.70
CA HIS E 92 35.05 -21.19 20.81
C HIS E 92 36.29 -20.69 21.54
N SER E 93 36.47 -21.15 22.77
CA SER E 93 37.63 -20.77 23.56
C SER E 93 38.83 -21.61 23.16
N GLN E 94 39.96 -20.96 22.90
CA GLN E 94 41.19 -21.63 22.51
C GLN E 94 42.14 -21.65 23.70
N TYR E 95 42.60 -22.84 24.07
CA TYR E 95 43.47 -23.01 25.22
C TYR E 95 44.91 -23.24 24.78
N GLU E 96 45.84 -22.82 25.63
CA GLU E 96 47.26 -23.07 25.41
C GLU E 96 47.87 -23.47 26.74
N LEU E 97 49.08 -24.02 26.67
CA LEU E 97 49.76 -24.54 27.85
C LEU E 97 50.71 -23.48 28.40
N GLU E 98 50.36 -22.89 29.53
CA GLU E 98 51.25 -21.99 30.26
C GLU E 98 51.34 -22.47 31.70
N ASN E 99 52.57 -22.60 32.20
CA ASN E 99 52.82 -23.07 33.57
C ASN E 99 52.16 -24.43 33.82
N GLY E 100 52.20 -25.30 32.81
CA GLY E 100 51.59 -26.60 32.92
C GLY E 100 50.10 -26.58 33.15
N GLU E 101 49.40 -25.58 32.60
CA GLU E 101 47.98 -25.41 32.80
C GLU E 101 47.30 -25.06 31.48
N GLU E 102 46.01 -25.34 31.41
CA GLU E 102 45.18 -24.99 30.26
C GLU E 102 44.39 -23.74 30.61
N LYS E 103 44.75 -22.61 30.00
CA LYS E 103 44.04 -21.35 30.20
C LYS E 103 43.68 -20.75 28.85
N ILE E 104 42.62 -19.96 28.85
CA ILE E 104 42.12 -19.35 27.62
C ILE E 104 43.05 -18.22 27.21
N VAL E 105 43.53 -18.27 25.97
CA VAL E 105 44.38 -17.21 25.43
C VAL E 105 43.65 -16.37 24.40
N ARG E 106 42.56 -16.86 23.82
CA ARG E 106 41.85 -16.14 22.77
C ARG E 106 40.52 -16.82 22.54
N ILE E 107 39.46 -16.03 22.41
CA ILE E 107 38.12 -16.54 22.17
C ILE E 107 37.73 -16.19 20.74
N ARG E 108 37.28 -17.19 20.00
CA ARG E 108 36.96 -17.04 18.58
C ARG E 108 35.46 -17.16 18.38
N ALA E 109 34.96 -16.46 17.37
CA ALA E 109 33.55 -16.47 17.02
C ALA E 109 33.30 -17.46 15.90
N THR E 110 32.21 -18.24 16.04
CA THR E 110 31.80 -19.17 15.00
C THR E 110 30.53 -18.77 14.29
N ALA E 111 29.67 -17.97 14.93
CA ALA E 111 28.48 -17.42 14.33
C ALA E 111 28.39 -15.93 14.65
N PRO E 112 27.79 -15.14 13.76
CA PRO E 112 27.58 -13.72 14.08
C PRO E 112 26.61 -13.56 15.23
N SER E 113 26.85 -12.53 16.05
CA SER E 113 26.01 -12.31 17.22
C SER E 113 24.57 -11.98 16.85
N ALA E 114 24.33 -11.50 15.63
CA ALA E 114 22.96 -11.27 15.19
C ALA E 114 22.16 -12.56 15.05
N SER E 115 22.84 -13.71 15.00
CA SER E 115 22.13 -14.98 14.95
C SER E 115 21.38 -15.27 16.25
N PHE E 116 21.87 -14.74 17.37
CA PHE E 116 21.29 -14.95 18.68
C PHE E 116 20.62 -13.72 19.25
N PHE E 117 21.24 -12.55 19.08
CA PHE E 117 20.60 -11.28 19.39
C PHE E 117 19.91 -10.77 18.13
N SER E 118 18.94 -11.55 17.68
CA SER E 118 18.33 -11.31 16.38
C SER E 118 17.28 -10.22 16.47
N GLU E 119 16.87 -9.73 15.30
CA GLU E 119 15.83 -8.70 15.25
C GLU E 119 14.53 -9.23 15.80
N GLN E 120 14.16 -10.47 15.46
CA GLN E 120 12.97 -11.06 16.02
C GLN E 120 13.03 -11.08 17.54
N GLN E 121 14.01 -11.82 18.09
CA GLN E 121 14.08 -12.07 19.53
C GLN E 121 14.00 -10.78 20.32
N LEU E 122 14.79 -9.78 19.92
CA LEU E 122 15.01 -8.60 20.74
C LEU E 122 14.10 -7.43 20.40
N VAL E 123 13.48 -7.42 19.23
CA VAL E 123 12.68 -6.27 18.84
C VAL E 123 11.26 -6.71 18.47
N ASP E 124 11.16 -7.71 17.59
CA ASP E 124 9.87 -8.00 16.96
C ASP E 124 8.89 -8.63 17.94
N ILE E 125 9.35 -9.64 18.68
CA ILE E 125 8.52 -10.29 19.69
C ILE E 125 8.20 -9.32 20.81
N PRO E 126 9.17 -8.57 21.37
CA PRO E 126 8.81 -7.61 22.43
C PRO E 126 7.81 -6.55 21.98
N LEU E 127 7.91 -6.07 20.74
CA LEU E 127 7.07 -5.00 20.27
C LEU E 127 5.78 -5.48 19.62
N ASN E 128 5.61 -6.79 19.45
CA ASN E 128 4.45 -7.35 18.77
C ASN E 128 4.25 -6.72 17.40
N THR E 129 5.36 -6.51 16.68
CA THR E 129 5.28 -5.87 15.38
C THR E 129 4.46 -6.69 14.38
N GLU E 130 4.29 -7.99 14.63
CA GLU E 130 3.42 -8.80 13.79
C GLU E 130 1.97 -8.34 13.87
N PHE E 131 1.60 -7.67 14.94
CA PHE E 131 0.27 -7.10 15.10
C PHE E 131 0.25 -5.59 14.87
N PHE E 132 1.16 -4.85 15.50
CA PHE E 132 1.08 -3.40 15.51
C PHE E 132 1.37 -2.77 14.15
N LYS E 133 1.87 -3.53 13.18
CA LYS E 133 2.03 -2.97 11.85
C LYS E 133 0.73 -2.90 11.08
N HIS E 134 -0.31 -3.57 11.55
CA HIS E 134 -1.62 -3.55 10.92
C HIS E 134 -2.58 -2.59 11.61
N LEU E 135 -2.13 -1.90 12.65
CA LEU E 135 -3.00 -0.95 13.36
C LEU E 135 -3.47 0.22 12.51
N PRO E 136 -2.65 0.85 11.67
CA PRO E 136 -3.18 1.94 10.82
C PRO E 136 -4.34 1.51 9.95
N GLY E 137 -4.30 0.29 9.40
CA GLY E 137 -5.42 -0.20 8.63
C GLY E 137 -6.68 -0.34 9.47
N ILE E 138 -6.53 -0.79 10.72
CA ILE E 138 -7.68 -0.92 11.60
C ILE E 138 -8.26 0.46 11.93
N LEU E 139 -7.41 1.44 12.20
CA LEU E 139 -7.90 2.78 12.49
C LEU E 139 -8.63 3.37 11.29
N THR E 140 -8.07 3.18 10.09
CA THR E 140 -8.73 3.63 8.87
C THR E 140 -10.08 2.95 8.69
N GLY E 141 -10.14 1.64 8.95
CA GLY E 141 -11.41 0.94 8.82
C GLY E 141 -12.45 1.45 9.80
N MET E 142 -12.02 1.75 11.03
CA MET E 142 -12.95 2.30 12.02
C MET E 142 -13.50 3.64 11.58
N GLY E 143 -12.63 4.50 11.04
CA GLY E 143 -13.11 5.77 10.51
C GLY E 143 -14.10 5.59 9.37
N ILE E 144 -13.82 4.63 8.48
CA ILE E 144 -14.72 4.37 7.36
C ILE E 144 -16.07 3.88 7.85
N ILE E 145 -16.06 2.99 8.84
CA ILE E 145 -17.31 2.51 9.43
C ILE E 145 -18.09 3.66 10.04
N GLY E 146 -17.39 4.58 10.72
CA GLY E 146 -18.06 5.74 11.28
C GLY E 146 -18.74 6.58 10.22
N THR E 147 -18.04 6.85 9.12
CA THR E 147 -18.63 7.64 8.04
C THR E 147 -19.84 6.94 7.44
N PHE E 148 -19.73 5.63 7.20
CA PHE E 148 -20.85 4.89 6.63
C PHE E 148 -22.04 4.88 7.58
N TYR E 149 -21.78 4.75 8.89
CA TYR E 149 -22.85 4.77 9.87
C TYR E 149 -23.55 6.12 9.90
N GLY E 150 -22.79 7.20 9.84
CA GLY E 150 -23.41 8.52 9.79
C GLY E 150 -24.23 8.73 8.53
N LEU E 151 -23.72 8.25 7.39
CA LEU E 151 -24.47 8.33 6.15
C LEU E 151 -25.76 7.52 6.23
N MET E 152 -25.71 6.35 6.86
CA MET E 152 -26.90 5.53 7.02
C MET E 152 -27.93 6.21 7.92
N ILE E 153 -27.47 6.84 9.00
CA ILE E 153 -28.38 7.60 9.86
C ILE E 153 -29.05 8.71 9.07
N GLY E 154 -28.26 9.44 8.27
CA GLY E 154 -28.85 10.51 7.47
C GLY E 154 -29.82 10.01 6.42
N LEU E 155 -29.53 8.86 5.82
CA LEU E 155 -30.39 8.33 4.75
C LEU E 155 -31.68 7.74 5.30
N ASN E 156 -31.64 7.15 6.49
CA ASN E 156 -32.84 6.55 7.06
C ASN E 156 -33.89 7.60 7.40
N HIS E 157 -33.45 8.81 7.74
CA HIS E 157 -34.36 9.86 8.17
C HIS E 157 -34.77 10.80 7.04
N PHE E 158 -34.35 10.52 5.81
CA PHE E 158 -34.68 11.39 4.69
C PHE E 158 -36.17 11.31 4.37
N ASP E 159 -36.76 12.45 4.09
CA ASP E 159 -38.18 12.56 3.77
C ASP E 159 -38.35 13.38 2.50
N PRO E 160 -38.54 12.75 1.35
CA PRO E 160 -38.63 13.50 0.08
C PRO E 160 -40.04 13.96 -0.26
N SER E 161 -40.95 13.94 0.70
CA SER E 161 -42.36 14.21 0.42
C SER E 161 -42.54 15.63 -0.13
N THR E 162 -42.23 16.64 0.68
CA THR E 162 -42.42 18.03 0.31
C THR E 162 -41.09 18.74 0.14
N PRO E 163 -41.05 19.83 -0.64
CA PRO E 163 -39.76 20.52 -0.85
C PRO E 163 -39.11 21.01 0.44
N GLU E 164 -39.92 21.50 1.40
CA GLU E 164 -39.36 21.87 2.68
C GLU E 164 -38.81 20.66 3.41
N GLN E 165 -39.54 19.54 3.34
CA GLN E 165 -39.03 18.29 3.91
C GLN E 165 -37.77 17.85 3.20
N VAL E 166 -37.70 18.03 1.88
CA VAL E 166 -36.50 17.67 1.15
C VAL E 166 -35.31 18.49 1.63
N SER E 167 -35.50 19.80 1.79
CA SER E 167 -34.40 20.66 2.22
C SER E 167 -33.94 20.32 3.64
N SER E 168 -34.91 20.12 4.55
CA SER E 168 -34.55 19.77 5.92
C SER E 168 -33.85 18.41 5.98
N SER E 169 -34.32 17.46 5.19
CA SER E 169 -33.69 16.13 5.17
C SER E 169 -32.28 16.21 4.62
N VAL E 170 -32.06 17.03 3.59
CA VAL E 170 -30.71 17.20 3.06
C VAL E 170 -29.81 17.81 4.12
N ASN E 171 -30.30 18.83 4.83
CA ASN E 171 -29.49 19.44 5.88
C ASN E 171 -29.15 18.43 6.97
N ASN E 172 -30.14 17.63 7.39
CA ASN E 172 -29.89 16.65 8.44
C ASN E 172 -28.91 15.57 7.99
N LEU E 173 -29.04 15.12 6.74
CA LEU E 173 -28.12 14.12 6.21
C LEU E 173 -26.71 14.66 6.15
N LEU E 174 -26.55 15.89 5.67
CA LEU E 174 -25.21 16.49 5.61
C LEU E 174 -24.63 16.68 7.00
N ARG E 175 -25.46 17.07 7.97
CA ARG E 175 -24.97 17.22 9.35
C ARG E 175 -24.51 15.89 9.93
N ASP E 176 -25.29 14.83 9.73
CA ASP E 176 -24.89 13.52 10.25
C ASP E 176 -23.61 13.03 9.59
N VAL E 177 -23.50 13.19 8.27
CA VAL E 177 -22.28 12.80 7.59
C VAL E 177 -21.11 13.66 8.04
N LEU E 178 -21.35 14.92 8.40
CA LEU E 178 -20.27 15.79 8.86
C LEU E 178 -19.75 15.35 10.22
N TYR E 179 -20.66 14.99 11.14
CA TYR E 179 -20.23 14.36 12.39
C TYR E 179 -19.39 13.12 12.13
N ALA E 180 -19.91 12.22 11.29
CA ALA E 180 -19.23 10.97 11.02
C ALA E 180 -17.85 11.21 10.41
N PHE E 181 -17.75 12.19 9.52
CA PHE E 181 -16.47 12.49 8.90
C PHE E 181 -15.52 13.18 9.88
N LEU E 182 -16.05 13.90 10.86
CA LEU E 182 -15.18 14.36 11.95
C LEU E 182 -14.49 13.17 12.60
N GLY E 183 -15.28 12.15 12.95
CA GLY E 183 -14.68 10.95 13.51
C GLY E 183 -13.70 10.28 12.56
N SER E 184 -14.07 10.19 11.29
CA SER E 184 -13.23 9.52 10.30
C SER E 184 -11.93 10.26 10.04
N ALA E 185 -11.98 11.59 9.97
CA ALA E 185 -10.77 12.38 9.79
C ALA E 185 -9.86 12.26 11.00
N PHE E 186 -10.44 12.21 12.20
CA PHE E 186 -9.62 11.92 13.37
C PHE E 186 -8.95 10.56 13.24
N ALA E 187 -9.70 9.56 12.75
CA ALA E 187 -9.14 8.22 12.59
C ALA E 187 -7.99 8.22 11.59
N ILE E 188 -8.14 8.95 10.48
CA ILE E 188 -7.09 8.98 9.45
C ILE E 188 -5.86 9.72 9.96
N PHE E 189 -6.06 10.82 10.69
CA PHE E 189 -4.93 11.52 11.27
C PHE E 189 -4.18 10.64 12.25
N ALA E 190 -4.91 9.91 13.10
CA ALA E 190 -4.26 9.00 14.03
C ALA E 190 -3.56 7.87 13.30
N SER E 191 -4.13 7.41 12.19
CA SER E 191 -3.47 6.38 11.39
C SER E 191 -2.15 6.89 10.82
N ILE E 192 -2.14 8.13 10.32
CA ILE E 192 -0.91 8.72 9.81
C ILE E 192 0.14 8.83 10.92
N LEU E 193 -0.29 9.30 12.09
CA LEU E 193 0.64 9.47 13.20
C LEU E 193 1.18 8.12 13.68
N VAL E 194 0.32 7.11 13.75
CA VAL E 194 0.77 5.78 14.16
C VAL E 194 1.72 5.20 13.14
N THR E 195 1.45 5.39 11.85
CA THR E 195 2.36 4.90 10.82
C THR E 195 3.73 5.54 10.98
N TRP E 196 3.77 6.86 11.11
CA TRP E 196 5.06 7.55 11.25
C TRP E 196 5.81 7.07 12.48
N LEU E 197 5.13 7.07 13.64
CA LEU E 197 5.79 6.68 14.88
C LEU E 197 6.28 5.25 14.82
N GLU E 198 5.45 4.33 14.31
CA GLU E 198 5.84 2.93 14.23
C GLU E 198 7.05 2.74 13.33
N LYS E 199 7.01 3.30 12.12
CA LYS E 199 8.11 3.07 11.19
C LYS E 199 9.40 3.67 11.71
N LEU E 200 9.33 4.88 12.29
CA LEU E 200 10.53 5.49 12.84
C LEU E 200 11.07 4.66 14.01
N SER E 201 10.19 4.19 14.88
CA SER E 201 10.64 3.41 16.05
C SER E 201 11.26 2.09 15.62
N ILE E 202 10.66 1.41 14.65
CA ILE E 202 11.21 0.13 14.22
C ILE E 202 12.55 0.33 13.51
N ALA E 203 12.67 1.39 12.72
CA ALA E 203 13.94 1.67 12.06
C ALA E 203 15.04 1.95 13.08
N LYS E 204 14.73 2.74 14.12
CA LYS E 204 15.75 3.03 15.11
C LYS E 204 16.06 1.82 15.98
N SER E 205 15.06 0.98 16.27
CA SER E 205 15.33 -0.24 16.99
C SER E 205 16.27 -1.15 16.21
N TYR E 206 16.03 -1.31 14.91
CA TYR E 206 16.94 -2.12 14.09
C TYR E 206 18.32 -1.49 14.01
N LYS E 207 18.39 -0.16 13.90
CA LYS E 207 19.68 0.51 13.84
C LYS E 207 20.51 0.25 15.09
N TYR E 208 19.93 0.47 16.27
CA TYR E 208 20.71 0.29 17.48
C TYR E 208 20.90 -1.18 17.86
N LEU E 209 20.03 -2.08 17.42
CA LEU E 209 20.32 -3.50 17.55
C LEU E 209 21.51 -3.88 16.69
N GLU E 210 21.60 -3.34 15.49
CA GLU E 210 22.76 -3.59 14.64
C GLU E 210 24.02 -3.05 15.28
N LYS E 211 23.94 -1.87 15.89
CA LYS E 211 25.10 -1.31 16.58
C LYS E 211 25.50 -2.18 17.77
N PHE E 212 24.53 -2.69 18.51
CA PHE E 212 24.83 -3.56 19.65
C PHE E 212 25.52 -4.85 19.21
N THR E 213 24.96 -5.51 18.19
CA THR E 213 25.58 -6.73 17.68
C THR E 213 26.93 -6.45 17.06
N ALA E 214 27.12 -5.26 16.48
CA ALA E 214 28.43 -4.88 15.96
C ALA E 214 29.44 -4.73 17.09
N ALA E 215 29.01 -4.16 18.21
CA ALA E 215 29.88 -4.07 19.38
C ALA E 215 30.25 -5.46 19.89
N LEU E 216 29.29 -6.39 19.87
CA LEU E 216 29.58 -7.74 20.32
C LEU E 216 30.46 -8.50 19.33
N ASP E 217 30.29 -8.25 18.04
CA ASP E 217 31.10 -8.94 17.03
C ASP E 217 32.56 -8.51 17.08
N SER E 218 32.83 -7.25 17.41
CA SER E 218 34.19 -6.75 17.39
C SER E 218 35.08 -7.39 18.44
N LEU E 219 34.50 -8.03 19.46
CA LEU E 219 35.30 -8.65 20.51
C LEU E 219 35.95 -9.95 20.07
N TYR E 220 35.30 -10.71 19.20
CA TYR E 220 35.73 -12.06 18.85
C TYR E 220 35.97 -12.16 17.36
N ASP E 221 37.03 -12.86 16.98
CA ASP E 221 37.41 -13.03 15.59
C ASP E 221 36.87 -14.35 15.06
N SER E 222 36.33 -14.33 13.85
CA SER E 222 35.78 -15.51 13.22
C SER E 222 36.83 -16.16 12.31
N GLY E 223 36.43 -17.25 11.65
CA GLY E 223 37.33 -17.94 10.75
C GLY E 223 38.27 -18.91 11.42
N VAL E 224 37.84 -19.60 12.46
CA VAL E 224 38.75 -20.50 13.18
C VAL E 224 38.79 -21.88 12.52
N GLY E 225 37.69 -22.31 11.89
CA GLY E 225 37.69 -23.62 11.27
C GLY E 225 38.63 -23.73 10.10
N GLU E 226 38.69 -22.69 9.26
CA GLU E 226 39.63 -22.70 8.14
C GLU E 226 41.07 -22.70 8.65
N GLU E 227 41.34 -21.96 9.72
CA GLU E 227 42.67 -21.98 10.33
C GLU E 227 43.01 -23.37 10.85
N TYR E 228 42.05 -24.05 11.46
CA TYR E 228 42.29 -25.40 11.95
C TYR E 228 42.56 -26.36 10.80
N LEU E 229 41.82 -26.24 9.70
CA LEU E 229 42.07 -27.08 8.53
C LEU E 229 43.45 -26.81 7.94
N ALA E 230 43.85 -25.55 7.86
CA ALA E 230 45.18 -25.23 7.36
C ALA E 230 46.26 -25.81 8.26
N SER E 231 46.05 -25.72 9.58
CA SER E 231 46.99 -26.30 10.52
C SER E 231 47.09 -27.81 10.36
N LEU E 232 45.95 -28.47 10.13
CA LEU E 232 45.97 -29.91 9.89
C LEU E 232 46.74 -30.27 8.63
N VAL E 233 46.53 -29.51 7.55
CA VAL E 233 47.24 -29.77 6.31
C VAL E 233 48.75 -29.60 6.51
N LYS E 234 49.14 -28.52 7.17
CA LYS E 234 50.55 -28.29 7.44
C LYS E 234 51.13 -29.42 8.30
N SER E 235 50.38 -29.87 9.30
CA SER E 235 50.84 -30.94 10.16
C SER E 235 51.02 -32.23 9.38
N SER E 236 50.12 -32.50 8.42
CA SER E 236 50.26 -33.71 7.62
C SER E 236 51.51 -33.68 6.76
N ASN E 237 51.77 -32.54 6.11
CA ASN E 237 52.99 -32.43 5.30
C ASN E 237 54.24 -32.56 6.17
N GLU E 238 54.25 -31.88 7.32
CA GLU E 238 55.38 -31.99 8.22
C GLU E 238 55.55 -33.40 8.74
N SER E 239 54.45 -34.12 8.96
CA SER E 239 54.53 -35.48 9.45
C SER E 239 55.16 -36.40 8.42
N ALA E 240 54.81 -36.24 7.14
CA ALA E 240 55.46 -37.04 6.10
C ALA E 240 56.96 -36.76 6.05
N THR E 241 57.33 -35.47 6.03
CA THR E 241 58.74 -35.13 5.96
C THR E 241 59.50 -35.64 7.18
N GLN E 242 58.91 -35.49 8.37
CA GLN E 242 59.54 -35.94 9.60
C GLN E 242 59.62 -37.46 9.66
N ALA E 243 58.67 -38.16 9.07
CA ALA E 243 58.76 -39.62 9.01
C ALA E 243 59.99 -40.05 8.22
N ARG E 244 60.18 -39.44 7.05
CA ARG E 244 61.39 -39.78 6.29
C ARG E 244 62.66 -39.39 7.03
N HIS E 245 62.66 -38.21 7.66
CA HIS E 245 63.85 -37.75 8.37
C HIS E 245 64.18 -38.67 9.55
N LEU E 246 63.17 -39.09 10.30
CA LEU E 246 63.40 -39.97 11.44
C LEU E 246 63.86 -41.35 10.98
N LYS E 247 63.31 -41.85 9.86
CA LYS E 247 63.81 -43.12 9.35
C LYS E 247 65.29 -43.03 8.99
N GLU E 248 65.68 -41.94 8.31
CA GLU E 248 67.07 -41.76 7.94
C GLU E 248 67.96 -41.63 9.17
N SER E 249 67.52 -40.87 10.17
CA SER E 249 68.29 -40.70 11.40
C SER E 249 68.44 -42.01 12.14
N LEU E 250 67.37 -42.82 12.19
CA LEU E 250 67.45 -44.11 12.84
C LEU E 250 68.41 -45.04 12.13
N VAL E 251 68.41 -45.03 10.80
CA VAL E 251 69.36 -45.84 10.05
C VAL E 251 70.79 -45.39 10.35
N THR E 252 71.02 -44.07 10.39
CA THR E 252 72.36 -43.57 10.69
C THR E 252 72.81 -43.97 12.09
N ASP E 253 71.92 -43.85 13.07
CA ASP E 253 72.28 -44.22 14.44
C ASP E 253 72.56 -45.72 14.54
N LEU E 254 71.76 -46.54 13.86
CA LEU E 254 72.01 -47.98 13.85
C LEU E 254 73.37 -48.30 13.25
N ARG E 255 73.72 -47.64 12.15
CA ARG E 255 75.03 -47.85 11.55
C ARG E 255 76.13 -47.46 12.52
N ASP E 256 75.98 -46.33 13.21
CA ASP E 256 76.99 -45.90 14.17
C ASP E 256 77.14 -46.91 15.30
N MET E 257 76.03 -47.42 15.83
CA MET E 257 76.09 -48.38 16.92
C MET E 257 76.72 -49.69 16.48
N LEU E 258 76.41 -50.16 15.27
CA LEU E 258 77.03 -51.40 14.82
C LEU E 258 78.51 -51.20 14.52
N LEU E 259 78.92 -50.02 14.05
CA LEU E 259 80.35 -49.74 13.92
C LEU E 259 81.03 -49.77 15.27
N HIS E 260 80.41 -49.17 16.28
CA HIS E 260 80.98 -49.21 17.63
C HIS E 260 81.08 -50.64 18.15
N LEU E 261 80.05 -51.45 17.90
CA LEU E 261 80.07 -52.84 18.33
C LEU E 261 81.18 -53.61 17.63
N ALA E 262 81.37 -53.37 16.33
CA ALA E 262 82.44 -54.05 15.61
C ALA E 262 83.80 -53.66 16.17
N GLU E 263 84.00 -52.37 16.46
CA GLU E 263 85.27 -51.94 17.05
C GLU E 263 85.48 -52.61 18.41
N SER E 264 84.45 -52.64 19.24
CA SER E 264 84.59 -53.22 20.57
C SER E 264 84.91 -54.71 20.50
N GLN E 265 84.21 -55.44 19.62
CA GLN E 265 84.47 -56.88 19.51
C GLN E 265 85.83 -57.15 18.87
N LYS E 266 86.30 -56.28 17.98
CA LYS E 266 87.65 -56.43 17.46
C LYS E 266 88.69 -56.22 18.55
N ILE E 267 88.49 -55.23 19.42
CA ILE E 267 89.41 -55.02 20.52
C ILE E 267 89.41 -56.22 21.45
N GLU E 268 88.23 -56.76 21.76
CA GLU E 268 88.17 -57.93 22.62
C GLU E 268 88.77 -59.16 21.95
N ASN E 269 88.65 -59.28 20.63
CA ASN E 269 89.28 -60.38 19.91
C ASN E 269 90.80 -60.25 19.98
N GLU E 270 91.32 -59.02 19.87
CA GLU E 270 92.75 -58.79 20.06
C GLU E 270 93.19 -59.18 21.46
N ARG E 271 92.38 -58.83 22.47
CA ARG E 271 92.71 -59.20 23.85
C ARG E 271 92.73 -60.71 24.03
N LEU E 272 91.76 -61.41 23.42
CA LEU E 272 91.73 -62.86 23.50
C LEU E 272 92.94 -63.47 22.81
N ALA E 273 93.34 -62.93 21.66
CA ALA E 273 94.53 -63.42 20.98
C ALA E 273 95.77 -63.20 21.82
N ASN E 274 95.88 -62.04 22.47
CA ASN E 274 97.01 -61.77 23.35
C ASN E 274 97.05 -62.75 24.53
N THR E 275 95.89 -63.03 25.13
CA THR E 275 95.84 -63.97 26.22
C THR E 275 96.22 -65.38 25.77
N LEU E 276 95.75 -65.78 24.59
CA LEU E 276 96.12 -67.10 24.06
C LEU E 276 97.61 -67.19 23.80
N SER E 277 98.20 -66.12 23.25
CA SER E 277 99.64 -66.11 23.02
C SER E 277 100.41 -66.18 24.34
N ALA E 278 99.93 -65.47 25.37
CA ALA E 278 100.57 -65.53 26.67
C ALA E 278 100.48 -66.93 27.27
N THR E 279 99.34 -67.60 27.09
CA THR E 279 99.20 -68.97 27.58
C THR E 279 100.07 -69.95 26.83
N TYR E 280 100.55 -69.59 25.64
CA TYR E 280 101.42 -70.46 24.86
C TYR E 280 102.88 -70.30 25.27
N MET F 1 31.63 -23.06 4.55
CA MET F 1 31.68 -24.51 4.43
C MET F 1 31.38 -25.14 5.80
N PHE F 2 31.60 -24.35 6.85
CA PHE F 2 31.40 -24.81 8.22
C PHE F 2 29.99 -24.56 8.75
N GLY F 3 29.10 -24.00 7.93
CA GLY F 3 27.73 -23.78 8.35
C GLY F 3 26.91 -25.05 8.35
N ASN F 4 25.67 -24.92 8.81
CA ASN F 4 24.74 -26.03 8.91
C ASN F 4 23.64 -25.86 7.86
N ALA F 5 23.37 -26.93 7.10
CA ALA F 5 22.31 -26.91 6.11
C ALA F 5 20.93 -26.92 6.73
N PHE F 6 20.81 -27.32 7.99
CA PHE F 6 19.53 -27.31 8.69
C PHE F 6 19.41 -26.03 9.50
N GLY F 7 19.19 -24.93 8.77
CA GLY F 7 19.07 -23.61 9.36
C GLY F 7 17.66 -23.09 9.27
N VAL F 8 17.42 -22.01 10.02
CA VAL F 8 16.11 -21.39 10.04
C VAL F 8 15.81 -20.75 8.68
N LYS F 9 14.54 -20.80 8.29
CA LYS F 9 14.10 -20.27 7.01
C LYS F 9 12.83 -19.45 7.24
N LYS F 10 12.24 -18.98 6.15
CA LYS F 10 10.98 -18.23 6.16
C LYS F 10 11.09 -16.96 7.01
N ARG F 11 12.31 -16.41 7.13
CA ARG F 11 12.48 -15.19 7.88
C ARG F 11 11.94 -14.02 7.08
N ARG F 12 10.62 -13.90 7.01
CA ARG F 12 9.96 -12.94 6.13
C ARG F 12 8.67 -12.48 6.82
N SER F 13 8.71 -11.30 7.44
CA SER F 13 7.52 -10.73 8.02
C SER F 13 6.62 -10.18 6.92
N ASP F 14 5.33 -10.49 7.01
CA ASP F 14 4.39 -10.07 5.97
C ASP F 14 4.19 -8.55 6.02
N GLU F 15 4.12 -7.94 4.84
CA GLU F 15 3.88 -6.52 4.73
C GLU F 15 2.42 -6.19 5.03
N ALA F 16 2.22 -5.12 5.79
CA ALA F 16 0.88 -4.69 6.13
C ALA F 16 0.21 -4.00 4.95
N GLU F 17 -1.11 -4.15 4.87
CA GLU F 17 -1.88 -3.53 3.79
C GLU F 17 -1.80 -2.01 3.88
N LYS F 18 -1.62 -1.37 2.73
CA LYS F 18 -1.62 0.09 2.69
C LYS F 18 -3.06 0.58 2.78
N PRO F 19 -3.43 1.36 3.80
CA PRO F 19 -4.84 1.58 4.09
C PRO F 19 -5.45 2.85 3.51
N PHE F 20 -4.63 3.72 2.93
CA PHE F 20 -5.10 5.07 2.64
C PHE F 20 -5.83 5.20 1.31
N TRP F 21 -5.44 4.42 0.29
CA TRP F 21 -6.27 4.39 -0.92
C TRP F 21 -7.59 3.71 -0.65
N ILE F 22 -7.63 2.77 0.30
CA ILE F 22 -8.90 2.18 0.73
C ILE F 22 -9.80 3.25 1.34
N SER F 23 -9.23 4.09 2.20
CA SER F 23 -9.99 5.18 2.79
C SER F 23 -10.47 6.16 1.73
N TYR F 24 -9.59 6.48 0.77
CA TYR F 24 -9.98 7.38 -0.30
C TYR F 24 -11.16 6.82 -1.08
N ALA F 25 -11.07 5.54 -1.45
CA ALA F 25 -12.13 4.91 -2.24
C ALA F 25 -13.45 4.87 -1.48
N ASP F 26 -13.41 4.52 -0.20
CA ASP F 26 -14.66 4.40 0.56
C ASP F 26 -15.27 5.77 0.84
N LEU F 27 -14.43 6.78 1.14
CA LEU F 27 -14.97 8.11 1.37
C LEU F 27 -15.53 8.72 0.09
N MET F 28 -14.91 8.47 -1.07
CA MET F 28 -15.54 8.85 -2.33
C MET F 28 -16.77 8.02 -2.66
N THR F 29 -16.87 6.78 -2.18
CA THR F 29 -18.14 6.06 -2.31
C THR F 29 -19.25 6.80 -1.56
N ALA F 30 -18.96 7.18 -0.32
CA ALA F 30 -19.94 7.92 0.48
C ALA F 30 -20.24 9.27 -0.14
N MET F 31 -19.22 9.98 -0.64
CA MET F 31 -19.42 11.29 -1.25
C MET F 31 -20.20 11.20 -2.55
N MET F 32 -19.91 10.18 -3.36
CA MET F 32 -20.65 9.93 -4.60
C MET F 32 -22.12 9.68 -4.31
N VAL F 33 -22.41 8.86 -3.31
CA VAL F 33 -23.80 8.64 -2.92
C VAL F 33 -24.45 9.92 -2.41
N LEU F 34 -23.70 10.71 -1.64
CA LEU F 34 -24.23 11.98 -1.16
C LEU F 34 -24.57 12.90 -2.31
N PHE F 35 -23.71 12.95 -3.33
CA PHE F 35 -23.95 13.84 -4.46
C PHE F 35 -25.11 13.34 -5.30
N LEU F 36 -25.25 12.01 -5.45
CA LEU F 36 -26.42 11.47 -6.15
C LEU F 36 -27.71 11.82 -5.43
N VAL F 37 -27.71 11.66 -4.10
CA VAL F 37 -28.91 11.95 -3.32
C VAL F 37 -29.24 13.43 -3.38
N VAL F 38 -28.23 14.29 -3.26
CA VAL F 38 -28.48 15.73 -3.37
C VAL F 38 -28.94 16.08 -4.78
N MET F 39 -28.41 15.41 -5.80
CA MET F 39 -28.87 15.64 -7.16
C MET F 39 -30.36 15.37 -7.30
N VAL F 40 -30.79 14.17 -6.91
CA VAL F 40 -32.20 13.81 -7.11
C VAL F 40 -33.10 14.66 -6.22
N ALA F 41 -32.69 14.89 -4.97
CA ALA F 41 -33.49 15.68 -4.06
C ALA F 41 -33.62 17.12 -4.53
N SER F 42 -32.52 17.73 -4.99
CA SER F 42 -32.56 19.10 -5.45
C SER F 42 -33.38 19.23 -6.73
N LEU F 43 -33.23 18.28 -7.65
CA LEU F 43 -34.03 18.34 -8.88
C LEU F 43 -35.51 18.22 -8.55
N SER F 44 -35.88 17.26 -7.70
CA SER F 44 -37.27 17.10 -7.31
C SER F 44 -37.80 18.34 -6.61
N SER F 45 -37.01 18.90 -5.69
CA SER F 45 -37.46 20.08 -4.95
C SER F 45 -37.66 21.28 -5.86
N VAL F 46 -36.71 21.54 -6.77
CA VAL F 46 -36.83 22.69 -7.64
C VAL F 46 -38.01 22.52 -8.58
N THR F 47 -38.19 21.33 -9.14
CA THR F 47 -39.36 21.08 -9.99
C THR F 47 -40.65 21.27 -9.21
N GLN F 48 -40.67 20.85 -7.93
CA GLN F 48 -41.87 21.01 -7.13
C GLN F 48 -42.16 22.48 -6.85
N ARG F 49 -41.14 23.29 -6.56
CA ARG F 49 -41.35 24.74 -6.45
C ARG F 49 -41.90 25.33 -7.74
N ILE F 50 -41.34 24.94 -8.88
CA ILE F 50 -41.79 25.51 -10.15
C ILE F 50 -43.26 25.16 -10.41
N GLN F 51 -43.61 23.88 -10.24
CA GLN F 51 -44.99 23.48 -10.49
C GLN F 51 -45.93 24.05 -9.44
N ARG F 52 -45.47 24.20 -8.20
CA ARG F 52 -46.29 24.83 -7.18
C ARG F 52 -46.61 26.27 -7.53
N ALA F 53 -45.61 27.03 -7.99
CA ALA F 53 -45.86 28.40 -8.40
C ALA F 53 -46.81 28.45 -9.58
N GLU F 54 -46.61 27.57 -10.56
CA GLU F 54 -47.49 27.57 -11.73
C GLU F 54 -48.94 27.26 -11.35
N GLN F 55 -49.14 26.25 -10.49
CA GLN F 55 -50.51 25.89 -10.12
C GLN F 55 -51.13 26.92 -9.18
N GLY F 56 -50.32 27.58 -8.35
CA GLY F 56 -50.87 28.67 -7.55
C GLY F 56 -51.33 29.84 -8.40
N GLU F 57 -50.54 30.20 -9.42
CA GLU F 57 -50.96 31.25 -10.33
C GLU F 57 -52.21 30.84 -11.09
N LYS F 58 -52.28 29.57 -11.52
CA LYS F 58 -53.47 29.10 -12.22
C LYS F 58 -54.70 29.12 -11.31
N ALA F 59 -54.52 28.75 -10.03
CA ALA F 59 -55.65 28.77 -9.11
C ALA F 59 -56.12 30.19 -8.84
N ARG F 60 -55.20 31.14 -8.71
CA ARG F 60 -55.59 32.53 -8.56
C ARG F 60 -56.37 33.02 -9.77
N GLY F 61 -55.88 32.67 -10.98
CA GLY F 61 -56.60 33.05 -12.18
C GLY F 61 -57.98 32.43 -12.25
N GLN F 62 -58.09 31.15 -11.85
CA GLN F 62 -59.38 30.48 -11.84
C GLN F 62 -60.34 31.12 -10.86
N ASP F 63 -59.85 31.50 -9.67
CA ASP F 63 -60.70 32.19 -8.71
C ASP F 63 -61.18 33.52 -9.26
N ILE F 64 -60.29 34.27 -9.91
CA ILE F 64 -60.68 35.54 -10.53
C ILE F 64 -61.75 35.31 -11.58
N SER F 65 -61.56 34.30 -12.43
CA SER F 65 -62.54 34.00 -13.48
C SER F 65 -63.88 33.60 -12.88
N ARG F 66 -63.87 32.79 -11.83
CA ARG F 66 -65.13 32.40 -11.19
C ARG F 66 -65.84 33.61 -10.60
N LEU F 67 -65.10 34.49 -9.94
CA LEU F 67 -65.70 35.71 -9.39
C LEU F 67 -66.33 36.54 -10.49
N CYS F 68 -65.61 36.73 -11.60
CA CYS F 68 -66.15 37.51 -12.71
C CYS F 68 -67.39 36.85 -13.29
N GLU F 69 -67.37 35.51 -13.43
CA GLU F 69 -68.50 34.81 -14.01
C GLU F 69 -69.74 34.93 -13.12
N ARG F 70 -69.59 34.74 -11.82
CA ARG F 70 -70.75 34.84 -10.94
C ARG F 70 -71.25 36.27 -10.85
N LEU F 71 -70.34 37.25 -10.87
CA LEU F 71 -70.76 38.65 -10.86
C LEU F 71 -71.53 39.00 -12.13
N GLU F 72 -71.07 38.50 -13.28
CA GLU F 72 -71.79 38.76 -14.53
C GLU F 72 -73.14 38.07 -14.54
N LEU F 73 -73.22 36.86 -13.99
CA LEU F 73 -74.51 36.17 -13.89
C LEU F 73 -75.48 36.94 -13.01
N HIS F 74 -75.00 37.44 -11.87
CA HIS F 74 -75.84 38.27 -11.01
C HIS F 74 -76.26 39.55 -11.72
N ALA F 75 -75.36 40.13 -12.50
CA ALA F 75 -75.71 41.34 -13.27
C ALA F 75 -76.81 41.04 -14.26
N ARG F 76 -76.71 39.93 -14.98
CA ARG F 76 -77.78 39.55 -15.91
C ARG F 76 -79.09 39.33 -15.17
N ASN F 77 -79.04 38.67 -14.01
CA ASN F 77 -80.26 38.40 -13.25
C ASN F 77 -80.92 39.69 -12.77
N VAL F 78 -80.12 40.67 -12.35
CA VAL F 78 -80.67 41.91 -11.82
C VAL F 78 -81.29 42.74 -12.95
N ASN F 79 -80.48 43.12 -13.93
CA ASN F 79 -80.95 43.95 -15.04
C ASN F 79 -80.00 43.79 -16.22
N LYS F 80 -80.56 43.83 -17.43
CA LYS F 80 -79.90 43.25 -18.59
C LYS F 80 -78.93 44.20 -19.30
N ASN F 81 -78.99 45.51 -19.04
CA ASN F 81 -78.15 46.41 -19.81
C ASN F 81 -76.68 46.34 -19.41
N ILE F 82 -76.35 45.63 -18.33
CA ILE F 82 -74.98 45.55 -17.86
C ILE F 82 -74.14 44.73 -18.84
N VAL F 83 -72.94 45.22 -19.12
CA VAL F 83 -71.98 44.52 -19.97
C VAL F 83 -70.73 44.27 -19.13
N VAL F 84 -70.43 43.00 -18.89
CA VAL F 84 -69.29 42.58 -18.09
C VAL F 84 -68.32 41.82 -18.98
N ASP F 85 -67.05 42.23 -18.95
CA ASP F 85 -66.01 41.62 -19.78
C ASP F 85 -64.97 40.98 -18.87
N CYS F 86 -65.01 39.65 -18.79
CA CYS F 86 -64.04 38.93 -17.96
C CYS F 86 -62.65 38.90 -18.58
N HIS F 87 -62.53 39.12 -19.88
CA HIS F 87 -61.24 39.05 -20.55
C HIS F 87 -60.30 40.17 -20.11
N ASP F 88 -60.83 41.31 -19.68
CA ASP F 88 -60.01 42.41 -19.19
C ASP F 88 -60.44 42.90 -17.82
N ASN F 89 -61.35 42.19 -17.16
CA ASN F 89 -61.87 42.57 -15.84
C ASN F 89 -62.47 43.98 -15.87
N ARG F 90 -63.52 44.12 -16.67
CA ARG F 90 -64.17 45.41 -16.86
C ARG F 90 -65.68 45.21 -16.94
N ILE F 91 -66.42 46.02 -16.19
CA ILE F 91 -67.88 46.10 -16.31
C ILE F 91 -68.22 47.43 -16.96
N SER F 92 -68.89 47.37 -18.11
CA SER F 92 -69.25 48.55 -18.86
C SER F 92 -70.76 48.61 -19.03
N PHE F 93 -71.22 49.72 -19.61
CA PHE F 93 -72.63 49.93 -19.89
C PHE F 93 -72.82 50.01 -21.39
N GLY F 94 -73.66 49.14 -21.93
CA GLY F 94 -73.86 49.06 -23.37
C GLY F 94 -74.28 50.36 -24.01
N GLU F 95 -75.48 50.83 -23.68
CA GLU F 95 -75.99 52.10 -24.19
C GLU F 95 -76.26 53.12 -23.10
N ALA F 96 -76.67 52.69 -21.90
CA ALA F 96 -77.02 53.61 -20.84
C ALA F 96 -75.83 54.46 -20.39
N GLY F 97 -74.61 54.05 -20.72
CA GLY F 97 -73.42 54.79 -20.34
C GLY F 97 -73.01 55.91 -21.27
N ARG F 98 -73.81 56.23 -22.27
CA ARG F 98 -73.45 57.27 -23.21
C ARG F 98 -73.57 58.64 -22.56
N PHE F 99 -72.98 59.65 -23.20
CA PHE F 99 -73.07 61.02 -22.73
C PHE F 99 -73.11 61.96 -23.93
N ALA F 100 -73.82 63.08 -23.75
CA ALA F 100 -73.89 64.12 -24.76
C ALA F 100 -72.96 65.27 -24.39
N HIS F 101 -72.86 66.24 -25.30
CA HIS F 101 -72.02 67.39 -25.06
C HIS F 101 -72.56 68.22 -23.89
N ASN F 102 -71.65 68.70 -23.06
CA ASN F 102 -71.99 69.51 -21.88
C ASN F 102 -72.96 68.77 -20.96
N GLN F 103 -72.78 67.45 -20.85
CA GLN F 103 -73.58 66.62 -19.97
C GLN F 103 -72.66 65.89 -19.01
N PHE F 104 -73.06 65.79 -17.74
CA PHE F 104 -72.24 65.20 -16.70
C PHE F 104 -72.99 64.21 -15.84
N PHE F 105 -74.18 63.78 -16.25
CA PHE F 105 -74.97 62.83 -15.49
C PHE F 105 -75.57 61.79 -16.40
N LEU F 106 -75.61 60.55 -15.93
CA LEU F 106 -76.22 59.46 -16.67
C LEU F 106 -77.73 59.64 -16.74
N ASN F 107 -78.33 58.99 -17.73
CA ASN F 107 -79.78 58.99 -17.86
C ASN F 107 -80.40 58.17 -16.72
N ALA F 108 -81.74 58.11 -16.70
CA ALA F 108 -82.44 57.39 -15.64
C ALA F 108 -82.04 55.92 -15.63
N GLU F 109 -81.94 55.30 -16.80
CA GLU F 109 -81.47 53.93 -16.87
C GLU F 109 -80.03 53.81 -16.37
N GLY F 110 -79.18 54.79 -16.71
CA GLY F 110 -77.82 54.76 -16.23
C GLY F 110 -77.71 54.86 -14.72
N GLN F 111 -78.47 55.78 -14.12
CA GLN F 111 -78.47 55.90 -12.66
C GLN F 111 -79.02 54.64 -12.01
N LYS F 112 -80.09 54.06 -12.58
CA LYS F 112 -80.64 52.83 -12.03
C LYS F 112 -79.62 51.70 -12.07
N ALA F 113 -78.92 51.54 -13.20
CA ALA F 113 -77.93 50.48 -13.30
C ALA F 113 -76.75 50.73 -12.36
N LEU F 114 -76.35 51.99 -12.22
CA LEU F 114 -75.26 52.31 -11.28
C LEU F 114 -75.66 51.98 -9.86
N GLN F 115 -76.90 52.29 -9.47
CA GLN F 115 -77.35 51.95 -8.13
C GLN F 115 -77.48 50.43 -7.96
N ASP F 116 -77.84 49.72 -9.02
CA ASP F 116 -78.04 48.28 -8.92
C ASP F 116 -76.72 47.52 -8.83
N VAL F 117 -75.68 48.00 -9.52
CA VAL F 117 -74.43 47.22 -9.56
C VAL F 117 -73.67 47.28 -8.26
N VAL F 118 -73.92 48.28 -7.40
CA VAL F 118 -73.16 48.41 -6.16
C VAL F 118 -73.33 47.20 -5.24
N PRO F 119 -74.55 46.77 -4.88
CA PRO F 119 -74.67 45.59 -4.02
C PRO F 119 -74.05 44.34 -4.63
N LEU F 120 -74.06 44.22 -5.96
CA LEU F 120 -73.39 43.09 -6.60
C LEU F 120 -71.89 43.13 -6.33
N VAL F 121 -71.28 44.31 -6.42
CA VAL F 121 -69.85 44.44 -6.13
C VAL F 121 -69.57 44.16 -4.67
N LEU F 122 -70.45 44.62 -3.77
CA LEU F 122 -70.28 44.33 -2.35
C LEU F 122 -70.34 42.83 -2.08
N GLU F 123 -71.28 42.13 -2.72
CA GLU F 123 -71.35 40.68 -2.57
C GLU F 123 -70.12 39.99 -3.16
N ALA F 124 -69.64 40.48 -4.31
CA ALA F 124 -68.47 39.89 -4.94
C ALA F 124 -67.24 40.01 -4.05
N SER F 125 -67.03 41.19 -3.46
CA SER F 125 -65.92 41.37 -2.54
C SER F 125 -66.13 40.61 -1.25
N ASN F 126 -67.39 40.41 -0.84
CA ASN F 126 -67.68 39.69 0.39
C ASN F 126 -67.23 38.23 0.27
N SER F 127 -67.46 37.61 -0.87
CA SER F 127 -67.19 36.19 -1.06
C SER F 127 -65.71 35.88 -0.86
N GLU F 128 -65.40 34.58 -0.82
CA GLU F 128 -64.03 34.14 -0.54
C GLU F 128 -63.07 34.62 -1.62
N GLU F 129 -63.51 34.63 -2.88
CA GLU F 129 -62.65 35.14 -3.94
C GLU F 129 -62.35 36.62 -3.74
N GLY F 130 -63.34 37.39 -3.31
CA GLY F 130 -63.10 38.80 -3.03
C GLY F 130 -62.10 39.01 -1.91
N LYS F 131 -62.25 38.26 -0.82
CA LYS F 131 -61.30 38.37 0.28
C LYS F 131 -59.90 37.94 -0.14
N LYS F 132 -59.80 36.94 -1.01
CA LYS F 132 -58.51 36.41 -1.41
C LYS F 132 -57.79 37.32 -2.41
N TRP F 133 -58.52 37.96 -3.31
CA TRP F 133 -57.85 38.62 -4.44
C TRP F 133 -58.34 40.02 -4.77
N PHE F 134 -59.48 40.48 -4.26
CA PHE F 134 -60.13 41.67 -4.83
C PHE F 134 -59.49 42.95 -4.31
N LYS F 135 -58.98 43.77 -5.23
CA LYS F 135 -58.49 45.11 -4.94
C LYS F 135 -59.62 46.13 -5.03
N GLN F 136 -59.29 47.39 -4.77
CA GLN F 136 -60.24 48.48 -4.90
C GLN F 136 -60.57 48.73 -6.38
N ILE F 137 -61.72 49.32 -6.63
CA ILE F 137 -62.22 49.59 -7.97
C ILE F 137 -61.94 51.05 -8.31
N VAL F 138 -61.38 51.29 -9.49
CA VAL F 138 -61.14 52.63 -9.99
C VAL F 138 -62.15 52.93 -11.09
N ILE F 139 -62.44 54.21 -11.29
CA ILE F 139 -63.39 54.68 -12.28
C ILE F 139 -62.63 55.45 -13.35
N GLU F 140 -62.81 55.06 -14.60
CA GLU F 140 -62.07 55.63 -15.73
C GLU F 140 -63.02 56.43 -16.60
N GLY F 141 -62.61 57.64 -16.97
CA GLY F 141 -63.40 58.52 -17.82
C GLY F 141 -62.86 58.54 -19.23
N PHE F 142 -63.77 58.54 -20.21
CA PHE F 142 -63.42 58.50 -21.62
C PHE F 142 -64.14 59.61 -22.37
N THR F 143 -63.43 60.29 -23.26
CA THR F 143 -63.98 61.40 -24.03
C THR F 143 -63.23 61.47 -25.35
N ASP F 144 -63.91 62.02 -26.36
CA ASP F 144 -63.33 62.16 -27.69
C ASP F 144 -62.06 63.00 -27.65
N THR F 145 -61.26 62.90 -28.71
CA THR F 145 -60.03 63.65 -28.85
C THR F 145 -60.25 65.05 -29.40
N ASP F 146 -61.47 65.36 -29.84
CA ASP F 146 -61.80 66.66 -30.39
C ASP F 146 -62.17 67.64 -29.27
N GLY F 147 -62.32 68.91 -29.65
CA GLY F 147 -62.67 69.94 -28.70
C GLY F 147 -61.50 70.35 -27.84
N SER F 148 -61.78 71.23 -26.89
CA SER F 148 -60.77 71.68 -25.95
C SER F 148 -60.39 70.52 -25.01
N TYR F 149 -59.08 70.30 -24.86
CA TYR F 149 -58.61 69.22 -23.99
C TYR F 149 -59.04 69.46 -22.55
N LEU F 150 -58.90 70.69 -22.06
CA LEU F 150 -59.27 70.97 -20.69
C LEU F 150 -60.78 70.88 -20.50
N TYR F 151 -61.55 71.28 -21.51
CA TYR F 151 -63.00 71.11 -21.45
C TYR F 151 -63.37 69.63 -21.31
N ASN F 152 -62.77 68.78 -22.14
CA ASN F 152 -63.06 67.34 -22.07
C ASN F 152 -62.65 66.76 -20.72
N LEU F 153 -61.46 67.14 -20.24
CA LEU F 153 -61.00 66.62 -18.95
C LEU F 153 -61.92 67.05 -17.82
N HIS F 154 -62.29 68.33 -17.77
CA HIS F 154 -63.17 68.82 -16.71
C HIS F 154 -64.53 68.14 -16.79
N LEU F 155 -65.07 67.97 -18.01
CA LEU F 155 -66.37 67.34 -18.15
C LEU F 155 -66.33 65.89 -17.66
N SER F 156 -65.33 65.13 -18.10
CA SER F 156 -65.24 63.73 -17.68
C SER F 156 -65.01 63.61 -16.17
N LEU F 157 -64.18 64.49 -15.62
CA LEU F 157 -63.92 64.45 -14.18
C LEU F 157 -65.18 64.80 -13.39
N GLN F 158 -65.99 65.73 -13.93
CA GLN F 158 -67.28 66.04 -13.34
C GLN F 158 -68.22 64.83 -13.40
N ARG F 159 -68.19 64.10 -14.51
CA ARG F 159 -68.97 62.87 -14.61
C ARG F 159 -68.56 61.88 -13.53
N SER F 160 -67.25 61.71 -13.33
CA SER F 160 -66.75 60.80 -12.30
C SER F 160 -67.19 61.25 -10.91
N GLU F 161 -67.10 62.56 -10.64
CA GLU F 161 -67.53 63.07 -9.34
C GLU F 161 -69.01 62.85 -9.12
N TRP F 162 -69.82 63.07 -10.16
CA TRP F 162 -71.26 62.85 -10.04
C TRP F 162 -71.57 61.38 -9.79
N VAL F 163 -70.84 60.47 -10.46
CA VAL F 163 -71.02 59.04 -10.21
C VAL F 163 -70.68 58.72 -8.76
N MET F 164 -69.58 59.26 -8.26
CA MET F 164 -69.19 59.01 -6.88
C MET F 164 -70.24 59.55 -5.90
N CYS F 165 -70.78 60.74 -6.18
CA CYS F 165 -71.85 61.28 -5.35
C CYS F 165 -73.07 60.36 -5.35
N SER F 166 -73.53 59.98 -6.54
CA SER F 166 -74.67 59.07 -6.64
C SER F 166 -74.40 57.78 -5.87
N LEU F 167 -73.14 57.36 -5.80
CA LEU F 167 -72.78 56.24 -4.94
C LEU F 167 -72.97 56.59 -3.46
N LEU F 168 -72.54 57.78 -3.05
CA LEU F 168 -72.50 58.13 -1.63
C LEU F 168 -73.36 59.31 -1.22
N ASP F 169 -74.20 59.85 -2.09
CA ASP F 169 -75.07 60.95 -1.69
C ASP F 169 -76.17 60.44 -0.76
N SER F 170 -76.47 61.23 0.28
CA SER F 170 -77.51 60.84 1.21
C SER F 170 -78.87 60.76 0.53
N ARG F 171 -79.16 61.71 -0.36
CA ARG F 171 -80.42 61.68 -1.10
C ARG F 171 -80.50 60.50 -2.07
N SER F 172 -79.36 59.91 -2.42
CA SER F 172 -79.37 58.75 -3.30
C SER F 172 -79.96 57.55 -2.59
N PRO F 173 -80.62 56.65 -3.32
CA PRO F 173 -81.23 55.47 -2.68
C PRO F 173 -80.22 54.56 -1.98
N LEU F 174 -78.95 54.60 -2.38
CA LEU F 174 -77.97 53.70 -1.79
C LEU F 174 -77.80 53.97 -0.30
N GLN F 175 -77.69 55.24 0.08
CA GLN F 175 -77.46 55.58 1.48
C GLN F 175 -78.61 55.12 2.36
N LYS F 176 -79.85 55.32 1.90
CA LYS F 176 -81.01 54.84 2.65
C LYS F 176 -81.23 53.35 2.50
N ASN F 177 -80.50 52.68 1.60
CA ASN F 177 -80.59 51.24 1.44
C ASN F 177 -79.46 50.48 2.14
N ILE F 178 -78.22 50.96 2.02
CA ILE F 178 -77.07 50.27 2.59
C ILE F 178 -76.98 50.55 4.09
N SER F 179 -76.14 49.79 4.79
CA SER F 179 -75.88 49.99 6.20
C SER F 179 -74.54 50.70 6.39
N ALA F 180 -74.18 50.91 7.66
CA ALA F 180 -72.91 51.58 7.96
C ALA F 180 -71.72 50.72 7.52
N GLU F 181 -71.78 49.41 7.76
CA GLU F 181 -70.70 48.54 7.34
C GLU F 181 -70.59 48.50 5.81
N GLN F 182 -71.73 48.46 5.12
CA GLN F 182 -71.70 48.49 3.66
C GLN F 182 -71.17 49.82 3.16
N GLN F 183 -71.53 50.91 3.82
CA GLN F 183 -71.00 52.22 3.44
C GLN F 183 -69.49 52.27 3.60
N LEU F 184 -68.98 51.76 4.72
CA LEU F 184 -67.53 51.74 4.94
C LEU F 184 -66.84 50.86 3.89
N GLN F 185 -67.44 49.71 3.57
CA GLN F 185 -66.85 48.86 2.54
C GLN F 185 -66.84 49.55 1.19
N ILE F 186 -67.91 50.26 0.84
CA ILE F 186 -67.92 51.02 -0.42
C ILE F 186 -66.81 52.07 -0.40
N ARG F 187 -66.65 52.76 0.74
CA ARG F 187 -65.57 53.72 0.88
C ARG F 187 -64.22 53.07 0.64
N LYS F 188 -64.05 51.82 1.08
CA LYS F 188 -62.80 51.11 0.86
C LYS F 188 -62.60 50.69 -0.60
N LEU F 189 -63.67 50.26 -1.28
CA LEU F 189 -63.56 49.72 -2.63
C LEU F 189 -63.54 50.80 -3.72
N PHE F 190 -64.58 51.63 -3.80
CA PHE F 190 -64.74 52.49 -4.95
C PHE F 190 -63.80 53.69 -4.88
N LEU F 191 -62.95 53.84 -5.91
CA LEU F 191 -62.02 54.94 -6.02
C LEU F 191 -62.18 55.60 -7.39
N ALA F 192 -61.74 56.85 -7.48
CA ALA F 192 -61.79 57.59 -8.72
C ALA F 192 -60.42 57.52 -9.40
N GLY F 193 -60.41 57.16 -10.67
CA GLY F 193 -59.18 57.05 -11.44
C GLY F 193 -58.92 58.27 -12.29
N GLY F 194 -58.23 58.04 -13.42
CA GLY F 194 -57.90 59.10 -14.33
C GLY F 194 -58.91 59.22 -15.48
N VAL F 195 -58.51 60.01 -16.48
CA VAL F 195 -59.32 60.25 -17.67
C VAL F 195 -58.55 59.75 -18.88
N SER F 196 -59.20 58.92 -19.69
CA SER F 196 -58.59 58.35 -20.88
C SER F 196 -59.24 58.94 -22.13
N PHE F 197 -58.51 58.89 -23.23
CA PHE F 197 -58.95 59.46 -24.52
C PHE F 197 -58.83 58.42 -25.63
N ASN F 198 -59.35 57.22 -25.37
CA ASN F 198 -59.34 56.15 -26.36
C ASN F 198 -60.49 56.40 -27.35
N ASN F 199 -60.19 57.20 -28.37
CA ASN F 199 -61.15 57.55 -29.40
C ASN F 199 -60.90 56.72 -30.66
N ALA F 200 -61.92 56.00 -31.12
CA ALA F 200 -61.77 55.13 -32.26
C ALA F 200 -63.11 55.04 -33.00
N LYS F 201 -63.02 54.64 -34.27
CA LYS F 201 -64.15 54.40 -35.16
C LYS F 201 -64.99 55.65 -35.42
N GLU F 202 -64.53 56.82 -34.98
CA GLU F 202 -65.22 58.09 -35.18
C GLU F 202 -66.65 58.05 -34.63
N SER F 203 -66.85 57.32 -33.53
CA SER F 203 -68.16 57.19 -32.91
C SER F 203 -68.13 57.96 -31.58
N LYS F 204 -68.65 59.19 -31.59
CA LYS F 204 -68.70 59.98 -30.37
C LYS F 204 -69.73 59.45 -29.36
N GLU F 205 -70.71 58.67 -29.83
CA GLU F 205 -71.74 58.16 -28.93
C GLU F 205 -71.14 57.19 -27.92
N ALA F 206 -70.27 56.29 -28.38
CA ALA F 206 -69.68 55.29 -27.50
C ALA F 206 -68.33 55.72 -26.93
N SER F 207 -67.69 56.72 -27.53
CA SER F 207 -66.40 57.17 -27.01
C SER F 207 -66.55 57.85 -25.66
N ARG F 208 -67.50 58.77 -25.54
CA ARG F 208 -67.75 59.47 -24.28
C ARG F 208 -68.57 58.55 -23.40
N ARG F 209 -67.88 57.74 -22.60
CA ARG F 209 -68.53 56.75 -21.75
C ARG F 209 -67.70 56.59 -20.49
N VAL F 210 -68.33 56.03 -19.45
CA VAL F 210 -67.66 55.71 -18.20
C VAL F 210 -67.99 54.26 -17.84
N GLU F 211 -66.96 53.49 -17.51
CA GLU F 211 -67.12 52.13 -17.05
C GLU F 211 -66.18 51.85 -15.88
N LEU F 212 -66.57 50.89 -15.06
CA LEU F 212 -65.82 50.55 -13.85
C LEU F 212 -65.09 49.23 -14.06
N ARG F 213 -63.85 49.16 -13.58
CA ARG F 213 -63.03 47.96 -13.67
C ARG F 213 -62.57 47.59 -12.27
N MET F 214 -62.39 46.30 -12.04
CA MET F 214 -61.92 45.79 -10.76
C MET F 214 -60.50 45.28 -10.90
N GLN F 215 -59.67 45.58 -9.92
CA GLN F 215 -58.30 45.10 -9.86
C GLN F 215 -58.17 43.98 -8.84
N PHE F 216 -57.06 43.26 -8.91
CA PHE F 216 -56.90 42.07 -8.09
C PHE F 216 -55.49 42.01 -7.52
N PHE F 217 -55.37 41.42 -6.33
CA PHE F 217 -54.06 41.15 -5.75
C PHE F 217 -53.24 40.24 -6.65
N GLY F 218 -51.94 40.51 -6.70
CA GLY F 218 -51.02 39.60 -7.34
C GLY F 218 -50.68 38.44 -6.44
N LEU F 219 -50.03 37.43 -7.04
CA LEU F 219 -49.62 36.26 -6.27
C LEU F 219 -48.61 36.63 -5.20
N LYS F 220 -47.68 37.54 -5.52
CA LYS F 220 -46.66 37.95 -4.58
C LYS F 220 -47.08 39.12 -3.71
N ASP F 221 -48.24 39.73 -3.98
CA ASP F 221 -48.69 40.86 -3.18
C ASP F 221 -49.03 40.44 -1.76
N LYS F 222 -48.84 41.37 -0.83
CA LYS F 222 -49.05 41.12 0.58
C LYS F 222 -50.20 41.96 1.11
N ARG F 223 -51.01 41.37 1.98
CA ARG F 223 -52.10 42.07 2.63
C ARG F 223 -51.68 42.47 4.04
N ASP F 224 -51.78 43.76 4.34
CA ASP F 224 -51.30 44.29 5.61
C ASP F 224 -52.15 45.47 6.02
N LYS F 225 -52.06 45.82 7.31
CA LYS F 225 -52.89 46.89 7.86
C LYS F 225 -52.51 48.26 7.33
N ALA F 226 -51.27 48.44 6.85
CA ALA F 226 -50.85 49.76 6.36
C ALA F 226 -51.67 50.17 5.14
N ASP F 227 -51.90 49.24 4.22
CA ASP F 227 -52.73 49.54 3.06
C ASP F 227 -54.22 49.58 3.40
N GLU F 228 -54.63 48.93 4.50
CA GLU F 228 -56.04 48.88 4.88
C GLU F 228 -56.39 50.17 5.64
N VAL F 229 -56.71 51.20 4.89
CA VAL F 229 -57.16 52.46 5.48
C VAL F 229 -58.61 52.30 5.94
N ASP F 230 -58.86 52.57 7.21
CA ASP F 230 -60.18 52.41 7.81
C ASP F 230 -60.82 53.78 7.97
N PHE F 231 -61.92 54.01 7.25
CA PHE F 231 -62.66 55.24 7.41
C PHE F 231 -63.37 55.26 8.76
N PRO F 232 -63.44 56.42 9.41
CA PRO F 232 -64.20 56.50 10.67
C PRO F 232 -65.69 56.33 10.40
N PRO F 233 -66.45 55.90 11.40
CA PRO F 233 -67.90 55.76 11.20
C PRO F 233 -68.54 57.09 10.83
N VAL F 234 -69.57 57.03 9.99
CA VAL F 234 -70.22 58.22 9.46
C VAL F 234 -70.88 58.96 10.62
N VAL F 235 -70.48 60.22 10.81
CA VAL F 235 -71.06 61.06 11.86
C VAL F 235 -72.01 62.11 11.31
N ASN F 236 -71.95 62.42 10.02
CA ASN F 236 -72.82 63.40 9.41
C ASN F 236 -73.11 62.99 7.97
N LYS F 237 -74.27 63.42 7.46
CA LYS F 237 -74.63 63.12 6.08
C LYS F 237 -73.74 63.89 5.12
N GLU F 238 -73.67 63.40 3.88
CA GLU F 238 -72.85 63.99 2.85
C GLU F 238 -73.74 64.57 1.75
N VAL F 239 -73.51 65.85 1.45
CA VAL F 239 -74.18 66.54 0.36
C VAL F 239 -73.15 66.75 -0.76
N CYS F 240 -73.58 66.51 -2.00
CA CYS F 240 -72.66 66.56 -3.12
C CYS F 240 -72.25 68.01 -3.42
N GLN F 241 -71.18 68.15 -4.19
CA GLN F 241 -70.58 69.47 -4.42
C GLN F 241 -71.03 70.13 -5.70
N LEU F 242 -71.41 69.39 -6.74
CA LEU F 242 -71.90 70.01 -7.97
C LEU F 242 -73.42 70.16 -7.84
N VAL F 243 -73.86 71.42 -7.82
CA VAL F 243 -75.28 71.71 -7.65
C VAL F 243 -75.97 71.71 -9.01
N MET F 244 -77.29 71.53 -9.00
CA MET F 244 -78.03 71.33 -10.24
C MET F 244 -77.94 72.47 -11.25
N PRO F 245 -77.93 73.76 -10.88
CA PRO F 245 -77.88 74.81 -11.93
C PRO F 245 -76.59 74.82 -12.74
N LEU F 246 -75.57 74.06 -12.36
CA LEU F 246 -74.32 74.01 -13.10
C LEU F 246 -74.53 73.49 -14.52
N MET G 1 27.22 -29.27 9.19
CA MET G 1 28.67 -29.41 9.12
C MET G 1 29.22 -28.92 7.79
N PHE G 2 28.46 -29.12 6.72
CA PHE G 2 28.92 -28.74 5.39
C PHE G 2 27.90 -27.85 4.70
N GLY G 3 27.36 -26.87 5.42
CA GLY G 3 26.42 -25.94 4.83
C GLY G 3 27.09 -24.96 3.89
N ASN G 4 26.28 -24.38 3.01
CA ASN G 4 26.76 -23.42 2.02
C ASN G 4 26.61 -22.02 2.60
N ALA G 5 27.74 -21.33 2.78
CA ALA G 5 27.71 -19.98 3.30
C ALA G 5 27.24 -18.97 2.26
N PHE G 6 27.28 -19.34 0.98
CA PHE G 6 26.97 -18.41 -0.10
C PHE G 6 25.51 -18.46 -0.53
N GLY G 7 24.67 -19.23 0.15
CA GLY G 7 23.25 -19.21 -0.13
C GLY G 7 22.66 -17.84 0.13
N VAL G 8 22.04 -17.26 -0.89
CA VAL G 8 21.52 -15.89 -0.81
C VAL G 8 20.03 -15.93 -0.56
N LYS G 9 19.52 -14.87 0.05
CA LYS G 9 18.10 -14.72 0.35
C LYS G 9 17.58 -13.45 -0.31
N LYS G 10 16.34 -13.52 -0.80
CA LYS G 10 15.73 -12.37 -1.47
C LYS G 10 15.54 -11.23 -0.47
N ARG G 11 15.60 -10.00 -0.97
CA ARG G 11 15.50 -8.85 -0.09
C ARG G 11 14.07 -8.72 0.44
N ARG G 12 13.89 -7.73 1.33
CA ARG G 12 12.57 -7.35 1.79
C ARG G 12 11.88 -6.54 0.69
N SER G 13 11.24 -7.22 -0.26
CA SER G 13 10.61 -6.58 -1.41
C SER G 13 9.14 -6.33 -1.08
N ASP G 14 8.84 -5.13 -0.60
CA ASP G 14 7.46 -4.78 -0.32
C ASP G 14 6.66 -4.69 -1.62
N GLU G 15 5.45 -5.23 -1.60
CA GLU G 15 4.64 -5.24 -2.80
C GLU G 15 4.06 -3.86 -3.06
N ALA G 16 3.64 -3.65 -4.30
CA ALA G 16 3.08 -2.37 -4.69
C ALA G 16 1.66 -2.21 -4.15
N GLU G 17 1.15 -0.99 -4.26
CA GLU G 17 -0.26 -0.74 -3.96
C GLU G 17 -1.14 -1.63 -4.82
N LYS G 18 -2.17 -2.21 -4.21
CA LYS G 18 -3.10 -3.02 -4.97
C LYS G 18 -3.83 -2.13 -5.97
N PRO G 19 -3.78 -2.44 -7.26
CA PRO G 19 -4.34 -1.52 -8.26
C PRO G 19 -5.84 -1.34 -8.13
N PHE G 20 -6.54 -2.30 -7.53
CA PHE G 20 -7.99 -2.20 -7.45
C PHE G 20 -8.42 -1.00 -6.63
N TRP G 21 -7.70 -0.71 -5.55
CA TRP G 21 -8.13 0.36 -4.66
C TRP G 21 -7.96 1.73 -5.30
N ILE G 22 -6.83 1.95 -5.98
CA ILE G 22 -6.63 3.23 -6.66
C ILE G 22 -7.58 3.36 -7.85
N SER G 23 -7.83 2.27 -8.57
CA SER G 23 -8.78 2.30 -9.67
C SER G 23 -10.19 2.58 -9.17
N TYR G 24 -10.55 1.99 -8.02
CA TYR G 24 -11.86 2.22 -7.41
C TYR G 24 -12.00 3.65 -6.92
N ALA G 25 -10.93 4.23 -6.37
CA ALA G 25 -10.96 5.63 -6.00
C ALA G 25 -11.15 6.51 -7.23
N ASP G 26 -10.47 6.17 -8.33
CA ASP G 26 -10.65 6.89 -9.58
C ASP G 26 -12.10 6.82 -10.06
N LEU G 27 -12.67 5.61 -10.03
CA LEU G 27 -14.05 5.44 -10.48
C LEU G 27 -15.03 6.19 -9.59
N MET G 28 -14.83 6.13 -8.28
CA MET G 28 -15.73 6.81 -7.35
C MET G 28 -15.64 8.33 -7.52
N THR G 29 -14.43 8.85 -7.73
CA THR G 29 -14.29 10.27 -8.01
C THR G 29 -14.97 10.65 -9.31
N ALA G 30 -14.83 9.82 -10.34
CA ALA G 30 -15.47 10.09 -11.61
C ALA G 30 -16.99 10.09 -11.48
N MET G 31 -17.53 9.15 -10.70
CA MET G 31 -18.97 9.11 -10.47
C MET G 31 -19.44 10.33 -9.67
N MET G 32 -18.68 10.73 -8.66
CA MET G 32 -19.03 11.92 -7.89
C MET G 32 -19.05 13.15 -8.78
N VAL G 33 -18.06 13.28 -9.66
CA VAL G 33 -18.03 14.39 -10.60
C VAL G 33 -19.20 14.33 -11.56
N LEU G 34 -19.51 13.13 -12.07
CA LEU G 34 -20.63 12.99 -12.98
C LEU G 34 -21.92 13.43 -12.34
N PHE G 35 -22.15 13.03 -11.08
CA PHE G 35 -23.40 13.40 -10.43
C PHE G 35 -23.46 14.88 -10.11
N LEU G 36 -22.33 15.47 -9.69
CA LEU G 36 -22.28 16.92 -9.52
C LEU G 36 -22.63 17.66 -10.80
N VAL G 37 -21.97 17.32 -11.90
CA VAL G 37 -22.15 18.07 -13.13
C VAL G 37 -23.54 17.83 -13.70
N VAL G 38 -24.08 16.63 -13.53
CA VAL G 38 -25.44 16.37 -14.01
C VAL G 38 -26.45 17.15 -13.20
N MET G 39 -26.23 17.26 -11.88
CA MET G 39 -27.09 18.12 -11.06
C MET G 39 -27.01 19.56 -11.53
N VAL G 40 -25.79 20.05 -11.80
CA VAL G 40 -25.62 21.44 -12.22
C VAL G 40 -26.34 21.69 -13.54
N ALA G 41 -26.16 20.79 -14.51
CA ALA G 41 -26.80 20.94 -15.81
C ALA G 41 -28.31 20.86 -15.68
N SER G 42 -28.83 19.91 -14.89
CA SER G 42 -30.27 19.76 -14.76
C SER G 42 -30.89 20.97 -14.08
N LEU G 43 -30.26 21.48 -13.03
CA LEU G 43 -30.80 22.66 -12.34
C LEU G 43 -30.72 23.89 -13.24
N SER G 44 -29.63 24.04 -13.99
CA SER G 44 -29.53 25.17 -14.92
C SER G 44 -30.50 25.04 -16.08
N SER G 45 -30.95 23.82 -16.39
CA SER G 45 -31.90 23.65 -17.48
C SER G 45 -33.34 23.88 -17.03
N VAL G 46 -33.71 23.38 -15.86
CA VAL G 46 -35.10 23.52 -15.41
C VAL G 46 -35.43 24.98 -15.13
N THR G 47 -34.44 25.74 -14.62
CA THR G 47 -34.67 27.11 -14.22
C THR G 47 -34.21 28.13 -15.25
N GLN G 48 -33.90 27.69 -16.48
CA GLN G 48 -33.36 28.63 -17.46
C GLN G 48 -34.40 29.67 -17.86
N ARG G 49 -35.67 29.28 -17.92
CA ARG G 49 -36.71 30.28 -18.13
C ARG G 49 -36.79 31.25 -16.97
N ILE G 50 -36.67 30.73 -15.74
CA ILE G 50 -36.67 31.59 -14.56
C ILE G 50 -35.43 32.47 -14.55
N GLN G 51 -34.28 31.91 -14.94
CA GLN G 51 -33.06 32.70 -15.00
C GLN G 51 -33.19 33.82 -16.02
N ARG G 52 -33.76 33.52 -17.20
CA ARG G 52 -33.93 34.54 -18.23
C ARG G 52 -34.91 35.62 -17.78
N ALA G 53 -36.01 35.22 -17.14
CA ALA G 53 -36.96 36.21 -16.63
C ALA G 53 -36.33 37.09 -15.56
N GLU G 54 -35.54 36.50 -14.68
CA GLU G 54 -34.87 37.30 -13.64
C GLU G 54 -33.83 38.22 -14.24
N GLN G 55 -33.11 37.77 -15.27
CA GLN G 55 -32.16 38.64 -15.95
C GLN G 55 -32.87 39.80 -16.63
N GLY G 56 -34.01 39.53 -17.27
CA GLY G 56 -34.78 40.61 -17.87
C GLY G 56 -35.30 41.59 -16.84
N GLU G 57 -35.75 41.08 -15.70
CA GLU G 57 -36.21 41.95 -14.62
C GLU G 57 -35.08 42.83 -14.11
N LYS G 58 -33.89 42.26 -13.93
CA LYS G 58 -32.73 43.03 -13.50
C LYS G 58 -32.35 44.07 -14.54
N ALA G 59 -32.41 43.72 -15.82
CA ALA G 59 -32.12 44.69 -16.88
C ALA G 59 -33.14 45.82 -16.89
N ARG G 60 -34.41 45.50 -16.70
CA ARG G 60 -35.43 46.55 -16.63
C ARG G 60 -35.18 47.45 -15.44
N GLY G 61 -34.81 46.88 -14.30
CA GLY G 61 -34.49 47.68 -13.14
C GLY G 61 -33.31 48.60 -13.38
N GLN G 62 -32.27 48.08 -14.04
CA GLN G 62 -31.10 48.91 -14.36
C GLN G 62 -31.47 50.05 -15.30
N ASP G 63 -32.26 49.76 -16.32
CA ASP G 63 -32.66 50.82 -17.26
C ASP G 63 -33.50 51.87 -16.57
N ILE G 64 -34.46 51.45 -15.74
CA ILE G 64 -35.31 52.39 -15.03
C ILE G 64 -34.49 53.23 -14.06
N SER G 65 -33.55 52.59 -13.35
CA SER G 65 -32.69 53.33 -12.43
C SER G 65 -31.84 54.35 -13.17
N ARG G 66 -31.28 53.98 -14.32
CA ARG G 66 -30.48 54.91 -15.09
C ARG G 66 -31.31 56.09 -15.57
N LEU G 67 -32.52 55.83 -16.07
CA LEU G 67 -33.38 56.90 -16.53
C LEU G 67 -33.77 57.83 -15.39
N CYS G 68 -34.11 57.26 -14.24
CA CYS G 68 -34.49 58.08 -13.08
C CYS G 68 -33.31 58.90 -12.58
N GLU G 69 -32.11 58.31 -12.57
CA GLU G 69 -30.93 59.05 -12.13
C GLU G 69 -30.61 60.19 -13.09
N ARG G 70 -30.76 59.96 -14.40
CA ARG G 70 -30.57 61.03 -15.36
C ARG G 70 -31.58 62.15 -15.14
N LEU G 71 -32.84 61.79 -14.90
CA LEU G 71 -33.87 62.81 -14.70
C LEU G 71 -33.62 63.61 -13.42
N GLU G 72 -33.22 62.94 -12.34
CA GLU G 72 -32.97 63.65 -11.09
C GLU G 72 -31.70 64.48 -11.18
N LEU G 73 -30.70 64.02 -11.95
CA LEU G 73 -29.52 64.84 -12.19
C LEU G 73 -29.88 66.11 -12.93
N HIS G 74 -30.74 66.00 -13.94
CA HIS G 74 -31.23 67.19 -14.64
C HIS G 74 -31.98 68.10 -13.69
N ALA G 75 -32.80 67.54 -12.81
CA ALA G 75 -33.53 68.35 -11.85
C ALA G 75 -32.58 69.10 -10.91
N ARG G 76 -31.59 68.40 -10.36
CA ARG G 76 -30.59 69.04 -9.51
C ARG G 76 -29.84 70.14 -10.24
N ASN G 77 -29.47 69.89 -11.51
CA ASN G 77 -28.75 70.91 -12.27
C ASN G 77 -29.62 72.14 -12.50
N VAL G 78 -30.90 71.93 -12.81
CA VAL G 78 -31.74 73.04 -13.26
C VAL G 78 -32.43 73.74 -12.09
N ASN G 79 -33.27 73.02 -11.36
CA ASN G 79 -34.10 73.64 -10.32
C ASN G 79 -34.01 72.84 -9.03
N LYS G 80 -33.60 73.50 -7.95
CA LYS G 80 -33.46 72.83 -6.65
C LYS G 80 -34.79 72.37 -6.08
N ASN G 81 -35.90 72.99 -6.50
CA ASN G 81 -37.21 72.62 -5.96
C ASN G 81 -37.63 71.21 -6.33
N ILE G 82 -37.23 70.73 -7.51
CA ILE G 82 -37.65 69.42 -8.00
C ILE G 82 -36.80 68.34 -7.36
N VAL G 83 -37.41 67.53 -6.50
CA VAL G 83 -36.75 66.40 -5.85
C VAL G 83 -37.41 65.12 -6.36
N VAL G 84 -36.59 64.15 -6.74
CA VAL G 84 -37.06 62.92 -7.39
C VAL G 84 -36.76 61.74 -6.49
N ASP G 85 -37.76 60.89 -6.27
CA ASP G 85 -37.61 59.68 -5.47
C ASP G 85 -37.52 58.49 -6.43
N CYS G 86 -36.29 58.07 -6.71
CA CYS G 86 -36.05 56.93 -7.59
C CYS G 86 -36.43 55.59 -6.96
N HIS G 87 -36.59 55.54 -5.63
CA HIS G 87 -36.95 54.28 -4.99
C HIS G 87 -38.34 53.82 -5.41
N ASP G 88 -39.30 54.74 -5.48
CA ASP G 88 -40.67 54.40 -5.84
C ASP G 88 -41.22 55.30 -6.95
N ASN G 89 -40.33 55.96 -7.71
CA ASN G 89 -40.70 56.72 -8.89
C ASN G 89 -41.72 57.81 -8.57
N ARG G 90 -41.32 58.75 -7.73
CA ARG G 90 -42.14 59.89 -7.34
C ARG G 90 -41.37 61.18 -7.57
N ILE G 91 -42.05 62.18 -8.12
CA ILE G 91 -41.53 63.53 -8.21
C ILE G 91 -42.26 64.38 -7.16
N SER G 92 -41.51 64.96 -6.25
CA SER G 92 -42.07 65.68 -5.11
C SER G 92 -41.70 67.16 -5.19
N PHE G 93 -42.65 68.00 -4.81
CA PHE G 93 -42.47 69.45 -4.69
C PHE G 93 -42.89 69.90 -3.30
N GLY G 94 -42.41 69.19 -2.28
CA GLY G 94 -42.86 69.34 -0.91
C GLY G 94 -43.12 70.76 -0.44
N GLU G 95 -42.08 71.59 -0.39
CA GLU G 95 -42.27 72.97 0.06
C GLU G 95 -43.11 73.77 -0.91
N ALA G 96 -42.90 73.58 -2.22
CA ALA G 96 -43.63 74.34 -3.22
C ALA G 96 -45.01 73.78 -3.50
N GLY G 97 -45.30 72.56 -3.08
CA GLY G 97 -46.57 71.91 -3.35
C GLY G 97 -47.56 71.87 -2.20
N ARG G 98 -47.29 72.56 -1.10
CA ARG G 98 -48.23 72.59 0.00
C ARG G 98 -49.53 73.28 -0.41
N PHE G 99 -50.64 72.67 -0.02
CA PHE G 99 -51.98 73.23 -0.28
C PHE G 99 -52.60 73.66 1.04
N ALA G 100 -53.05 74.91 1.09
CA ALA G 100 -53.80 75.38 2.24
C ALA G 100 -55.22 74.84 2.19
N HIS G 101 -55.96 75.09 3.26
CA HIS G 101 -57.31 74.54 3.38
C HIS G 101 -58.24 75.16 2.35
N ASN G 102 -58.97 74.31 1.64
CA ASN G 102 -60.06 74.71 0.75
C ASN G 102 -59.60 75.62 -0.39
N GLN G 103 -58.36 75.44 -0.86
CA GLN G 103 -57.88 76.12 -2.05
C GLN G 103 -57.14 75.12 -2.93
N PHE G 104 -57.21 75.32 -4.24
CA PHE G 104 -56.63 74.38 -5.20
C PHE G 104 -55.54 75.00 -6.06
N PHE G 105 -55.04 76.19 -5.70
CA PHE G 105 -53.93 76.79 -6.40
C PHE G 105 -52.63 76.51 -5.65
N LEU G 106 -51.53 77.06 -6.17
CA LEU G 106 -50.22 76.93 -5.56
C LEU G 106 -49.47 78.25 -5.69
N ASN G 107 -48.43 78.41 -4.88
CA ASN G 107 -47.58 79.59 -4.94
C ASN G 107 -46.79 79.59 -6.25
N ALA G 108 -45.99 80.64 -6.43
CA ALA G 108 -45.21 80.78 -7.66
C ALA G 108 -44.23 79.64 -7.86
N GLU G 109 -43.64 79.16 -6.75
CA GLU G 109 -42.63 78.11 -6.86
C GLU G 109 -43.22 76.81 -7.39
N GLY G 110 -44.45 76.49 -7.02
CA GLY G 110 -45.10 75.29 -7.53
C GLY G 110 -45.19 75.28 -9.04
N GLN G 111 -45.72 76.35 -9.62
CA GLN G 111 -45.75 76.50 -11.07
C GLN G 111 -44.37 76.55 -11.70
N LYS G 112 -43.42 77.27 -11.10
CA LYS G 112 -42.08 77.30 -11.68
C LYS G 112 -41.48 75.90 -11.76
N ALA G 113 -41.58 75.14 -10.66
CA ALA G 113 -41.05 73.78 -10.64
C ALA G 113 -41.79 72.88 -11.61
N LEU G 114 -43.12 73.00 -11.69
CA LEU G 114 -43.88 72.11 -12.56
C LEU G 114 -43.56 72.38 -14.03
N GLN G 115 -43.64 73.65 -14.46
CA GLN G 115 -43.35 73.99 -15.83
C GLN G 115 -41.87 73.85 -16.17
N ASP G 116 -41.01 73.72 -15.16
CA ASP G 116 -39.60 73.44 -15.41
C ASP G 116 -39.36 71.94 -15.55
N VAL G 117 -40.06 71.13 -14.76
CA VAL G 117 -39.82 69.68 -14.78
C VAL G 117 -40.50 69.01 -15.96
N VAL G 118 -41.62 69.57 -16.46
CA VAL G 118 -42.32 68.91 -17.58
C VAL G 118 -41.42 68.78 -18.80
N PRO G 119 -40.71 69.81 -19.28
CA PRO G 119 -39.80 69.59 -20.41
C PRO G 119 -38.70 68.59 -20.12
N LEU G 120 -38.16 68.57 -18.90
CA LEU G 120 -37.11 67.62 -18.56
C LEU G 120 -37.62 66.18 -18.63
N VAL G 121 -38.81 65.94 -18.09
CA VAL G 121 -39.38 64.60 -18.14
C VAL G 121 -39.73 64.23 -19.57
N LEU G 122 -40.16 65.20 -20.38
CA LEU G 122 -40.41 64.94 -21.79
C LEU G 122 -39.13 64.51 -22.50
N GLU G 123 -38.03 65.21 -22.22
CA GLU G 123 -36.75 64.85 -22.83
C GLU G 123 -36.32 63.46 -22.39
N ALA G 124 -36.51 63.13 -21.11
CA ALA G 124 -36.17 61.79 -20.63
C ALA G 124 -37.02 60.72 -21.33
N SER G 125 -38.32 61.00 -21.51
CA SER G 125 -39.19 60.03 -22.16
C SER G 125 -38.88 59.90 -23.66
N ASN G 126 -38.39 60.96 -24.29
CA ASN G 126 -38.06 60.91 -25.70
C ASN G 126 -36.81 60.08 -25.98
N SER G 127 -36.00 59.78 -24.97
CA SER G 127 -34.80 58.98 -25.18
C SER G 127 -35.17 57.52 -25.43
N GLU G 128 -34.17 56.74 -25.84
CA GLU G 128 -34.40 55.34 -26.16
C GLU G 128 -34.92 54.58 -24.94
N GLU G 129 -34.37 54.86 -23.76
CA GLU G 129 -34.90 54.26 -22.54
C GLU G 129 -36.36 54.67 -22.33
N GLY G 130 -36.67 55.94 -22.56
CA GLY G 130 -38.06 56.38 -22.48
C GLY G 130 -38.93 55.78 -23.57
N LYS G 131 -38.42 55.73 -24.80
CA LYS G 131 -39.17 55.14 -25.89
C LYS G 131 -39.31 53.63 -25.76
N LYS G 132 -38.62 53.01 -24.82
CA LYS G 132 -38.74 51.57 -24.59
C LYS G 132 -39.50 51.21 -23.32
N TRP G 133 -39.44 52.03 -22.28
CA TRP G 133 -39.98 51.64 -20.98
C TRP G 133 -40.89 52.67 -20.32
N PHE G 134 -41.10 53.84 -20.92
CA PHE G 134 -41.81 54.93 -20.26
C PHE G 134 -43.24 55.00 -20.79
N LYS G 135 -44.21 54.77 -19.90
CA LYS G 135 -45.62 54.98 -20.18
C LYS G 135 -46.00 56.40 -19.79
N GLN G 136 -47.31 56.68 -19.77
CA GLN G 136 -47.79 58.00 -19.41
C GLN G 136 -47.64 58.24 -17.91
N ILE G 137 -47.76 59.51 -17.52
CA ILE G 137 -47.51 59.95 -16.15
C ILE G 137 -48.84 60.12 -15.42
N VAL G 138 -48.90 59.61 -14.21
CA VAL G 138 -50.11 59.66 -13.38
C VAL G 138 -49.95 60.77 -12.36
N ILE G 139 -50.94 61.65 -12.28
CA ILE G 139 -50.98 62.70 -11.27
C ILE G 139 -51.60 62.12 -9.99
N GLU G 140 -50.92 62.27 -8.87
CA GLU G 140 -51.33 61.68 -7.61
C GLU G 140 -52.14 62.66 -6.80
N GLY G 141 -53.29 62.22 -6.30
CA GLY G 141 -54.13 63.02 -5.41
C GLY G 141 -54.27 62.33 -4.07
N PHE G 142 -54.33 63.13 -3.01
CA PHE G 142 -54.41 62.61 -1.65
C PHE G 142 -55.54 63.30 -0.90
N THR G 143 -56.30 62.52 -0.14
CA THR G 143 -57.39 63.03 0.68
C THR G 143 -57.37 62.34 2.03
N ASP G 144 -57.90 63.03 3.03
CA ASP G 144 -58.02 62.48 4.37
C ASP G 144 -59.40 61.85 4.57
N THR G 145 -59.53 61.08 5.64
CA THR G 145 -60.76 60.35 5.94
C THR G 145 -61.68 61.13 6.87
N ASP G 146 -61.33 62.35 7.24
CA ASP G 146 -62.12 63.16 8.15
C ASP G 146 -63.04 64.11 7.38
N GLY G 147 -64.10 64.53 8.04
CA GLY G 147 -65.06 65.43 7.44
C GLY G 147 -65.91 64.76 6.39
N SER G 148 -66.58 65.59 5.59
CA SER G 148 -67.40 65.09 4.50
C SER G 148 -66.50 64.50 3.41
N TYR G 149 -66.83 63.30 2.95
CA TYR G 149 -66.00 62.61 1.97
C TYR G 149 -65.99 63.34 0.64
N LEU G 150 -67.17 63.74 0.16
CA LEU G 150 -67.25 64.28 -1.20
C LEU G 150 -66.62 65.66 -1.30
N TYR G 151 -66.57 66.42 -0.20
CA TYR G 151 -65.85 67.69 -0.22
C TYR G 151 -64.36 67.46 -0.45
N ASN G 152 -63.77 66.48 0.24
CA ASN G 152 -62.36 66.16 0.01
C ASN G 152 -62.15 65.63 -1.40
N LEU G 153 -63.07 64.80 -1.89
CA LEU G 153 -62.95 64.31 -3.26
C LEU G 153 -62.99 65.46 -4.26
N HIS G 154 -63.91 66.41 -4.08
CA HIS G 154 -63.99 67.55 -4.97
C HIS G 154 -62.74 68.42 -4.88
N LEU G 155 -62.19 68.57 -3.67
CA LEU G 155 -60.96 69.36 -3.53
C LEU G 155 -59.80 68.70 -4.27
N SER G 156 -59.65 67.38 -4.13
CA SER G 156 -58.59 66.69 -4.84
C SER G 156 -58.79 66.74 -6.36
N LEU G 157 -60.04 66.58 -6.80
CA LEU G 157 -60.34 66.65 -8.23
C LEU G 157 -60.05 68.03 -8.79
N GLN G 158 -60.41 69.08 -8.04
CA GLN G 158 -60.11 70.44 -8.47
C GLN G 158 -58.61 70.69 -8.48
N ARG G 159 -57.87 70.11 -7.53
CA ARG G 159 -56.43 70.24 -7.54
C ARG G 159 -55.83 69.59 -8.78
N SER G 160 -56.31 68.39 -9.14
CA SER G 160 -55.82 67.72 -10.34
C SER G 160 -56.16 68.52 -11.59
N GLU G 161 -57.38 69.05 -11.66
CA GLU G 161 -57.78 69.84 -12.81
C GLU G 161 -56.96 71.12 -12.92
N TRP G 162 -56.64 71.74 -11.77
CA TRP G 162 -55.77 72.91 -11.76
C TRP G 162 -54.36 72.57 -12.22
N VAL G 163 -53.85 71.42 -11.82
CA VAL G 163 -52.52 71.00 -12.27
C VAL G 163 -52.52 70.82 -13.78
N MET G 164 -53.55 70.15 -14.31
CA MET G 164 -53.63 69.95 -15.75
C MET G 164 -53.82 71.26 -16.50
N CYS G 165 -54.63 72.17 -15.96
CA CYS G 165 -54.75 73.51 -16.52
C CYS G 165 -53.39 74.18 -16.60
N SER G 166 -52.69 74.23 -15.47
CA SER G 166 -51.40 74.88 -15.40
C SER G 166 -50.41 74.26 -16.38
N LEU G 167 -50.53 72.96 -16.62
CA LEU G 167 -49.71 72.33 -17.64
C LEU G 167 -50.11 72.77 -19.04
N LEU G 168 -51.42 72.96 -19.28
CA LEU G 168 -51.91 73.23 -20.62
C LEU G 168 -52.95 74.34 -20.66
N ASP G 169 -52.66 75.49 -20.05
CA ASP G 169 -53.54 76.65 -20.16
C ASP G 169 -52.85 77.75 -20.96
N SER G 170 -53.67 78.54 -21.67
CA SER G 170 -53.13 79.63 -22.47
C SER G 170 -52.50 80.69 -21.57
N ARG G 171 -51.52 81.40 -22.15
CA ARG G 171 -50.76 82.49 -21.53
C ARG G 171 -49.80 81.97 -20.46
N SER G 172 -49.81 80.68 -20.16
CA SER G 172 -48.90 80.12 -19.17
C SER G 172 -47.45 80.28 -19.64
N PRO G 173 -46.52 80.48 -18.71
CA PRO G 173 -45.11 80.64 -19.11
C PRO G 173 -44.56 79.43 -19.84
N LEU G 174 -45.09 78.24 -19.58
CA LEU G 174 -44.67 77.05 -20.32
C LEU G 174 -45.06 77.16 -21.79
N GLN G 175 -46.22 77.75 -22.07
CA GLN G 175 -46.70 77.82 -23.45
C GLN G 175 -45.80 78.69 -24.32
N LYS G 176 -45.10 79.66 -23.72
CA LYS G 176 -44.18 80.50 -24.47
C LYS G 176 -42.88 79.79 -24.80
N ASN G 177 -42.54 78.74 -24.06
CA ASN G 177 -41.30 78.00 -24.26
C ASN G 177 -41.53 76.62 -24.86
N ILE G 178 -42.62 76.43 -25.60
CA ILE G 178 -43.00 75.11 -26.08
C ILE G 178 -43.21 75.15 -27.59
N SER G 179 -43.05 74.01 -28.22
CA SER G 179 -43.42 73.80 -29.62
C SER G 179 -44.67 72.93 -29.69
N ALA G 180 -45.24 72.84 -30.90
CA ALA G 180 -46.47 72.09 -31.08
C ALA G 180 -46.25 70.60 -30.78
N GLU G 181 -45.13 70.05 -31.24
CA GLU G 181 -44.85 68.63 -30.99
C GLU G 181 -44.71 68.35 -29.49
N GLN G 182 -44.05 69.26 -28.76
CA GLN G 182 -43.91 69.07 -27.31
C GLN G 182 -45.26 69.17 -26.61
N GLN G 183 -46.13 70.08 -27.07
CA GLN G 183 -47.47 70.17 -26.51
C GLN G 183 -48.26 68.89 -26.76
N LEU G 184 -48.16 68.34 -27.97
CA LEU G 184 -48.81 67.07 -28.25
C LEU G 184 -48.25 65.95 -27.37
N GLN G 185 -46.94 65.94 -27.16
CA GLN G 185 -46.33 64.92 -26.31
C GLN G 185 -46.82 65.03 -24.87
N ILE G 186 -46.98 66.26 -24.38
CA ILE G 186 -47.54 66.45 -23.04
C ILE G 186 -48.98 65.93 -22.99
N ARG G 187 -49.77 66.25 -24.02
CA ARG G 187 -51.15 65.78 -24.06
C ARG G 187 -51.21 64.25 -24.04
N LYS G 188 -50.27 63.61 -24.73
CA LYS G 188 -50.28 62.15 -24.80
C LYS G 188 -49.76 61.49 -23.53
N LEU G 189 -48.75 62.07 -22.89
CA LEU G 189 -48.05 61.44 -21.79
C LEU G 189 -48.66 61.74 -20.43
N PHE G 190 -49.72 62.55 -20.37
CA PHE G 190 -50.30 63.00 -19.12
C PHE G 190 -51.79 62.73 -19.09
N LEU G 191 -52.25 62.12 -17.99
CA LEU G 191 -53.67 62.03 -17.68
C LEU G 191 -53.90 62.60 -16.29
N ALA G 192 -54.98 63.35 -16.13
CA ALA G 192 -55.31 63.99 -14.86
C ALA G 192 -56.46 63.22 -14.20
N GLY G 193 -56.22 62.74 -12.99
CA GLY G 193 -57.24 62.01 -12.26
C GLY G 193 -56.66 60.96 -11.34
N GLY G 194 -57.28 60.81 -10.16
CA GLY G 194 -56.81 59.83 -9.20
C GLY G 194 -56.86 60.33 -7.78
N VAL G 195 -57.44 59.52 -6.88
CA VAL G 195 -57.55 59.85 -5.47
C VAL G 195 -57.12 58.65 -4.65
N SER G 196 -56.61 58.91 -3.45
CA SER G 196 -56.08 57.86 -2.60
C SER G 196 -56.20 58.26 -1.14
N PHE G 197 -56.11 57.26 -0.27
CA PHE G 197 -56.12 57.46 1.18
C PHE G 197 -54.94 56.71 1.78
N ASN G 198 -54.22 57.38 2.68
CA ASN G 198 -53.03 56.79 3.28
C ASN G 198 -52.85 57.35 4.69
N ASN G 199 -52.14 56.59 5.52
CA ASN G 199 -51.83 56.99 6.88
C ASN G 199 -50.36 56.75 7.19
N ALA G 200 -49.50 56.85 6.18
CA ALA G 200 -48.07 56.60 6.34
C ALA G 200 -47.30 57.82 6.82
N LYS G 201 -47.97 58.96 7.02
CA LYS G 201 -47.31 60.18 7.45
C LYS G 201 -48.00 60.73 8.69
N GLU G 202 -47.21 61.42 9.52
CA GLU G 202 -47.65 61.82 10.85
C GLU G 202 -48.52 63.08 10.86
N SER G 203 -48.54 63.85 9.77
CA SER G 203 -49.22 65.13 9.76
C SER G 203 -50.25 65.17 8.63
N LYS G 204 -51.37 65.84 8.90
CA LYS G 204 -52.42 66.02 7.91
C LYS G 204 -52.06 67.04 6.85
N GLU G 205 -51.10 67.93 7.13
CA GLU G 205 -50.64 68.87 6.12
C GLU G 205 -49.93 68.16 4.97
N ALA G 206 -49.40 66.96 5.23
CA ALA G 206 -48.74 66.20 4.17
C ALA G 206 -49.71 65.73 3.10
N SER G 207 -50.94 65.37 3.49
CA SER G 207 -51.94 64.96 2.52
C SER G 207 -52.31 66.07 1.56
N ARG G 208 -52.06 67.33 1.93
CA ARG G 208 -52.33 68.47 1.06
C ARG G 208 -51.11 68.70 0.17
N ARG G 209 -50.94 67.83 -0.82
CA ARG G 209 -49.82 67.91 -1.74
C ARG G 209 -50.19 67.21 -3.03
N VAL G 210 -49.42 67.52 -4.09
CA VAL G 210 -49.57 66.89 -5.39
C VAL G 210 -48.22 66.33 -5.80
N GLU G 211 -48.24 65.25 -6.58
CA GLU G 211 -47.01 64.55 -6.94
C GLU G 211 -47.15 63.95 -8.33
N LEU G 212 -46.01 63.71 -8.96
CA LEU G 212 -45.93 63.07 -10.27
C LEU G 212 -45.33 61.68 -10.09
N ARG G 213 -46.05 60.66 -10.52
CA ARG G 213 -45.68 59.26 -10.33
C ARG G 213 -45.75 58.57 -11.68
N MET G 214 -44.62 58.52 -12.38
CA MET G 214 -44.54 57.83 -13.66
C MET G 214 -44.50 56.32 -13.44
N GLN G 215 -45.15 55.59 -14.34
CA GLN G 215 -45.18 54.14 -14.29
C GLN G 215 -44.78 53.57 -15.66
N PHE G 216 -44.21 52.37 -15.61
CA PHE G 216 -43.52 51.78 -16.75
C PHE G 216 -44.24 50.53 -17.23
N PHE G 217 -43.88 50.09 -18.44
CA PHE G 217 -44.35 48.83 -18.95
C PHE G 217 -43.82 47.66 -18.13
N GLY G 218 -44.57 46.57 -18.12
CA GLY G 218 -44.06 45.33 -17.58
C GLY G 218 -43.14 44.64 -18.57
N LEU G 219 -42.53 43.54 -18.12
CA LEU G 219 -41.63 42.79 -18.99
C LEU G 219 -42.38 42.22 -20.19
N LYS G 220 -43.58 41.71 -19.97
CA LYS G 220 -44.35 41.07 -21.03
C LYS G 220 -45.28 42.02 -21.77
N ASP G 221 -45.34 43.29 -21.37
CA ASP G 221 -46.17 44.25 -22.09
C ASP G 221 -45.52 44.67 -23.39
N LYS G 222 -44.31 45.25 -23.30
CA LYS G 222 -43.47 45.56 -24.47
C LYS G 222 -44.17 46.48 -25.46
N ARG G 223 -44.83 47.52 -24.95
CA ARG G 223 -45.32 48.65 -25.75
C ARG G 223 -46.27 48.17 -26.85
N ASP G 224 -47.42 47.67 -26.41
CA ASP G 224 -48.48 47.29 -27.35
C ASP G 224 -48.88 48.49 -28.20
N LYS G 225 -48.66 48.38 -29.52
CA LYS G 225 -48.85 49.52 -30.41
C LYS G 225 -50.32 49.91 -30.54
N ALA G 226 -51.23 48.94 -30.43
CA ALA G 226 -52.65 49.24 -30.60
C ALA G 226 -53.21 50.11 -29.50
N ASP G 227 -52.57 50.12 -28.32
CA ASP G 227 -53.08 50.93 -27.21
C ASP G 227 -52.95 52.41 -27.49
N GLU G 228 -51.92 52.83 -28.22
CA GLU G 228 -51.72 54.24 -28.52
C GLU G 228 -52.84 54.79 -29.40
N VAL G 229 -53.29 56.00 -29.06
CA VAL G 229 -54.27 56.72 -29.86
C VAL G 229 -53.62 58.00 -30.36
N ASP G 230 -54.39 58.81 -31.09
CA ASP G 230 -53.86 60.04 -31.68
C ASP G 230 -54.82 61.20 -31.42
N PHE G 231 -54.27 62.40 -31.44
CA PHE G 231 -54.97 63.67 -31.31
C PHE G 231 -54.76 64.54 -32.53
N PRO G 232 -55.73 65.38 -32.88
CA PRO G 232 -55.56 66.30 -34.00
C PRO G 232 -54.69 67.48 -33.61
N PRO G 233 -54.13 68.20 -34.59
CA PRO G 233 -53.36 69.41 -34.26
C PRO G 233 -54.22 70.46 -33.58
N VAL G 234 -53.59 71.27 -32.73
CA VAL G 234 -54.30 72.30 -31.99
C VAL G 234 -54.78 73.38 -32.95
N VAL G 235 -56.07 73.71 -32.86
CA VAL G 235 -56.66 74.71 -33.74
C VAL G 235 -56.86 76.01 -32.97
N ASN G 236 -57.10 75.91 -31.67
CA ASN G 236 -57.29 77.08 -30.82
C ASN G 236 -56.71 76.81 -29.44
N LYS G 237 -56.29 77.87 -28.76
CA LYS G 237 -55.62 77.74 -27.47
C LYS G 237 -56.60 77.23 -26.41
N GLU G 238 -56.06 76.44 -25.49
CA GLU G 238 -56.86 75.89 -24.40
C GLU G 238 -57.22 76.97 -23.38
N VAL G 239 -58.38 76.79 -22.75
CA VAL G 239 -58.86 77.71 -21.72
C VAL G 239 -59.23 76.89 -20.49
N CYS G 240 -58.67 77.26 -19.34
CA CYS G 240 -59.01 76.57 -18.09
C CYS G 240 -60.42 76.94 -17.66
N GLN G 241 -61.17 75.96 -17.16
CA GLN G 241 -62.54 76.18 -16.75
C GLN G 241 -62.74 76.24 -15.24
N LEU G 242 -61.68 76.10 -14.46
CA LEU G 242 -61.79 76.33 -13.03
C LEU G 242 -61.86 77.82 -12.74
N VAL G 243 -62.45 78.16 -11.60
CA VAL G 243 -62.64 79.55 -11.21
C VAL G 243 -61.34 80.12 -10.66
N MET G 244 -60.57 80.78 -11.52
CA MET G 244 -59.32 81.39 -11.09
C MET G 244 -59.54 82.49 -10.04
N PRO G 245 -60.41 83.48 -10.24
CA PRO G 245 -60.63 84.45 -9.17
C PRO G 245 -61.27 83.84 -7.93
N LEU G 246 -62.08 82.79 -8.09
CA LEU G 246 -62.72 82.09 -6.98
C LEU G 246 -63.55 83.06 -6.13
#